data_5XJK
#
_entry.id   5XJK
#
_entity_poly.entity_id   1
_entity_poly.type   'polypeptide(L)'
_entity_poly.pdbx_seq_one_letter_code
;PRNTREVFAQVKQMYKTPTLKYFGGFNFSQILPSPLKPTKRSFIEDLLFNKVTLADAGFMKQYGE
;
_entity_poly.pdbx_strand_id   A
#
# COMPACT_ATOMS: atom_id res chain seq x y z
N PRO A 1 36.93 14.90 -4.41
CA PRO A 1 35.59 15.05 -3.84
C PRO A 1 35.59 14.88 -2.32
N ARG A 2 34.40 14.99 -1.73
CA ARG A 2 34.26 14.85 -0.27
C ARG A 2 32.99 14.10 0.08
N ASN A 3 33.15 12.88 0.57
CA ASN A 3 32.01 12.05 0.95
C ASN A 3 31.73 12.15 2.44
N THR A 4 32.06 13.31 3.02
CA THR A 4 31.84 13.53 4.44
C THR A 4 30.38 13.87 4.73
N ARG A 5 29.73 14.50 3.76
CA ARG A 5 28.33 14.89 3.92
C ARG A 5 27.42 13.66 3.82
N GLU A 6 27.98 12.54 3.37
CA GLU A 6 27.22 11.31 3.23
C GLU A 6 26.96 10.68 4.61
N VAL A 7 27.59 11.25 5.63
CA VAL A 7 27.43 10.74 6.99
C VAL A 7 25.95 10.58 7.35
N PHE A 8 25.11 11.43 6.77
CA PHE A 8 23.68 11.38 7.03
C PHE A 8 23.14 9.97 6.80
N ALA A 9 23.76 9.24 5.89
CA ALA A 9 23.34 7.88 5.58
C ALA A 9 23.26 7.03 6.85
N GLN A 10 24.15 7.30 7.79
CA GLN A 10 24.19 6.56 9.04
C GLN A 10 23.18 7.13 10.04
N VAL A 11 23.05 8.45 10.05
CA VAL A 11 22.13 9.12 10.95
C VAL A 11 20.70 8.59 10.78
N LYS A 12 20.38 8.18 9.56
CA LYS A 12 19.05 7.65 9.26
C LYS A 12 18.70 6.51 10.22
N GLN A 13 19.71 5.79 10.68
CA GLN A 13 19.49 4.68 11.60
C GLN A 13 18.72 5.13 12.83
N MET A 14 19.15 6.25 13.41
CA MET A 14 18.49 6.79 14.59
C MET A 14 18.44 5.75 15.71
N TYR A 15 19.38 4.82 15.69
CA TYR A 15 19.43 3.77 16.69
C TYR A 15 18.09 3.06 16.82
N LYS A 16 17.80 2.19 15.85
CA LYS A 16 16.55 1.44 15.85
C LYS A 16 16.40 0.60 17.11
N THR A 17 15.87 1.20 18.16
CA THR A 17 15.68 0.51 19.43
C THR A 17 14.36 0.88 20.07
N PRO A 18 13.29 0.96 19.25
CA PRO A 18 11.95 1.30 19.72
C PRO A 18 11.33 0.21 20.57
N THR A 19 11.72 0.16 21.84
CA THR A 19 11.20 -0.85 22.76
C THR A 19 10.57 -0.20 23.99
N LEU A 20 9.61 -0.90 24.60
CA LEU A 20 8.94 -0.39 25.79
C LEU A 20 9.45 -1.08 27.04
N LYS A 21 10.58 -0.61 27.56
CA LYS A 21 11.16 -1.19 28.76
C LYS A 21 10.65 -0.48 30.01
N TYR A 22 10.96 0.81 30.12
CA TYR A 22 10.54 1.60 31.28
C TYR A 22 9.16 2.21 31.03
N PHE A 23 9.03 2.91 29.90
CA PHE A 23 7.76 3.55 29.54
C PHE A 23 7.32 3.15 28.14
N GLY A 24 8.24 3.28 27.19
CA GLY A 24 7.94 2.93 25.81
C GLY A 24 7.39 4.10 25.03
N GLY A 25 6.16 3.97 24.54
CA GLY A 25 5.55 5.04 23.76
C GLY A 25 4.09 4.76 23.46
N PHE A 26 3.24 4.83 24.48
CA PHE A 26 1.81 4.58 24.31
C PHE A 26 1.01 5.87 24.48
N ASN A 27 0.18 6.18 23.49
CA ASN A 27 -0.64 7.39 23.54
C ASN A 27 -2.11 7.05 23.33
N PHE A 28 -2.98 8.01 23.63
CA PHE A 28 -4.41 7.81 23.47
C PHE A 28 -4.81 7.80 21.99
N SER A 29 -4.03 8.50 21.17
CA SER A 29 -4.30 8.57 19.74
C SER A 29 -3.72 7.36 19.02
N GLN A 30 -3.11 6.46 19.78
CA GLN A 30 -2.52 5.25 19.21
C GLN A 30 -3.53 4.11 19.17
N ILE A 31 -4.51 4.17 20.06
CA ILE A 31 -5.55 3.13 20.11
C ILE A 31 -6.80 3.57 19.34
N LEU A 32 -6.61 4.48 18.39
CA LEU A 32 -7.72 4.97 17.59
C LEU A 32 -7.83 4.19 16.27
N PRO A 33 -9.02 4.24 15.65
CA PRO A 33 -9.28 3.56 14.39
C PRO A 33 -8.54 4.20 13.22
N SER A 34 -8.45 3.46 12.11
CA SER A 34 -7.76 3.96 10.92
C SER A 34 -8.05 3.07 9.72
N PRO A 35 -9.30 3.09 9.24
CA PRO A 35 -9.73 2.29 8.10
C PRO A 35 -9.13 2.78 6.79
N LEU A 36 -8.88 1.86 5.87
CA LEU A 36 -8.30 2.20 4.57
C LEU A 36 -8.32 1.00 3.63
N LYS A 37 -8.31 1.27 2.33
CA LYS A 37 -8.32 0.21 1.33
C LYS A 37 -8.22 0.79 -0.08
N PRO A 38 -7.02 1.28 -0.44
CA PRO A 38 -6.77 1.87 -1.76
C PRO A 38 -6.80 0.83 -2.88
N THR A 39 -8.01 0.51 -3.34
CA THR A 39 -8.17 -0.48 -4.41
C THR A 39 -8.03 0.17 -5.78
N LYS A 40 -8.32 1.47 -5.84
CA LYS A 40 -8.23 2.22 -7.10
C LYS A 40 -6.85 2.04 -7.73
N ARG A 41 -5.81 2.03 -6.89
CA ARG A 41 -4.45 1.88 -7.36
C ARG A 41 -4.29 0.56 -8.14
N SER A 42 -5.06 -0.43 -7.76
CA SER A 42 -5.01 -1.74 -8.40
C SER A 42 -6.00 -1.82 -9.56
N PHE A 43 -6.02 -0.79 -10.40
CA PHE A 43 -6.92 -0.73 -11.54
C PHE A 43 -6.42 -1.63 -12.66
N ILE A 44 -5.14 -1.95 -12.64
CA ILE A 44 -4.54 -2.81 -13.66
C ILE A 44 -5.33 -4.09 -13.82
N GLU A 45 -5.92 -4.57 -12.73
CA GLU A 45 -6.70 -5.80 -12.75
C GLU A 45 -7.79 -5.73 -13.81
N ASP A 46 -8.28 -4.52 -14.07
CA ASP A 46 -9.33 -4.31 -15.08
C ASP A 46 -8.88 -4.83 -16.44
N LEU A 47 -7.57 -4.85 -16.66
CA LEU A 47 -7.01 -5.32 -17.93
C LEU A 47 -7.47 -6.75 -18.22
N LEU A 48 -7.69 -7.53 -17.17
CA LEU A 48 -8.13 -8.91 -17.32
C LEU A 48 -9.56 -8.96 -17.86
N PHE A 49 -10.38 -8.00 -17.44
CA PHE A 49 -11.77 -7.95 -17.89
C PHE A 49 -11.85 -7.69 -19.39
N ASN A 50 -10.85 -7.00 -19.92
CA ASN A 50 -10.80 -6.68 -21.35
C ASN A 50 -10.94 -7.95 -22.19
N LYS A 51 -10.39 -9.06 -21.68
CA LYS A 51 -10.45 -10.32 -22.39
C LYS A 51 -11.88 -10.82 -22.50
N VAL A 52 -12.62 -10.73 -21.40
CA VAL A 52 -14.02 -11.16 -21.38
C VAL A 52 -14.93 -10.04 -20.89
N THR A 53 -15.08 -9.01 -21.72
CA THR A 53 -15.94 -7.88 -21.38
C THR A 53 -17.38 -8.14 -21.76
N LEU A 54 -17.61 -8.43 -23.05
CA LEU A 54 -18.96 -8.70 -23.54
C LEU A 54 -19.20 -10.20 -23.67
N ALA A 55 -18.21 -10.99 -23.26
CA ALA A 55 -18.31 -12.44 -23.33
C ALA A 55 -19.58 -12.94 -22.65
N ASP A 56 -19.87 -12.40 -21.47
CA ASP A 56 -21.05 -12.78 -20.72
C ASP A 56 -22.32 -12.27 -21.39
N ALA A 57 -22.21 -11.13 -22.07
CA ALA A 57 -23.34 -10.54 -22.76
C ALA A 57 -23.81 -11.43 -23.90
N GLY A 58 -22.90 -12.25 -24.42
CA GLY A 58 -23.24 -13.14 -25.52
C GLY A 58 -24.28 -14.17 -25.12
N PHE A 59 -24.37 -14.45 -23.83
CA PHE A 59 -25.33 -15.43 -23.32
C PHE A 59 -26.75 -14.91 -23.43
N MET A 60 -26.94 -13.65 -23.06
CA MET A 60 -28.26 -13.02 -23.13
C MET A 60 -28.70 -12.81 -24.57
N LYS A 61 -27.72 -12.68 -25.46
CA LYS A 61 -28.00 -12.48 -26.89
C LYS A 61 -28.67 -13.70 -27.49
N GLN A 62 -28.39 -14.87 -26.92
CA GLN A 62 -28.97 -16.12 -27.40
C GLN A 62 -30.48 -16.11 -27.25
N TYR A 63 -30.96 -15.40 -26.23
CA TYR A 63 -32.40 -15.31 -25.97
C TYR A 63 -33.13 -14.67 -27.15
N GLY A 64 -32.41 -13.83 -27.89
CA GLY A 64 -33.01 -13.16 -29.03
C GLY A 64 -33.66 -14.14 -30.00
N GLU A 65 -33.15 -15.36 -30.04
CA GLU A 65 -33.68 -16.38 -30.92
C GLU A 65 -33.83 -17.72 -30.19
N PRO A 1 48.70 19.99 13.45
CA PRO A 1 48.71 18.53 13.34
C PRO A 1 47.78 18.03 12.25
N ARG A 2 47.99 16.78 11.82
CA ARG A 2 47.17 16.18 10.77
C ARG A 2 46.70 14.78 11.18
N ASN A 3 46.23 14.66 12.41
CA ASN A 3 45.77 13.38 12.93
C ASN A 3 44.45 13.55 13.67
N THR A 4 44.42 14.48 14.62
CA THR A 4 43.23 14.74 15.41
C THR A 4 42.12 15.32 14.54
N ARG A 5 42.50 15.98 13.46
CA ARG A 5 41.53 16.59 12.54
C ARG A 5 40.47 15.57 12.13
N GLU A 6 40.88 14.31 11.98
CA GLU A 6 39.96 13.25 11.59
C GLU A 6 38.79 13.16 12.57
N VAL A 7 39.09 13.25 13.86
CA VAL A 7 38.07 13.18 14.90
C VAL A 7 36.92 14.13 14.60
N PHE A 8 37.24 15.36 14.22
CA PHE A 8 36.24 16.37 13.90
C PHE A 8 35.37 15.92 12.73
N ALA A 9 35.98 15.16 11.81
CA ALA A 9 35.26 14.66 10.65
C ALA A 9 34.35 13.49 11.01
N GLN A 10 34.71 12.79 12.09
CA GLN A 10 33.93 11.64 12.54
C GLN A 10 32.46 12.01 12.68
N VAL A 11 32.20 13.16 13.30
CA VAL A 11 30.82 13.64 13.50
C VAL A 11 30.05 13.67 12.18
N LYS A 12 30.78 13.89 11.09
CA LYS A 12 30.16 13.94 9.77
C LYS A 12 29.53 12.60 9.41
N GLN A 13 30.08 11.52 9.96
CA GLN A 13 29.56 10.18 9.69
C GLN A 13 28.07 10.10 10.01
N MET A 14 27.63 10.93 10.95
CA MET A 14 26.22 10.95 11.35
C MET A 14 25.36 11.58 10.26
N TYR A 15 24.96 10.78 9.28
CA TYR A 15 24.14 11.26 8.18
C TYR A 15 22.92 10.38 7.97
N LYS A 16 21.88 10.60 8.77
CA LYS A 16 20.65 9.82 8.68
C LYS A 16 20.05 9.94 7.28
N THR A 17 20.49 9.07 6.37
CA THR A 17 19.98 9.07 5.01
C THR A 17 18.52 8.66 4.96
N PRO A 18 18.22 7.46 5.47
CA PRO A 18 16.86 6.92 5.49
C PRO A 18 15.96 7.67 6.49
N THR A 19 14.66 7.40 6.42
CA THR A 19 13.71 8.04 7.30
C THR A 19 13.59 7.29 8.63
N LEU A 20 13.46 8.04 9.71
CA LEU A 20 13.34 7.44 11.04
C LEU A 20 11.95 7.69 11.63
N LYS A 21 11.08 6.69 11.53
CA LYS A 21 9.72 6.80 12.05
C LYS A 21 9.68 6.40 13.52
N TYR A 22 10.61 5.55 13.94
CA TYR A 22 10.67 5.10 15.32
C TYR A 22 10.73 6.28 16.28
N PHE A 23 11.27 7.40 15.79
CA PHE A 23 11.38 8.60 16.62
C PHE A 23 10.21 9.54 16.36
N GLY A 24 9.05 8.97 16.04
CA GLY A 24 7.87 9.78 15.77
C GLY A 24 6.64 9.23 16.46
N GLY A 25 5.68 10.11 16.73
CA GLY A 25 4.45 9.71 17.38
C GLY A 25 3.34 9.41 16.40
N PHE A 26 2.69 8.26 16.57
CA PHE A 26 1.60 7.87 15.69
C PHE A 26 0.24 8.14 16.34
N ASN A 27 -0.82 8.02 15.55
CA ASN A 27 -2.17 8.25 16.06
C ASN A 27 -2.66 7.06 16.88
N PHE A 28 -2.97 7.31 18.14
CA PHE A 28 -3.45 6.26 19.04
C PHE A 28 -4.82 5.75 18.59
N SER A 29 -5.56 6.60 17.89
CA SER A 29 -6.89 6.24 17.41
C SER A 29 -6.79 5.38 16.16
N GLN A 30 -5.74 5.59 15.38
CA GLN A 30 -5.54 4.83 14.15
C GLN A 30 -5.26 3.36 14.46
N ILE A 31 -4.80 3.09 15.68
CA ILE A 31 -4.49 1.73 16.09
C ILE A 31 -5.62 1.15 16.93
N LEU A 32 -6.82 1.68 16.74
CA LEU A 32 -7.99 1.21 17.49
C LEU A 32 -8.54 -0.07 16.87
N PRO A 33 -9.24 -0.87 17.70
CA PRO A 33 -9.84 -2.14 17.26
C PRO A 33 -11.02 -1.92 16.32
N SER A 34 -10.81 -2.19 15.05
CA SER A 34 -11.86 -2.02 14.04
C SER A 34 -12.08 -3.32 13.26
N PRO A 35 -12.66 -4.32 13.95
CA PRO A 35 -12.95 -5.63 13.34
C PRO A 35 -14.06 -5.56 12.30
N LEU A 36 -13.75 -5.99 11.08
CA LEU A 36 -14.73 -5.97 10.00
C LEU A 36 -15.30 -7.36 9.76
N LYS A 37 -16.27 -7.46 8.86
CA LYS A 37 -16.90 -8.73 8.54
C LYS A 37 -16.44 -9.23 7.18
N PRO A 38 -16.62 -10.55 6.94
CA PRO A 38 -16.23 -11.18 5.68
C PRO A 38 -17.12 -10.75 4.51
N THR A 39 -16.49 -10.29 3.44
CA THR A 39 -17.23 -9.84 2.26
C THR A 39 -17.63 -11.03 1.39
N LYS A 40 -16.88 -12.11 1.49
CA LYS A 40 -17.15 -13.31 0.71
C LYS A 40 -18.56 -13.82 0.98
N ARG A 41 -19.11 -13.47 2.13
CA ARG A 41 -20.45 -13.88 2.51
C ARG A 41 -21.47 -13.39 1.48
N SER A 42 -21.26 -12.19 0.98
CA SER A 42 -22.17 -11.60 0.00
C SER A 42 -22.15 -12.39 -1.31
N PHE A 43 -23.07 -13.33 -1.44
CA PHE A 43 -23.16 -14.16 -2.63
C PHE A 43 -23.82 -13.40 -3.77
N ILE A 44 -24.71 -12.49 -3.43
CA ILE A 44 -25.42 -11.69 -4.43
C ILE A 44 -24.45 -11.02 -5.39
N GLU A 45 -23.38 -10.45 -4.84
CA GLU A 45 -22.36 -9.79 -5.66
C GLU A 45 -21.81 -10.74 -6.72
N ASP A 46 -21.84 -12.04 -6.41
CA ASP A 46 -21.33 -13.04 -7.33
C ASP A 46 -22.42 -13.48 -8.30
N LEU A 47 -23.67 -13.45 -7.85
CA LEU A 47 -24.80 -13.85 -8.66
C LEU A 47 -24.91 -12.96 -9.91
N LEU A 48 -24.28 -11.80 -9.85
CA LEU A 48 -24.31 -10.85 -10.97
C LEU A 48 -23.61 -11.45 -12.18
N PHE A 49 -22.83 -12.50 -11.97
CA PHE A 49 -22.11 -13.16 -13.06
C PHE A 49 -23.07 -13.57 -14.17
N ASN A 50 -24.33 -13.80 -13.81
CA ASN A 50 -25.34 -14.21 -14.78
C ASN A 50 -25.46 -13.17 -15.90
N LYS A 51 -25.15 -11.92 -15.58
CA LYS A 51 -25.22 -10.83 -16.55
C LYS A 51 -23.87 -10.59 -17.19
N VAL A 52 -23.12 -11.68 -17.43
CA VAL A 52 -21.81 -11.58 -18.04
C VAL A 52 -21.86 -11.94 -19.52
N THR A 53 -23.04 -11.80 -20.11
CA THR A 53 -23.23 -12.12 -21.53
C THR A 53 -22.67 -11.02 -22.41
N LEU A 54 -22.66 -9.78 -21.90
CA LEU A 54 -22.15 -8.65 -22.66
C LEU A 54 -20.72 -8.90 -23.12
N ALA A 55 -19.99 -9.71 -22.36
CA ALA A 55 -18.61 -10.03 -22.71
C ALA A 55 -18.54 -10.77 -24.05
N ASP A 56 -19.62 -11.46 -24.39
CA ASP A 56 -19.69 -12.21 -25.65
C ASP A 56 -20.28 -11.36 -26.76
N ALA A 57 -21.20 -10.47 -26.40
CA ALA A 57 -21.85 -9.60 -27.37
C ALA A 57 -20.83 -8.70 -28.07
N GLY A 58 -19.66 -8.56 -27.45
CA GLY A 58 -18.62 -7.73 -28.03
C GLY A 58 -18.07 -8.29 -29.32
N PHE A 59 -18.37 -9.57 -29.58
CA PHE A 59 -17.90 -10.22 -30.79
C PHE A 59 -18.25 -9.40 -32.03
N MET A 60 -19.35 -8.66 -31.95
CA MET A 60 -19.79 -7.83 -33.07
C MET A 60 -18.67 -6.89 -33.52
N LYS A 61 -17.79 -6.54 -32.59
CA LYS A 61 -16.68 -5.65 -32.89
C LYS A 61 -15.88 -6.16 -34.09
N GLN A 62 -15.84 -7.48 -34.25
CA GLN A 62 -15.11 -8.09 -35.35
C GLN A 62 -15.77 -7.76 -36.69
N TYR A 63 -17.10 -7.66 -36.69
CA TYR A 63 -17.85 -7.35 -37.89
C TYR A 63 -17.69 -5.88 -38.26
N GLY A 64 -17.72 -5.01 -37.26
CA GLY A 64 -17.58 -3.59 -37.49
C GLY A 64 -16.84 -2.88 -36.38
N GLU A 65 -16.01 -1.92 -36.74
CA GLU A 65 -15.23 -1.16 -35.75
C GLU A 65 -16.16 -0.34 -34.86
N PRO A 1 41.67 15.06 9.93
CA PRO A 1 40.90 15.38 8.73
C PRO A 1 40.01 16.61 8.92
N ARG A 2 39.97 17.46 7.91
CA ARG A 2 39.16 18.67 7.97
C ARG A 2 37.76 18.41 7.43
N ASN A 3 37.03 17.51 8.10
CA ASN A 3 35.67 17.18 7.69
C ASN A 3 34.66 17.63 8.74
N THR A 4 35.05 17.55 10.00
CA THR A 4 34.17 17.95 11.10
C THR A 4 33.72 19.40 10.94
N ARG A 5 34.57 20.22 10.33
CA ARG A 5 34.25 21.62 10.10
C ARG A 5 33.02 21.77 9.22
N GLU A 6 32.77 20.77 8.40
CA GLU A 6 31.62 20.78 7.50
C GLU A 6 30.34 20.44 8.25
N VAL A 7 29.97 21.29 9.21
CA VAL A 7 28.77 21.09 10.00
C VAL A 7 27.56 20.82 9.10
N PHE A 8 27.55 21.43 7.93
CA PHE A 8 26.47 21.26 6.98
C PHE A 8 26.24 19.78 6.68
N ALA A 9 27.33 19.02 6.59
CA ALA A 9 27.26 17.59 6.30
C ALA A 9 27.01 16.79 7.58
N GLN A 10 27.44 17.34 8.71
CA GLN A 10 27.26 16.66 10.00
C GLN A 10 25.79 16.39 10.27
N VAL A 11 24.92 17.24 9.74
CA VAL A 11 23.48 17.09 9.92
C VAL A 11 23.02 15.69 9.55
N LYS A 12 23.73 15.08 8.61
CA LYS A 12 23.41 13.73 8.16
C LYS A 12 23.45 12.74 9.31
N GLN A 13 24.46 12.89 10.17
CA GLN A 13 24.62 12.01 11.33
C GLN A 13 23.35 11.98 12.18
N MET A 14 22.59 13.07 12.12
CA MET A 14 21.35 13.17 12.88
C MET A 14 20.44 11.97 12.61
N TYR A 15 20.32 11.60 11.34
CA TYR A 15 19.49 10.48 10.94
C TYR A 15 20.34 9.30 10.48
N LYS A 16 21.00 8.65 11.43
CA LYS A 16 21.85 7.51 11.12
C LYS A 16 21.07 6.44 10.36
N THR A 17 19.76 6.43 10.55
CA THR A 17 18.89 5.46 9.87
C THR A 17 19.20 4.04 10.34
N PRO A 18 19.40 3.88 11.66
CA PRO A 18 19.69 2.57 12.26
C PRO A 18 18.50 1.63 12.22
N THR A 19 18.74 0.38 11.82
CA THR A 19 17.68 -0.62 11.74
C THR A 19 17.84 -1.67 12.82
N LEU A 20 17.51 -1.30 14.06
CA LEU A 20 17.61 -2.21 15.19
C LEU A 20 16.24 -2.75 15.59
N LYS A 21 15.90 -3.92 15.08
CA LYS A 21 14.62 -4.54 15.38
C LYS A 21 14.70 -5.39 16.66
N TYR A 22 15.90 -5.87 16.96
CA TYR A 22 16.12 -6.68 18.15
C TYR A 22 15.60 -5.97 19.39
N PHE A 23 15.64 -4.65 19.37
CA PHE A 23 15.18 -3.85 20.50
C PHE A 23 14.03 -2.94 20.08
N GLY A 24 13.29 -3.35 19.06
CA GLY A 24 12.17 -2.56 18.59
C GLY A 24 11.24 -3.35 17.68
N GLY A 25 10.59 -2.65 16.76
CA GLY A 25 9.67 -3.31 15.85
C GLY A 25 8.31 -3.56 16.47
N PHE A 26 7.27 -3.05 15.83
CA PHE A 26 5.91 -3.22 16.33
C PHE A 26 5.05 -3.98 15.32
N ASN A 27 4.49 -5.10 15.75
CA ASN A 27 3.65 -5.92 14.88
C ASN A 27 2.26 -6.11 15.50
N PHE A 28 1.79 -5.10 16.22
CA PHE A 28 0.48 -5.16 16.86
C PHE A 28 -0.64 -5.05 15.83
N SER A 29 -0.34 -4.40 14.70
CA SER A 29 -1.32 -4.21 13.65
C SER A 29 -1.93 -5.54 13.23
N GLN A 30 -1.10 -6.59 13.22
CA GLN A 30 -1.56 -7.92 12.84
C GLN A 30 -2.77 -8.34 13.69
N ILE A 31 -2.73 -8.01 14.97
CA ILE A 31 -3.82 -8.34 15.87
C ILE A 31 -4.76 -7.16 16.08
N LEU A 32 -4.77 -6.25 15.11
CA LEU A 32 -5.62 -5.07 15.18
C LEU A 32 -6.35 -4.84 13.87
N PRO A 33 -7.33 -5.70 13.56
CA PRO A 33 -8.12 -5.60 12.33
C PRO A 33 -9.05 -4.40 12.33
N SER A 34 -9.74 -4.19 11.22
CA SER A 34 -10.67 -3.07 11.09
C SER A 34 -11.74 -3.37 10.04
N PRO A 35 -12.63 -4.31 10.35
CA PRO A 35 -13.72 -4.71 9.45
C PRO A 35 -14.77 -3.61 9.31
N LEU A 36 -14.62 -2.78 8.28
CA LEU A 36 -15.56 -1.70 8.03
C LEU A 36 -16.13 -1.79 6.61
N LYS A 37 -17.36 -2.29 6.50
CA LYS A 37 -18.02 -2.42 5.20
C LYS A 37 -19.49 -2.05 5.30
N PRO A 38 -19.75 -0.75 5.53
CA PRO A 38 -21.13 -0.23 5.64
C PRO A 38 -21.87 -0.26 4.31
N THR A 39 -23.05 0.35 4.29
CA THR A 39 -23.86 0.40 3.08
C THR A 39 -23.46 1.57 2.19
N LYS A 40 -22.89 2.60 2.81
CA LYS A 40 -22.45 3.79 2.07
C LYS A 40 -21.42 3.41 1.02
N ARG A 41 -20.68 2.33 1.25
CA ARG A 41 -19.66 1.87 0.32
C ARG A 41 -20.18 0.70 -0.51
N SER A 42 -21.46 0.41 -0.37
CA SER A 42 -22.07 -0.70 -1.10
C SER A 42 -22.19 -0.36 -2.58
N PHE A 43 -22.26 0.93 -2.88
CA PHE A 43 -22.37 1.39 -4.27
C PHE A 43 -21.30 0.77 -5.14
N ILE A 44 -20.14 0.48 -4.54
CA ILE A 44 -19.03 -0.12 -5.26
C ILE A 44 -19.48 -1.37 -6.01
N GLU A 45 -20.48 -2.06 -5.48
CA GLU A 45 -21.00 -3.27 -6.10
C GLU A 45 -21.39 -3.01 -7.56
N ASP A 46 -21.81 -1.78 -7.83
CA ASP A 46 -22.21 -1.40 -9.19
C ASP A 46 -21.12 -1.75 -10.19
N LEU A 47 -19.92 -1.27 -9.95
CA LEU A 47 -18.79 -1.53 -10.84
C LEU A 47 -18.53 -3.03 -10.96
N LEU A 48 -18.67 -3.74 -9.86
CA LEU A 48 -18.47 -5.18 -9.84
C LEU A 48 -19.39 -5.89 -10.83
N PHE A 49 -20.57 -5.31 -11.03
CA PHE A 49 -21.56 -5.87 -11.95
C PHE A 49 -21.02 -5.87 -13.38
N ASN A 50 -20.44 -4.75 -13.80
CA ASN A 50 -19.90 -4.63 -15.15
C ASN A 50 -18.82 -5.68 -15.38
N LYS A 51 -18.14 -6.10 -14.32
CA LYS A 51 -17.09 -7.10 -14.41
C LYS A 51 -17.62 -8.38 -15.05
N VAL A 52 -18.92 -8.60 -14.93
CA VAL A 52 -19.55 -9.79 -15.50
C VAL A 52 -20.11 -9.50 -16.89
N THR A 53 -20.62 -8.28 -17.07
CA THR A 53 -21.18 -7.88 -18.35
C THR A 53 -20.14 -7.96 -19.46
N LEU A 54 -18.92 -7.54 -19.15
CA LEU A 54 -17.83 -7.56 -20.13
C LEU A 54 -17.65 -8.96 -20.71
N ALA A 55 -18.04 -9.97 -19.95
CA ALA A 55 -17.93 -11.35 -20.39
C ALA A 55 -18.65 -11.56 -21.72
N ASP A 56 -19.67 -10.74 -21.97
CA ASP A 56 -20.43 -10.83 -23.21
C ASP A 56 -19.52 -10.78 -24.42
N ALA A 57 -18.38 -10.11 -24.27
CA ALA A 57 -17.42 -9.97 -25.36
C ALA A 57 -17.02 -11.34 -25.90
N GLY A 58 -17.01 -12.35 -25.03
CA GLY A 58 -16.64 -13.69 -25.44
C GLY A 58 -17.51 -14.20 -26.56
N PHE A 59 -18.71 -13.66 -26.68
CA PHE A 59 -19.64 -14.07 -27.72
C PHE A 59 -19.10 -13.73 -29.10
N MET A 60 -18.45 -12.58 -29.22
CA MET A 60 -17.88 -12.13 -30.48
C MET A 60 -16.91 -13.17 -31.03
N LYS A 61 -16.15 -13.80 -30.13
CA LYS A 61 -15.17 -14.80 -30.51
C LYS A 61 -15.86 -16.02 -31.12
N GLN A 62 -16.92 -16.48 -30.45
CA GLN A 62 -17.66 -17.65 -30.91
C GLN A 62 -18.23 -17.41 -32.31
N TYR A 63 -18.49 -16.15 -32.63
CA TYR A 63 -19.04 -15.78 -33.93
C TYR A 63 -17.92 -15.42 -34.91
N GLY A 64 -16.70 -15.79 -34.57
CA GLY A 64 -15.56 -15.51 -35.43
C GLY A 64 -15.26 -16.64 -36.38
N GLU A 65 -15.53 -16.41 -37.67
CA GLU A 65 -15.28 -17.42 -38.68
C GLU A 65 -13.83 -17.36 -39.17
N PRO A 1 40.34 19.67 -4.05
CA PRO A 1 39.96 20.06 -2.69
C PRO A 1 41.10 20.76 -1.95
N ARG A 2 40.78 21.34 -0.80
CA ARG A 2 41.78 22.03 0.00
C ARG A 2 42.15 21.22 1.24
N ASN A 3 41.23 21.16 2.20
CA ASN A 3 41.46 20.42 3.44
C ASN A 3 41.21 18.94 3.22
N THR A 4 42.29 18.17 3.15
CA THR A 4 42.19 16.72 2.95
C THR A 4 41.68 16.03 4.21
N ARG A 5 42.24 16.39 5.36
CA ARG A 5 41.84 15.80 6.62
C ARG A 5 40.33 15.90 6.82
N GLU A 6 39.73 16.94 6.24
CA GLU A 6 38.29 17.16 6.35
C GLU A 6 37.80 16.80 7.75
N VAL A 7 38.56 17.21 8.76
CA VAL A 7 38.20 16.95 10.15
C VAL A 7 36.77 17.37 10.43
N PHE A 8 36.33 18.44 9.77
CA PHE A 8 34.97 18.95 9.96
C PHE A 8 33.95 18.01 9.33
N ALA A 9 34.30 17.45 8.18
CA ALA A 9 33.41 16.52 7.47
C ALA A 9 33.41 15.16 8.14
N GLN A 10 34.49 14.83 8.84
CA GLN A 10 34.61 13.55 9.53
C GLN A 10 33.43 13.34 10.48
N VAL A 11 32.85 14.43 10.95
CA VAL A 11 31.72 14.36 11.86
C VAL A 11 30.61 13.48 11.31
N LYS A 12 30.52 13.42 9.97
CA LYS A 12 29.51 12.61 9.31
C LYS A 12 29.80 11.12 9.49
N GLN A 13 31.06 10.74 9.28
CA GLN A 13 31.46 9.34 9.42
C GLN A 13 31.08 8.80 10.79
N MET A 14 31.18 9.65 11.81
CA MET A 14 30.85 9.26 13.18
C MET A 14 29.44 8.66 13.24
N TYR A 15 29.23 7.72 14.15
CA TYR A 15 27.93 7.08 14.31
C TYR A 15 27.14 7.74 15.43
N LYS A 16 27.21 9.06 15.50
CA LYS A 16 26.50 9.82 16.53
C LYS A 16 25.00 9.56 16.45
N THR A 17 24.54 8.51 17.12
CA THR A 17 23.13 8.14 17.12
C THR A 17 22.68 7.71 18.52
N PRO A 18 23.14 8.43 19.55
CA PRO A 18 22.79 8.14 20.94
C PRO A 18 21.33 8.44 21.25
N THR A 19 20.45 7.50 20.91
CA THR A 19 19.03 7.66 21.15
C THR A 19 18.39 6.35 21.60
N LEU A 20 17.50 6.44 22.58
CA LEU A 20 16.82 5.26 23.10
C LEU A 20 15.31 5.45 23.09
N LYS A 21 14.69 5.25 21.92
CA LYS A 21 13.25 5.39 21.78
C LYS A 21 12.53 4.09 22.10
N TYR A 22 13.27 3.13 22.62
CA TYR A 22 12.71 1.83 22.98
C TYR A 22 11.52 1.99 23.91
N PHE A 23 11.51 3.09 24.66
CA PHE A 23 10.43 3.36 25.60
C PHE A 23 9.15 3.74 24.86
N GLY A 24 9.31 4.37 23.70
CA GLY A 24 8.16 4.77 22.91
C GLY A 24 7.84 3.79 21.80
N GLY A 25 6.64 3.21 21.85
CA GLY A 25 6.24 2.26 20.83
C GLY A 25 4.94 1.56 21.17
N PHE A 26 3.98 2.33 21.67
CA PHE A 26 2.67 1.79 22.04
C PHE A 26 1.64 2.10 20.97
N ASN A 27 0.76 1.14 20.70
CA ASN A 27 -0.29 1.30 19.70
C ASN A 27 -1.67 1.05 20.31
N PHE A 28 -2.20 2.06 20.99
CA PHE A 28 -3.51 1.95 21.61
C PHE A 28 -4.60 1.78 20.56
N SER A 29 -4.33 2.25 19.36
CA SER A 29 -5.29 2.16 18.26
C SER A 29 -5.35 0.74 17.71
N GLN A 30 -4.28 -0.01 17.92
CA GLN A 30 -4.21 -1.39 17.45
C GLN A 30 -5.39 -2.21 17.97
N ILE A 31 -5.86 -1.86 19.16
CA ILE A 31 -6.97 -2.57 19.78
C ILE A 31 -8.30 -1.85 19.48
N LEU A 32 -8.32 -1.08 18.41
CA LEU A 32 -9.52 -0.34 18.01
C LEU A 32 -9.91 -0.68 16.57
N PRO A 33 -10.44 -1.89 16.36
CA PRO A 33 -10.87 -2.34 15.04
C PRO A 33 -12.10 -1.60 14.53
N SER A 34 -12.51 -1.90 13.31
CA SER A 34 -13.67 -1.26 12.71
C SER A 34 -14.00 -1.89 11.36
N PRO A 35 -14.55 -3.11 11.39
CA PRO A 35 -14.93 -3.85 10.18
C PRO A 35 -16.13 -3.23 9.47
N LEU A 36 -16.14 -3.33 8.14
CA LEU A 36 -17.23 -2.78 7.34
C LEU A 36 -17.12 -3.22 5.89
N LYS A 37 -17.72 -4.37 5.59
CA LYS A 37 -17.70 -4.90 4.23
C LYS A 37 -18.88 -5.85 3.99
N PRO A 38 -20.08 -5.27 3.89
CA PRO A 38 -21.31 -6.04 3.66
C PRO A 38 -21.37 -6.64 2.25
N THR A 39 -20.77 -7.82 2.10
CA THR A 39 -20.74 -8.50 0.81
C THR A 39 -21.99 -9.34 0.62
N LYS A 40 -22.90 -9.30 1.60
CA LYS A 40 -24.14 -10.06 1.53
C LYS A 40 -25.00 -9.60 0.35
N ARG A 41 -24.82 -8.35 -0.05
CA ARG A 41 -25.57 -7.79 -1.17
C ARG A 41 -24.87 -8.06 -2.49
N SER A 42 -23.81 -8.86 -2.44
CA SER A 42 -23.04 -9.19 -3.64
C SER A 42 -23.55 -10.48 -4.28
N PHE A 43 -24.12 -11.35 -3.44
CA PHE A 43 -24.66 -12.61 -3.92
C PHE A 43 -25.67 -12.39 -5.04
N ILE A 44 -26.37 -11.26 -4.99
CA ILE A 44 -27.37 -10.93 -6.00
C ILE A 44 -26.72 -10.36 -7.25
N GLU A 45 -25.53 -9.78 -7.08
CA GLU A 45 -24.80 -9.20 -8.21
C GLU A 45 -24.60 -10.24 -9.31
N ASP A 46 -24.57 -11.51 -8.94
CA ASP A 46 -24.39 -12.59 -9.89
C ASP A 46 -25.43 -12.50 -11.01
N LEU A 47 -26.58 -11.92 -10.70
CA LEU A 47 -27.65 -11.78 -11.67
C LEU A 47 -27.17 -11.05 -12.92
N LEU A 48 -26.13 -10.24 -12.76
CA LEU A 48 -25.57 -9.49 -13.87
C LEU A 48 -25.09 -10.42 -14.98
N PHE A 49 -24.84 -11.66 -14.62
CA PHE A 49 -24.37 -12.66 -15.58
C PHE A 49 -25.37 -12.80 -16.73
N ASN A 50 -26.63 -12.44 -16.48
CA ASN A 50 -27.66 -12.52 -17.49
C ASN A 50 -27.51 -11.43 -18.53
N LYS A 51 -26.78 -10.37 -18.16
CA LYS A 51 -26.55 -9.25 -19.06
C LYS A 51 -25.23 -9.40 -19.79
N VAL A 52 -24.89 -10.63 -20.15
CA VAL A 52 -23.64 -10.92 -20.85
C VAL A 52 -23.91 -11.24 -22.32
N THR A 53 -25.02 -10.73 -22.85
CA THR A 53 -25.38 -10.97 -24.23
C THR A 53 -24.68 -9.98 -25.17
N LEU A 54 -24.40 -8.79 -24.65
CA LEU A 54 -23.74 -7.75 -25.43
C LEU A 54 -22.36 -8.23 -25.90
N ALA A 55 -21.77 -9.15 -25.16
CA ALA A 55 -20.47 -9.70 -25.50
C ALA A 55 -20.49 -10.35 -26.87
N ASP A 56 -21.66 -10.81 -27.29
CA ASP A 56 -21.83 -11.46 -28.58
C ASP A 56 -21.28 -10.57 -29.71
N ALA A 57 -21.35 -9.26 -29.50
CA ALA A 57 -20.87 -8.31 -30.50
C ALA A 57 -19.35 -8.23 -30.49
N GLY A 58 -18.79 -7.97 -29.31
CA GLY A 58 -17.34 -7.87 -29.18
C GLY A 58 -16.65 -9.19 -29.45
N PHE A 59 -17.40 -10.29 -29.35
CA PHE A 59 -16.84 -11.62 -29.58
C PHE A 59 -16.28 -11.74 -31.00
N MET A 60 -16.86 -10.97 -31.92
CA MET A 60 -16.43 -10.99 -33.31
C MET A 60 -15.23 -10.08 -33.52
N LYS A 61 -15.11 -9.05 -32.68
CA LYS A 61 -14.01 -8.11 -32.77
C LYS A 61 -12.67 -8.81 -32.55
N GLN A 62 -12.69 -9.85 -31.71
CA GLN A 62 -11.48 -10.60 -31.40
C GLN A 62 -10.78 -11.04 -32.69
N TYR A 63 -11.57 -11.30 -33.72
CA TYR A 63 -11.02 -11.74 -35.00
C TYR A 63 -10.01 -10.73 -35.54
N GLY A 64 -10.31 -9.45 -35.38
CA GLY A 64 -9.43 -8.40 -35.84
C GLY A 64 -9.36 -7.22 -34.90
N GLU A 65 -8.26 -7.11 -34.17
CA GLU A 65 -8.08 -6.02 -33.22
C GLU A 65 -7.33 -4.85 -33.86
N PRO A 1 24.25 18.04 -8.72
CA PRO A 1 23.50 18.65 -7.61
C PRO A 1 23.63 17.84 -6.32
N ARG A 2 24.73 18.03 -5.61
CA ARG A 2 24.99 17.33 -4.36
C ARG A 2 25.75 18.21 -3.37
N ASN A 3 25.28 18.25 -2.12
CA ASN A 3 25.92 19.06 -1.10
C ASN A 3 26.15 18.24 0.16
N THR A 4 27.20 18.59 0.92
CA THR A 4 27.52 17.89 2.15
C THR A 4 26.53 18.23 3.26
N ARG A 5 25.91 19.40 3.15
CA ARG A 5 24.95 19.85 4.15
C ARG A 5 23.83 18.84 4.31
N GLU A 6 23.57 18.07 3.25
CA GLU A 6 22.52 17.06 3.27
C GLU A 6 23.07 15.71 3.72
N VAL A 7 23.84 15.73 4.81
CA VAL A 7 24.42 14.50 5.35
C VAL A 7 23.36 13.42 5.53
N PHE A 8 22.14 13.84 5.80
CA PHE A 8 21.04 12.90 5.99
C PHE A 8 20.92 11.95 4.80
N ALA A 9 21.34 12.42 3.63
CA ALA A 9 21.28 11.60 2.42
C ALA A 9 21.98 10.26 2.63
N GLN A 10 22.96 10.24 3.53
CA GLN A 10 23.70 9.02 3.83
C GLN A 10 22.79 7.95 4.40
N VAL A 11 21.76 8.38 5.13
CA VAL A 11 20.81 7.46 5.73
C VAL A 11 20.18 6.55 4.69
N LYS A 12 19.53 7.15 3.70
CA LYS A 12 18.89 6.40 2.63
C LYS A 12 19.87 5.42 2.00
N GLN A 13 21.13 5.80 1.93
CA GLN A 13 22.17 4.95 1.36
C GLN A 13 22.18 3.58 2.03
N MET A 14 21.98 3.57 3.34
CA MET A 14 21.97 2.32 4.09
C MET A 14 20.56 1.98 4.55
N TYR A 15 20.08 2.70 5.56
CA TYR A 15 18.75 2.47 6.11
C TYR A 15 18.55 1.00 6.48
N LYS A 16 19.65 0.34 6.85
CA LYS A 16 19.60 -1.06 7.23
C LYS A 16 18.67 -1.27 8.41
N THR A 17 17.39 -1.47 8.13
CA THR A 17 16.39 -1.68 9.16
C THR A 17 15.36 -2.71 8.73
N PRO A 18 15.83 -3.79 8.09
CA PRO A 18 14.95 -4.87 7.62
C PRO A 18 14.36 -5.68 8.76
N THR A 19 13.67 -6.77 8.41
CA THR A 19 13.04 -7.63 9.41
C THR A 19 12.22 -6.82 10.40
N LEU A 20 11.47 -5.84 9.88
CA LEU A 20 10.64 -5.00 10.72
C LEU A 20 9.20 -5.52 10.78
N LYS A 21 9.05 -6.82 10.52
CA LYS A 21 7.73 -7.44 10.54
C LYS A 21 7.06 -7.27 11.90
N TYR A 22 7.88 -7.03 12.92
CA TYR A 22 7.37 -6.85 14.28
C TYR A 22 6.26 -5.79 14.31
N PHE A 23 6.52 -4.65 13.68
CA PHE A 23 5.55 -3.57 13.63
C PHE A 23 4.75 -3.61 12.34
N GLY A 24 4.57 -4.81 11.79
CA GLY A 24 3.82 -4.97 10.56
C GLY A 24 2.32 -4.95 10.79
N GLY A 25 1.70 -3.82 10.50
CA GLY A 25 0.26 -3.70 10.68
C GLY A 25 -0.11 -2.74 11.81
N PHE A 26 -1.28 -2.13 11.70
CA PHE A 26 -1.75 -1.19 12.71
C PHE A 26 -3.10 -1.61 13.27
N ASN A 27 -3.30 -1.35 14.55
CA ASN A 27 -4.56 -1.72 15.21
C ASN A 27 -5.55 -0.55 15.17
N PHE A 28 -5.88 -0.10 13.96
CA PHE A 28 -6.81 1.00 13.79
C PHE A 28 -8.24 0.58 14.12
N SER A 29 -8.51 -0.71 13.98
CA SER A 29 -9.84 -1.26 14.25
C SER A 29 -10.25 -0.95 15.69
N GLN A 30 -9.27 -0.73 16.56
CA GLN A 30 -9.52 -0.44 17.96
C GLN A 30 -10.35 0.84 18.09
N ILE A 31 -10.34 1.66 17.05
CA ILE A 31 -11.09 2.91 17.05
C ILE A 31 -12.58 2.66 17.26
N LEU A 32 -13.06 1.51 16.78
CA LEU A 32 -14.46 1.16 16.92
C LEU A 32 -14.65 -0.35 16.79
N PRO A 33 -15.52 -0.91 17.65
CA PRO A 33 -15.82 -2.35 17.65
C PRO A 33 -16.59 -2.78 16.41
N SER A 34 -15.94 -3.55 15.55
CA SER A 34 -16.57 -4.04 14.33
C SER A 34 -16.76 -5.55 14.38
N PRO A 35 -17.66 -6.06 13.53
CA PRO A 35 -17.96 -7.50 13.45
C PRO A 35 -16.80 -8.29 12.85
N LEU A 36 -16.09 -7.68 11.91
CA LEU A 36 -14.95 -8.34 11.26
C LEU A 36 -13.82 -7.34 11.02
N LYS A 37 -14.07 -6.38 10.14
CA LYS A 37 -13.06 -5.37 9.82
C LYS A 37 -13.72 -4.02 9.56
N PRO A 38 -12.93 -2.93 9.69
CA PRO A 38 -13.42 -1.58 9.47
C PRO A 38 -13.72 -1.30 7.99
N THR A 39 -12.97 -1.94 7.11
CA THR A 39 -13.17 -1.76 5.68
C THR A 39 -14.42 -2.47 5.20
N LYS A 40 -14.77 -3.57 5.87
CA LYS A 40 -15.96 -4.34 5.52
C LYS A 40 -17.23 -3.53 5.77
N ARG A 41 -17.14 -2.57 6.69
CA ARG A 41 -18.28 -1.73 7.02
C ARG A 41 -18.33 -0.49 6.11
N SER A 42 -17.46 -0.47 5.11
CA SER A 42 -17.40 0.65 4.18
C SER A 42 -17.49 0.17 2.74
N PHE A 43 -18.08 0.99 1.89
CA PHE A 43 -18.24 0.65 0.47
C PHE A 43 -16.90 0.71 -0.25
N ILE A 44 -15.96 1.47 0.31
CA ILE A 44 -14.64 1.62 -0.29
C ILE A 44 -14.01 0.25 -0.56
N GLU A 45 -14.38 -0.74 0.25
CA GLU A 45 -13.85 -2.08 0.09
C GLU A 45 -14.09 -2.59 -1.33
N ASP A 46 -15.15 -2.11 -1.96
CA ASP A 46 -15.50 -2.52 -3.32
C ASP A 46 -14.40 -2.14 -4.29
N LEU A 47 -13.52 -1.24 -3.87
CA LEU A 47 -12.42 -0.79 -4.71
C LEU A 47 -11.52 -1.95 -5.08
N LEU A 48 -11.60 -3.04 -4.32
CA LEU A 48 -10.79 -4.22 -4.58
C LEU A 48 -11.08 -4.79 -5.96
N PHE A 49 -12.21 -4.40 -6.53
CA PHE A 49 -12.59 -4.87 -7.86
C PHE A 49 -11.76 -4.20 -8.94
N ASN A 50 -11.64 -2.88 -8.85
CA ASN A 50 -10.87 -2.11 -9.82
C ASN A 50 -9.39 -2.12 -9.47
N LYS A 51 -9.09 -2.34 -8.19
CA LYS A 51 -7.71 -2.38 -7.73
C LYS A 51 -6.89 -3.39 -8.53
N VAL A 52 -7.56 -4.40 -9.06
CA VAL A 52 -6.90 -5.42 -9.85
C VAL A 52 -6.40 -4.86 -11.18
N THR A 53 -5.21 -5.27 -11.58
CA THR A 53 -4.61 -4.80 -12.82
C THR A 53 -5.30 -5.44 -14.03
N LEU A 54 -5.84 -6.64 -13.84
CA LEU A 54 -6.53 -7.35 -14.91
C LEU A 54 -7.63 -6.48 -15.51
N ALA A 55 -8.17 -5.58 -14.71
CA ALA A 55 -9.23 -4.68 -15.17
C ALA A 55 -8.83 -3.98 -16.46
N ASP A 56 -7.60 -3.48 -16.50
CA ASP A 56 -7.10 -2.78 -17.67
C ASP A 56 -6.26 -3.71 -18.55
N ALA A 57 -5.67 -4.72 -17.92
CA ALA A 57 -4.83 -5.68 -18.64
C ALA A 57 -5.59 -6.28 -19.82
N GLY A 58 -6.91 -6.37 -19.70
CA GLY A 58 -7.72 -6.92 -20.76
C GLY A 58 -7.85 -5.99 -21.94
N PHE A 59 -7.88 -4.69 -21.66
CA PHE A 59 -8.01 -3.68 -22.71
C PHE A 59 -6.87 -3.80 -23.71
N MET A 60 -5.72 -4.27 -23.24
CA MET A 60 -4.55 -4.43 -24.10
C MET A 60 -4.71 -5.64 -25.01
N LYS A 61 -5.47 -6.64 -24.56
CA LYS A 61 -5.70 -7.84 -25.33
C LYS A 61 -6.58 -7.54 -26.54
N GLN A 62 -7.66 -6.80 -26.32
CA GLN A 62 -8.58 -6.45 -27.39
C GLN A 62 -7.95 -5.43 -28.34
N TYR A 63 -7.07 -4.60 -27.80
CA TYR A 63 -6.39 -3.58 -28.59
C TYR A 63 -5.44 -4.20 -29.60
N GLY A 64 -4.94 -5.39 -29.28
CA GLY A 64 -4.02 -6.08 -30.16
C GLY A 64 -4.70 -7.21 -30.93
N GLU A 65 -4.67 -7.12 -32.25
CA GLU A 65 -5.29 -8.14 -33.09
C GLU A 65 -4.24 -9.15 -33.57
N PRO A 1 47.11 7.35 13.34
CA PRO A 1 47.47 6.51 14.48
C PRO A 1 48.49 7.16 15.39
N ARG A 2 49.25 8.12 14.84
CA ARG A 2 50.26 8.82 15.61
C ARG A 2 49.92 10.30 15.72
N ASN A 3 48.62 10.60 15.76
CA ASN A 3 48.16 11.98 15.86
C ASN A 3 47.84 12.34 17.31
N THR A 4 48.84 12.90 18.01
CA THR A 4 48.66 13.29 19.41
C THR A 4 47.80 14.54 19.52
N ARG A 5 47.80 15.35 18.48
CA ARG A 5 47.02 16.59 18.46
C ARG A 5 45.54 16.29 18.68
N GLU A 6 45.10 15.13 18.23
CA GLU A 6 43.70 14.73 18.38
C GLU A 6 42.76 15.82 17.86
N VAL A 7 43.02 16.28 16.63
CA VAL A 7 42.20 17.31 16.02
C VAL A 7 40.72 16.97 16.12
N PHE A 8 40.40 15.68 16.01
CA PHE A 8 39.02 15.22 16.10
C PHE A 8 38.34 15.76 17.35
N ALA A 9 39.11 15.92 18.41
CA ALA A 9 38.59 16.43 19.67
C ALA A 9 37.82 17.74 19.47
N GLN A 10 38.24 18.50 18.46
CA GLN A 10 37.60 19.78 18.16
C GLN A 10 36.09 19.60 17.98
N VAL A 11 35.71 18.69 17.08
CA VAL A 11 34.30 18.43 16.82
C VAL A 11 33.72 17.47 17.87
N LYS A 12 34.56 16.61 18.40
CA LYS A 12 34.13 15.64 19.41
C LYS A 12 33.67 16.35 20.67
N GLN A 13 34.19 17.55 20.90
CA GLN A 13 33.82 18.33 22.07
C GLN A 13 32.30 18.51 22.16
N MET A 14 31.64 18.47 21.00
CA MET A 14 30.20 18.63 20.95
C MET A 14 29.51 17.66 21.91
N TYR A 15 28.31 18.04 22.36
CA TYR A 15 27.55 17.21 23.29
C TYR A 15 26.28 16.69 22.63
N LYS A 16 26.31 16.57 21.30
CA LYS A 16 25.15 16.09 20.56
C LYS A 16 24.75 14.69 21.01
N THR A 17 23.91 14.63 22.04
CA THR A 17 23.44 13.37 22.59
C THR A 17 21.95 13.41 22.90
N PRO A 18 21.17 14.01 21.98
CA PRO A 18 19.72 14.14 22.14
C PRO A 18 19.01 12.81 22.00
N THR A 19 19.34 12.06 20.95
CA THR A 19 18.74 10.77 20.70
C THR A 19 17.22 10.85 20.72
N LEU A 20 16.68 11.88 20.06
CA LEU A 20 15.23 12.07 20.01
C LEU A 20 14.66 11.48 18.73
N LYS A 21 15.32 10.47 18.20
CA LYS A 21 14.88 9.81 16.98
C LYS A 21 13.89 8.68 17.30
N TYR A 22 14.23 7.89 18.30
CA TYR A 22 13.38 6.77 18.71
C TYR A 22 11.98 7.26 19.06
N PHE A 23 11.88 8.52 19.49
CA PHE A 23 10.60 9.11 19.85
C PHE A 23 9.74 9.35 18.62
N GLY A 24 10.39 9.63 17.50
CA GLY A 24 9.66 9.89 16.27
C GLY A 24 9.62 8.68 15.37
N GLY A 25 8.88 8.79 14.26
CA GLY A 25 8.77 7.68 13.33
C GLY A 25 7.75 6.66 13.76
N PHE A 26 6.52 6.81 13.28
CA PHE A 26 5.44 5.89 13.63
C PHE A 26 4.84 5.26 12.37
N ASN A 27 3.94 4.30 12.57
CA ASN A 27 3.29 3.62 11.45
C ASN A 27 1.97 4.29 11.10
N PHE A 28 1.95 4.99 9.97
CA PHE A 28 0.76 5.69 9.51
C PHE A 28 -0.21 4.71 8.83
N SER A 29 0.33 3.63 8.29
CA SER A 29 -0.48 2.61 7.62
C SER A 29 -1.64 2.17 8.50
N GLN A 30 -1.40 2.15 9.81
CA GLN A 30 -2.42 1.75 10.77
C GLN A 30 -3.50 2.82 10.90
N ILE A 31 -3.08 4.07 10.85
CA ILE A 31 -4.01 5.19 10.96
C ILE A 31 -4.80 5.38 9.68
N LEU A 32 -4.21 5.02 8.56
CA LEU A 32 -4.85 5.15 7.25
C LEU A 32 -4.88 3.82 6.52
N PRO A 33 -5.67 2.86 7.05
CA PRO A 33 -5.80 1.52 6.46
C PRO A 33 -6.54 1.56 5.13
N SER A 34 -6.73 0.37 4.54
CA SER A 34 -7.43 0.26 3.26
C SER A 34 -8.71 -0.54 3.42
N PRO A 35 -9.63 -0.38 2.45
CA PRO A 35 -10.92 -1.08 2.45
C PRO A 35 -10.77 -2.57 2.19
N LEU A 36 -9.98 -2.92 1.17
CA LEU A 36 -9.74 -4.31 0.82
C LEU A 36 -11.07 -5.05 0.63
N LYS A 37 -12.00 -4.42 -0.06
CA LYS A 37 -13.31 -5.03 -0.32
C LYS A 37 -13.95 -4.43 -1.56
N PRO A 38 -13.39 -4.77 -2.73
CA PRO A 38 -13.90 -4.29 -4.02
C PRO A 38 -15.25 -4.89 -4.37
N THR A 39 -15.70 -4.64 -5.61
CA THR A 39 -16.98 -5.16 -6.07
C THR A 39 -16.86 -6.62 -6.49
N LYS A 40 -15.64 -7.08 -6.67
CA LYS A 40 -15.39 -8.46 -7.08
C LYS A 40 -15.73 -9.43 -5.95
N ARG A 41 -15.96 -8.88 -4.76
CA ARG A 41 -16.31 -9.70 -3.60
C ARG A 41 -17.57 -10.50 -3.86
N SER A 42 -18.36 -10.06 -4.83
CA SER A 42 -19.61 -10.74 -5.18
C SER A 42 -19.35 -11.84 -6.20
N PHE A 43 -19.36 -13.08 -5.71
CA PHE A 43 -19.15 -14.23 -6.58
C PHE A 43 -20.25 -14.36 -7.62
N ILE A 44 -21.45 -13.91 -7.25
CA ILE A 44 -22.60 -13.96 -8.16
C ILE A 44 -22.30 -13.25 -9.47
N GLU A 45 -21.44 -12.24 -9.41
CA GLU A 45 -21.08 -11.47 -10.59
C GLU A 45 -20.43 -12.37 -11.65
N ASP A 46 -19.51 -13.22 -11.20
CA ASP A 46 -18.82 -14.13 -12.11
C ASP A 46 -19.79 -15.13 -12.73
N LEU A 47 -20.76 -15.57 -11.93
CA LEU A 47 -21.77 -16.52 -12.40
C LEU A 47 -22.53 -15.96 -13.59
N LEU A 48 -22.73 -14.65 -13.60
CA LEU A 48 -23.45 -13.99 -14.69
C LEU A 48 -22.66 -14.07 -15.99
N PHE A 49 -21.33 -14.04 -15.87
CA PHE A 49 -20.46 -14.11 -17.04
C PHE A 49 -20.76 -15.36 -17.86
N ASN A 50 -20.86 -16.50 -17.19
CA ASN A 50 -21.14 -17.76 -17.86
C ASN A 50 -22.50 -17.71 -18.58
N LYS A 51 -23.36 -16.82 -18.12
CA LYS A 51 -24.69 -16.67 -18.72
C LYS A 51 -24.70 -15.55 -19.75
N VAL A 52 -23.60 -15.44 -20.50
CA VAL A 52 -23.48 -14.41 -21.52
C VAL A 52 -24.11 -14.86 -22.84
N THR A 53 -24.71 -16.06 -22.82
CA THR A 53 -25.35 -16.61 -24.00
C THR A 53 -26.44 -15.67 -24.52
N LEU A 54 -26.95 -14.82 -23.64
CA LEU A 54 -28.00 -13.88 -24.00
C LEU A 54 -27.53 -12.96 -25.12
N ALA A 55 -26.22 -12.84 -25.28
CA ALA A 55 -25.64 -11.99 -26.32
C ALA A 55 -26.08 -12.44 -27.70
N ASP A 56 -26.07 -13.76 -27.92
CA ASP A 56 -26.47 -14.32 -29.21
C ASP A 56 -27.92 -14.79 -29.17
N ALA A 57 -28.31 -15.43 -28.07
CA ALA A 57 -29.67 -15.92 -27.92
C ALA A 57 -30.68 -14.78 -27.99
N GLY A 58 -30.20 -13.55 -27.76
CA GLY A 58 -31.07 -12.39 -27.80
C GLY A 58 -31.71 -12.20 -29.16
N PHE A 59 -31.16 -12.85 -30.17
CA PHE A 59 -31.69 -12.73 -31.53
C PHE A 59 -33.12 -13.24 -31.60
N MET A 60 -33.52 -14.00 -30.59
CA MET A 60 -34.87 -14.55 -30.54
C MET A 60 -35.91 -13.44 -30.50
N LYS A 61 -35.48 -12.23 -30.18
CA LYS A 61 -36.36 -11.08 -30.12
C LYS A 61 -37.01 -10.81 -31.47
N GLN A 62 -36.42 -11.39 -32.52
CA GLN A 62 -36.94 -11.21 -33.88
C GLN A 62 -38.25 -11.98 -34.07
N TYR A 63 -38.56 -12.84 -33.10
CA TYR A 63 -39.78 -13.63 -33.16
C TYR A 63 -41.00 -12.75 -33.34
N GLY A 64 -40.89 -11.50 -32.87
CA GLY A 64 -42.00 -10.56 -32.98
C GLY A 64 -42.53 -10.45 -34.40
N GLU A 65 -43.68 -9.80 -34.56
CA GLU A 65 -44.28 -9.62 -35.86
C GLU A 65 -43.98 -8.23 -36.41
N PRO A 1 43.84 8.89 -2.74
CA PRO A 1 43.03 9.89 -3.43
C PRO A 1 42.76 11.12 -2.56
N ARG A 2 42.85 10.93 -1.25
CA ARG A 2 42.61 12.02 -0.31
C ARG A 2 41.21 12.59 -0.47
N ASN A 3 40.30 11.76 -0.97
CA ASN A 3 38.92 12.19 -1.19
C ASN A 3 38.03 11.74 -0.03
N THR A 4 38.61 11.62 1.15
CA THR A 4 37.87 11.21 2.34
C THR A 4 37.02 12.34 2.89
N ARG A 5 37.44 13.58 2.61
CA ARG A 5 36.72 14.75 3.07
C ARG A 5 35.49 15.01 2.21
N GLU A 6 35.55 14.58 0.95
CA GLU A 6 34.44 14.77 0.02
C GLU A 6 33.42 13.65 0.16
N VAL A 7 33.90 12.41 0.11
CA VAL A 7 33.03 11.25 0.22
C VAL A 7 32.12 11.35 1.45
N PHE A 8 32.64 12.00 2.50
CA PHE A 8 31.87 12.17 3.73
C PHE A 8 30.51 12.79 3.44
N ALA A 9 30.46 13.63 2.41
CA ALA A 9 29.22 14.29 2.03
C ALA A 9 28.11 13.27 1.77
N GLN A 10 28.50 12.06 1.41
CA GLN A 10 27.55 10.99 1.14
C GLN A 10 26.56 10.84 2.29
N VAL A 11 27.01 11.14 3.51
CA VAL A 11 26.18 11.03 4.69
C VAL A 11 24.89 11.83 4.52
N LYS A 12 24.92 12.81 3.63
CA LYS A 12 23.76 13.65 3.37
C LYS A 12 22.60 12.84 2.81
N GLN A 13 22.91 11.62 2.36
CA GLN A 13 21.89 10.73 1.81
C GLN A 13 20.77 10.51 2.81
N MET A 14 21.06 10.73 4.09
CA MET A 14 20.06 10.54 5.14
C MET A 14 18.82 11.36 4.85
N TYR A 15 17.67 10.69 4.77
CA TYR A 15 16.40 11.36 4.49
C TYR A 15 15.28 10.78 5.35
N LYS A 16 15.65 10.24 6.51
CA LYS A 16 14.68 9.65 7.43
C LYS A 16 13.63 10.67 7.84
N THR A 17 12.58 10.79 7.04
CA THR A 17 11.50 11.73 7.32
C THR A 17 10.14 11.11 7.04
N PRO A 18 9.97 9.85 7.45
CA PRO A 18 8.71 9.11 7.24
C PRO A 18 7.59 9.65 8.13
N THR A 19 6.88 10.64 7.63
CA THR A 19 5.78 11.25 8.37
C THR A 19 4.45 11.05 7.64
N LEU A 20 4.26 9.84 7.09
CA LEU A 20 3.04 9.53 6.37
C LEU A 20 2.27 8.41 7.07
N LYS A 21 2.47 8.30 8.38
CA LYS A 21 1.79 7.27 9.16
C LYS A 21 0.28 7.29 8.93
N TYR A 22 -0.23 8.48 8.62
CA TYR A 22 -1.66 8.65 8.37
C TYR A 22 -2.15 7.67 7.31
N PHE A 23 -1.25 7.29 6.40
CA PHE A 23 -1.58 6.35 5.34
C PHE A 23 -1.20 4.93 5.71
N GLY A 24 -1.27 4.63 7.01
CA GLY A 24 -0.92 3.30 7.48
C GLY A 24 -0.93 3.21 8.99
N GLY A 25 -2.07 2.76 9.55
CA GLY A 25 -2.18 2.64 10.98
C GLY A 25 -3.60 2.32 11.42
N PHE A 26 -4.13 1.20 10.95
CA PHE A 26 -5.49 0.79 11.29
C PHE A 26 -5.50 -0.01 12.59
N ASN A 27 -6.44 0.32 13.47
CA ASN A 27 -6.56 -0.38 14.76
C ASN A 27 -7.67 -1.43 14.71
N PHE A 28 -8.65 -1.20 13.84
CA PHE A 28 -9.76 -2.12 13.71
C PHE A 28 -9.38 -3.31 12.83
N SER A 29 -8.37 -3.12 11.99
CA SER A 29 -7.90 -4.18 11.10
C SER A 29 -7.61 -5.45 11.87
N GLN A 30 -6.96 -5.30 13.01
CA GLN A 30 -6.62 -6.46 13.85
C GLN A 30 -7.85 -6.96 14.60
N ILE A 31 -8.81 -6.06 14.83
CA ILE A 31 -10.03 -6.43 15.54
C ILE A 31 -11.16 -6.77 14.55
N LEU A 32 -10.77 -7.18 13.34
CA LEU A 32 -11.74 -7.52 12.31
C LEU A 32 -11.39 -8.86 11.66
N PRO A 33 -11.61 -9.96 12.41
CA PRO A 33 -11.33 -11.31 11.92
C PRO A 33 -12.28 -11.75 10.82
N SER A 34 -13.57 -11.49 11.02
CA SER A 34 -14.58 -11.86 10.05
C SER A 34 -14.49 -13.34 9.70
N PRO A 35 -14.88 -14.19 10.66
CA PRO A 35 -14.86 -15.65 10.48
C PRO A 35 -15.92 -16.13 9.49
N LEU A 36 -17.06 -15.46 9.48
CA LEU A 36 -18.15 -15.82 8.57
C LEU A 36 -18.98 -14.60 8.21
N LYS A 37 -18.73 -14.06 7.02
CA LYS A 37 -19.45 -12.89 6.54
C LYS A 37 -19.21 -12.67 5.05
N PRO A 38 -19.83 -13.53 4.22
CA PRO A 38 -19.70 -13.45 2.76
C PRO A 38 -20.41 -12.24 2.18
N THR A 39 -19.93 -11.75 1.04
CA THR A 39 -20.52 -10.60 0.39
C THR A 39 -21.67 -11.02 -0.53
N LYS A 40 -21.76 -12.31 -0.80
CA LYS A 40 -22.83 -12.84 -1.65
C LYS A 40 -24.20 -12.39 -1.15
N ARG A 41 -24.30 -12.16 0.16
CA ARG A 41 -25.56 -11.73 0.76
C ARG A 41 -26.04 -10.42 0.14
N SER A 42 -25.10 -9.64 -0.37
CA SER A 42 -25.42 -8.35 -0.99
C SER A 42 -25.38 -8.47 -2.51
N PHE A 43 -26.50 -8.15 -3.16
CA PHE A 43 -26.59 -8.20 -4.61
C PHE A 43 -25.91 -6.99 -5.25
N ILE A 44 -25.86 -5.89 -4.51
CA ILE A 44 -25.24 -4.67 -5.00
C ILE A 44 -23.83 -4.93 -5.50
N GLU A 45 -23.18 -5.94 -4.92
CA GLU A 45 -21.82 -6.30 -5.32
C GLU A 45 -21.72 -6.48 -6.83
N ASP A 46 -22.82 -6.92 -7.44
CA ASP A 46 -22.85 -7.15 -8.88
C ASP A 46 -22.41 -5.89 -9.64
N LEU A 47 -22.63 -4.73 -9.03
CA LEU A 47 -22.26 -3.46 -9.64
C LEU A 47 -20.77 -3.19 -9.48
N LEU A 48 -20.20 -3.70 -8.39
CA LEU A 48 -18.78 -3.51 -8.11
C LEU A 48 -17.93 -4.32 -9.10
N PHE A 49 -18.45 -5.47 -9.53
CA PHE A 49 -17.74 -6.32 -10.48
C PHE A 49 -17.56 -5.61 -11.82
N ASN A 50 -18.47 -4.69 -12.12
CA ASN A 50 -18.41 -3.94 -13.38
C ASN A 50 -17.53 -2.71 -13.23
N LYS A 51 -17.43 -2.20 -12.00
CA LYS A 51 -16.62 -1.02 -11.73
C LYS A 51 -15.45 -1.36 -10.82
N VAL A 52 -14.88 -2.54 -11.01
CA VAL A 52 -13.75 -2.98 -10.21
C VAL A 52 -12.59 -1.99 -10.29
N THR A 53 -12.35 -1.28 -9.20
CA THR A 53 -11.28 -0.30 -9.14
C THR A 53 -9.96 -0.95 -8.75
N LEU A 54 -10.04 -1.98 -7.91
CA LEU A 54 -8.85 -2.69 -7.46
C LEU A 54 -8.01 -3.16 -8.63
N ALA A 55 -8.68 -3.40 -9.76
CA ALA A 55 -7.99 -3.86 -10.97
C ALA A 55 -6.81 -2.96 -11.31
N ASP A 56 -6.92 -1.69 -10.95
CA ASP A 56 -5.86 -0.72 -11.21
C ASP A 56 -4.55 -1.16 -10.56
N ALA A 57 -4.66 -1.78 -9.39
CA ALA A 57 -3.49 -2.24 -8.66
C ALA A 57 -2.67 -3.21 -9.51
N GLY A 58 -3.34 -3.87 -10.46
CA GLY A 58 -2.65 -4.82 -11.32
C GLY A 58 -1.52 -4.18 -12.10
N PHE A 59 -1.54 -2.86 -12.22
CA PHE A 59 -0.51 -2.13 -12.94
C PHE A 59 0.85 -2.32 -12.27
N MET A 60 0.85 -2.42 -10.95
CA MET A 60 2.07 -2.59 -10.18
C MET A 60 2.69 -3.96 -10.46
N LYS A 61 1.85 -4.99 -10.50
CA LYS A 61 2.30 -6.35 -10.75
C LYS A 61 2.80 -6.50 -12.19
N GLN A 62 2.27 -5.66 -13.08
CA GLN A 62 2.67 -5.70 -14.49
C GLN A 62 4.18 -5.62 -14.63
N TYR A 63 4.83 -4.95 -13.68
CA TYR A 63 6.28 -4.79 -13.70
C TYR A 63 6.98 -6.15 -13.63
N GLY A 64 6.51 -7.00 -12.72
CA GLY A 64 7.10 -8.31 -12.56
C GLY A 64 8.58 -8.25 -12.27
N GLU A 65 8.93 -8.10 -10.99
CA GLU A 65 10.33 -8.04 -10.59
C GLU A 65 10.50 -8.52 -9.15
N PRO A 1 19.16 22.73 21.38
CA PRO A 1 20.10 22.61 20.27
C PRO A 1 19.87 21.34 19.44
N ARG A 2 20.76 21.08 18.51
CA ARG A 2 20.65 19.90 17.65
C ARG A 2 21.58 18.80 18.12
N ASN A 3 21.01 17.77 18.76
CA ASN A 3 21.80 16.65 19.26
C ASN A 3 21.56 15.40 18.41
N THR A 4 22.58 15.00 17.66
CA THR A 4 22.49 13.82 16.81
C THR A 4 22.51 12.55 17.64
N ARG A 5 23.05 12.63 18.85
CA ARG A 5 23.13 11.48 19.73
C ARG A 5 21.74 10.91 20.02
N GLU A 6 20.73 11.76 19.90
CA GLU A 6 19.35 11.35 20.13
C GLU A 6 18.90 10.32 19.10
N VAL A 7 18.16 9.31 19.55
CA VAL A 7 17.68 8.26 18.66
C VAL A 7 16.97 8.87 17.45
N PHE A 8 15.93 9.66 17.70
CA PHE A 8 15.18 10.29 16.63
C PHE A 8 16.10 11.12 15.74
N ALA A 9 17.20 11.60 16.30
CA ALA A 9 18.16 12.40 15.56
C ALA A 9 19.01 11.52 14.64
N GLN A 10 19.14 10.26 14.99
CA GLN A 10 19.93 9.32 14.21
C GLN A 10 19.51 9.35 12.75
N VAL A 11 18.24 9.65 12.50
CA VAL A 11 17.70 9.71 11.15
C VAL A 11 18.53 10.65 10.28
N LYS A 12 19.11 11.67 10.91
CA LYS A 12 19.93 12.65 10.20
C LYS A 12 21.08 11.96 9.46
N GLN A 13 21.49 10.79 9.97
CA GLN A 13 22.58 10.05 9.36
C GLN A 13 22.30 9.78 7.89
N MET A 14 21.02 9.73 7.52
CA MET A 14 20.63 9.49 6.15
C MET A 14 21.34 10.46 5.20
N TYR A 15 21.81 9.94 4.07
CA TYR A 15 22.52 10.75 3.09
C TYR A 15 22.10 10.37 1.68
N LYS A 16 21.99 9.08 1.41
CA LYS A 16 21.59 8.58 0.10
C LYS A 16 20.22 9.11 -0.29
N THR A 17 20.20 10.30 -0.89
CA THR A 17 18.94 10.92 -1.31
C THR A 17 18.15 9.99 -2.22
N PRO A 18 18.76 9.58 -3.33
CA PRO A 18 18.12 8.68 -4.30
C PRO A 18 17.96 7.27 -3.76
N THR A 19 16.81 6.67 -4.02
CA THR A 19 16.52 5.31 -3.55
C THR A 19 15.71 4.53 -4.59
N LEU A 20 16.08 3.27 -4.79
CA LEU A 20 15.39 2.42 -5.75
C LEU A 20 14.76 1.22 -5.05
N LYS A 21 14.25 0.28 -5.85
CA LYS A 21 13.62 -0.93 -5.31
C LYS A 21 14.65 -2.02 -5.08
N TYR A 22 15.93 -1.67 -5.24
CA TYR A 22 17.01 -2.63 -5.04
C TYR A 22 16.90 -3.31 -3.69
N PHE A 23 16.35 -2.60 -2.72
CA PHE A 23 16.18 -3.14 -1.36
C PHE A 23 14.70 -3.31 -1.04
N GLY A 24 13.85 -2.48 -1.64
CA GLY A 24 12.43 -2.56 -1.40
C GLY A 24 11.90 -1.36 -0.63
N GLY A 25 10.83 -1.58 0.13
CA GLY A 25 10.25 -0.50 0.90
C GLY A 25 9.60 -0.98 2.18
N PHE A 26 10.08 -2.11 2.69
CA PHE A 26 9.53 -2.67 3.92
C PHE A 26 10.11 -1.97 5.15
N ASN A 27 9.46 -2.18 6.30
CA ASN A 27 9.90 -1.56 7.54
C ASN A 27 10.03 -2.59 8.65
N PHE A 28 11.01 -2.42 9.51
CA PHE A 28 11.24 -3.34 10.62
C PHE A 28 10.00 -3.45 11.50
N SER A 29 9.18 -2.40 11.50
CA SER A 29 7.96 -2.38 12.30
C SER A 29 6.94 -3.36 11.74
N GLN A 30 7.19 -3.85 10.53
CA GLN A 30 6.28 -4.80 9.89
C GLN A 30 6.04 -6.01 10.78
N ILE A 31 6.99 -6.30 11.66
CA ILE A 31 6.88 -7.43 12.58
C ILE A 31 5.65 -7.29 13.47
N LEU A 32 5.23 -6.04 13.69
CA LEU A 32 4.06 -5.78 14.53
C LEU A 32 2.92 -5.18 13.71
N PRO A 33 2.28 -6.03 12.90
CA PRO A 33 1.16 -5.60 12.04
C PRO A 33 -0.08 -5.26 12.85
N SER A 34 -1.00 -4.52 12.23
CA SER A 34 -2.24 -4.12 12.90
C SER A 34 -3.45 -4.56 12.08
N PRO A 35 -4.61 -4.63 12.75
CA PRO A 35 -5.87 -5.02 12.11
C PRO A 35 -6.38 -3.98 11.12
N LEU A 36 -7.19 -4.43 10.16
CA LEU A 36 -7.74 -3.52 9.16
C LEU A 36 -8.77 -4.24 8.29
N LYS A 37 -9.77 -3.51 7.82
CA LYS A 37 -10.82 -4.07 6.98
C LYS A 37 -11.80 -2.99 6.55
N PRO A 38 -11.37 -2.12 5.61
CA PRO A 38 -12.20 -1.05 5.09
C PRO A 38 -13.34 -1.55 4.22
N THR A 39 -13.24 -2.81 3.78
CA THR A 39 -14.27 -3.41 2.95
C THR A 39 -15.62 -3.39 3.63
N LYS A 40 -15.61 -3.35 4.96
CA LYS A 40 -16.84 -3.33 5.74
C LYS A 40 -17.75 -2.21 5.27
N ARG A 41 -17.15 -1.12 4.80
CA ARG A 41 -17.92 0.03 4.31
C ARG A 41 -18.61 -0.30 3.00
N SER A 42 -17.91 -1.01 2.12
CA SER A 42 -18.46 -1.38 0.83
C SER A 42 -19.02 -0.16 0.09
N PHE A 43 -18.43 1.00 0.36
CA PHE A 43 -18.86 2.24 -0.27
C PHE A 43 -18.57 2.22 -1.77
N ILE A 44 -17.42 1.67 -2.14
CA ILE A 44 -17.02 1.59 -3.54
C ILE A 44 -17.65 0.38 -4.22
N GLU A 45 -17.98 -0.63 -3.43
CA GLU A 45 -18.59 -1.85 -3.95
C GLU A 45 -20.11 -1.71 -4.02
N ASP A 46 -20.64 -0.69 -3.34
CA ASP A 46 -22.08 -0.44 -3.31
C ASP A 46 -22.64 -0.42 -4.73
N LEU A 47 -22.07 0.44 -5.57
CA LEU A 47 -22.52 0.56 -6.95
C LEU A 47 -21.79 -0.42 -7.85
N LEU A 48 -20.73 -1.03 -7.33
CA LEU A 48 -19.95 -2.00 -8.08
C LEU A 48 -20.62 -3.37 -8.06
N PHE A 49 -21.49 -3.58 -7.09
CA PHE A 49 -22.21 -4.85 -6.96
C PHE A 49 -23.24 -5.01 -8.07
N ASN A 50 -23.72 -3.88 -8.58
CA ASN A 50 -24.73 -3.89 -9.65
C ASN A 50 -24.06 -4.06 -11.01
N LYS A 51 -22.80 -3.62 -11.11
CA LYS A 51 -22.06 -3.72 -12.36
C LYS A 51 -21.20 -4.97 -12.38
N VAL A 52 -21.63 -6.00 -11.65
CA VAL A 52 -20.90 -7.26 -11.59
C VAL A 52 -21.07 -8.06 -12.87
N THR A 53 -22.19 -7.84 -13.55
CA THR A 53 -22.48 -8.55 -14.80
C THR A 53 -21.59 -8.05 -15.93
N LEU A 54 -21.34 -6.74 -15.95
CA LEU A 54 -20.50 -6.14 -16.99
C LEU A 54 -19.07 -6.67 -16.90
N ALA A 55 -18.61 -6.92 -15.68
CA ALA A 55 -17.26 -7.44 -15.46
C ALA A 55 -17.03 -8.72 -16.25
N ASP A 56 -18.11 -9.45 -16.52
CA ASP A 56 -18.02 -10.70 -17.27
C ASP A 56 -17.74 -10.42 -18.75
N ALA A 57 -18.34 -9.35 -19.27
CA ALA A 57 -18.16 -8.98 -20.67
C ALA A 57 -16.68 -8.79 -21.00
N GLY A 58 -15.91 -8.36 -20.01
CA GLY A 58 -14.49 -8.15 -20.21
C GLY A 58 -13.76 -9.41 -20.62
N PHE A 59 -14.10 -10.52 -19.97
CA PHE A 59 -13.48 -11.80 -20.26
C PHE A 59 -13.75 -12.23 -21.69
N MET A 60 -14.94 -11.90 -22.18
CA MET A 60 -15.34 -12.26 -23.54
C MET A 60 -14.55 -11.44 -24.56
N LYS A 61 -14.13 -10.24 -24.15
CA LYS A 61 -13.37 -9.36 -25.04
C LYS A 61 -11.90 -9.80 -25.11
N GLN A 62 -11.39 -10.30 -23.99
CA GLN A 62 -10.00 -10.74 -23.93
C GLN A 62 -9.80 -11.98 -24.81
N TYR A 63 -10.67 -12.97 -24.64
CA TYR A 63 -10.58 -14.20 -25.41
C TYR A 63 -11.10 -13.99 -26.84
N GLY A 64 -12.17 -13.21 -26.96
CA GLY A 64 -12.73 -12.94 -28.27
C GLY A 64 -13.66 -14.05 -28.73
N GLU A 65 -14.81 -13.67 -29.27
CA GLU A 65 -15.79 -14.64 -29.76
C GLU A 65 -15.36 -15.22 -31.09
N PRO A 1 39.98 24.36 0.81
CA PRO A 1 40.46 22.98 0.67
C PRO A 1 39.42 22.05 0.04
N ARG A 2 39.89 21.04 -0.68
CA ARG A 2 38.99 20.10 -1.33
C ARG A 2 38.99 18.76 -0.59
N ASN A 3 38.16 18.65 0.43
CA ASN A 3 38.08 17.41 1.22
C ASN A 3 36.65 16.87 1.22
N THR A 4 35.94 17.08 0.11
CA THR A 4 34.57 16.61 -0.01
C THR A 4 34.49 15.10 0.11
N ARG A 5 35.59 14.43 -0.23
CA ARG A 5 35.65 12.97 -0.15
C ARG A 5 35.29 12.48 1.24
N GLU A 6 35.52 13.33 2.24
CA GLU A 6 35.22 12.98 3.62
C GLU A 6 33.79 12.48 3.76
N VAL A 7 32.90 13.00 2.93
CA VAL A 7 31.50 12.60 2.96
C VAL A 7 31.35 11.09 2.94
N PHE A 8 32.29 10.42 2.26
CA PHE A 8 32.27 8.97 2.17
C PHE A 8 32.46 8.33 3.54
N ALA A 9 33.42 8.86 4.30
CA ALA A 9 33.72 8.34 5.63
C ALA A 9 32.51 8.48 6.55
N GLN A 10 31.65 9.45 6.25
CA GLN A 10 30.46 9.69 7.06
C GLN A 10 29.66 8.40 7.24
N VAL A 11 29.70 7.53 6.24
CA VAL A 11 28.99 6.27 6.28
C VAL A 11 29.30 5.50 7.57
N LYS A 12 30.51 5.70 8.08
CA LYS A 12 30.94 5.03 9.30
C LYS A 12 29.96 5.31 10.44
N GLN A 13 29.27 6.44 10.37
CA GLN A 13 28.30 6.81 11.39
C GLN A 13 27.26 5.71 11.59
N MET A 14 26.74 5.19 10.49
CA MET A 14 25.74 4.13 10.54
C MET A 14 24.55 4.54 11.40
N TYR A 15 23.91 5.64 11.02
CA TYR A 15 22.76 6.15 11.76
C TYR A 15 21.46 5.78 11.06
N LYS A 16 21.49 4.69 10.30
CA LYS A 16 20.31 4.21 9.58
C LYS A 16 19.16 3.94 10.55
N THR A 17 18.38 4.97 10.84
CA THR A 17 17.25 4.82 11.75
C THR A 17 16.04 5.59 11.23
N PRO A 18 15.79 5.49 9.92
CA PRO A 18 14.66 6.17 9.27
C PRO A 18 13.32 5.57 9.66
N THR A 19 12.82 5.95 10.83
CA THR A 19 11.54 5.44 11.32
C THR A 19 10.78 6.52 12.10
N LEU A 20 9.46 6.42 12.11
CA LEU A 20 8.62 7.38 12.81
C LEU A 20 7.40 6.68 13.42
N LYS A 21 7.39 6.59 14.74
CA LYS A 21 6.28 5.96 15.45
C LYS A 21 5.12 6.94 15.64
N TYR A 22 5.44 8.23 15.69
CA TYR A 22 4.44 9.27 15.87
C TYR A 22 3.38 9.18 14.77
N PHE A 23 3.77 8.65 13.62
CA PHE A 23 2.85 8.51 12.49
C PHE A 23 2.49 7.06 12.26
N GLY A 24 2.44 6.28 13.33
CA GLY A 24 2.11 4.87 13.23
C GLY A 24 1.02 4.46 14.19
N GLY A 25 0.33 3.37 13.87
CA GLY A 25 -0.75 2.88 14.72
C GLY A 25 -2.12 3.12 14.10
N PHE A 26 -2.66 2.09 13.47
CA PHE A 26 -3.98 2.20 12.84
C PHE A 26 -5.00 1.34 13.58
N ASN A 27 -6.25 1.78 13.57
CA ASN A 27 -7.32 1.07 14.24
C ASN A 27 -8.62 1.18 13.46
N PHE A 28 -8.79 0.33 12.45
CA PHE A 28 -9.99 0.33 11.63
C PHE A 28 -11.13 -0.40 12.33
N SER A 29 -10.78 -1.34 13.20
CA SER A 29 -11.77 -2.12 13.93
C SER A 29 -12.24 -1.37 15.18
N GLN A 30 -11.43 -0.41 15.61
CA GLN A 30 -11.76 0.37 16.80
C GLN A 30 -13.11 1.06 16.64
N ILE A 31 -13.52 1.27 15.39
CA ILE A 31 -14.79 1.91 15.11
C ILE A 31 -15.95 1.13 15.70
N LEU A 32 -15.73 -0.17 15.91
CA LEU A 32 -16.77 -1.03 16.48
C LEU A 32 -16.19 -1.92 17.57
N PRO A 33 -17.08 -2.43 18.45
CA PRO A 33 -16.68 -3.30 19.55
C PRO A 33 -16.21 -4.68 19.07
N SER A 34 -17.02 -5.30 18.22
CA SER A 34 -16.69 -6.62 17.69
C SER A 34 -17.80 -7.11 16.75
N PRO A 35 -19.00 -7.28 17.32
CA PRO A 35 -20.17 -7.75 16.55
C PRO A 35 -20.66 -6.71 15.55
N LEU A 36 -21.81 -6.99 14.94
CA LEU A 36 -22.39 -6.09 13.96
C LEU A 36 -21.42 -5.82 12.81
N LYS A 37 -21.28 -6.81 11.93
CA LYS A 37 -20.38 -6.68 10.79
C LYS A 37 -20.84 -7.58 9.64
N PRO A 38 -21.97 -7.20 9.02
CA PRO A 38 -22.53 -7.96 7.89
C PRO A 38 -21.69 -7.85 6.63
N THR A 39 -20.64 -8.64 6.57
CA THR A 39 -19.75 -8.63 5.40
C THR A 39 -20.33 -9.43 4.25
N LYS A 40 -21.19 -10.39 4.58
CA LYS A 40 -21.82 -11.22 3.56
C LYS A 40 -22.61 -10.38 2.57
N ARG A 41 -23.16 -9.27 3.05
CA ARG A 41 -23.93 -8.37 2.21
C ARG A 41 -23.04 -7.63 1.23
N SER A 42 -21.79 -7.42 1.62
CA SER A 42 -20.82 -6.72 0.77
C SER A 42 -20.06 -7.71 -0.12
N PHE A 43 -20.81 -8.59 -0.78
CA PHE A 43 -20.21 -9.59 -1.65
C PHE A 43 -19.47 -8.92 -2.81
N ILE A 44 -19.92 -7.72 -3.18
CA ILE A 44 -19.30 -6.98 -4.27
C ILE A 44 -17.80 -6.85 -4.06
N GLU A 45 -17.38 -6.83 -2.80
CA GLU A 45 -15.96 -6.71 -2.47
C GLU A 45 -15.14 -7.77 -3.20
N ASP A 46 -15.75 -8.93 -3.42
CA ASP A 46 -15.08 -10.03 -4.10
C ASP A 46 -15.29 -9.94 -5.61
N LEU A 47 -16.52 -9.67 -6.02
CA LEU A 47 -16.85 -9.56 -7.44
C LEU A 47 -15.94 -8.54 -8.13
N LEU A 48 -15.51 -7.54 -7.37
CA LEU A 48 -14.63 -6.51 -7.91
C LEU A 48 -13.27 -7.08 -8.30
N PHE A 49 -12.74 -7.95 -7.46
CA PHE A 49 -11.45 -8.58 -7.72
C PHE A 49 -11.47 -9.34 -9.05
N ASN A 50 -12.65 -9.80 -9.44
CA ASN A 50 -12.80 -10.53 -10.69
C ASN A 50 -13.18 -9.59 -11.83
N LYS A 51 -13.95 -8.56 -11.51
CA LYS A 51 -14.40 -7.59 -12.50
C LYS A 51 -13.19 -6.91 -13.16
N VAL A 52 -12.14 -6.70 -12.38
CA VAL A 52 -10.93 -6.06 -12.87
C VAL A 52 -10.18 -6.97 -13.84
N THR A 53 -10.28 -8.28 -13.61
CA THR A 53 -9.62 -9.26 -14.46
C THR A 53 -10.11 -9.16 -15.90
N LEU A 54 -11.37 -8.77 -16.07
CA LEU A 54 -11.95 -8.63 -17.40
C LEU A 54 -11.79 -7.21 -17.92
N ALA A 55 -11.74 -6.25 -17.00
CA ALA A 55 -11.59 -4.85 -17.37
C ALA A 55 -10.23 -4.60 -18.01
N ASP A 56 -9.25 -5.43 -17.67
CA ASP A 56 -7.90 -5.31 -18.22
C ASP A 56 -7.88 -5.71 -19.70
N ALA A 57 -8.79 -6.59 -20.07
CA ALA A 57 -8.87 -7.07 -21.45
C ALA A 57 -9.28 -5.93 -22.39
N GLY A 58 -9.98 -4.95 -21.84
CA GLY A 58 -10.42 -3.82 -22.65
C GLY A 58 -9.27 -3.02 -23.21
N PHE A 59 -8.10 -3.14 -22.58
CA PHE A 59 -6.91 -2.42 -23.03
C PHE A 59 -6.52 -2.84 -24.44
N MET A 60 -6.76 -4.11 -24.78
CA MET A 60 -6.44 -4.63 -26.09
C MET A 60 -7.47 -4.19 -27.12
N LYS A 61 -8.71 -4.06 -26.68
CA LYS A 61 -9.80 -3.64 -27.57
C LYS A 61 -9.72 -2.15 -27.86
N GLN A 62 -9.15 -1.39 -26.92
CA GLN A 62 -9.01 0.05 -27.09
C GLN A 62 -8.19 0.38 -28.33
N TYR A 63 -7.13 -0.41 -28.56
CA TYR A 63 -6.26 -0.19 -29.70
C TYR A 63 -7.00 -0.44 -31.01
N GLY A 64 -7.83 -1.49 -31.03
CA GLY A 64 -8.58 -1.81 -32.22
C GLY A 64 -10.06 -1.49 -32.07
N GLU A 65 -10.90 -2.29 -32.71
CA GLU A 65 -12.35 -2.08 -32.65
C GLU A 65 -13.02 -3.15 -31.77
N PRO A 1 56.15 20.11 20.59
CA PRO A 1 56.90 18.85 20.53
C PRO A 1 56.93 18.14 21.87
N ARG A 2 56.76 18.91 22.94
CA ARG A 2 56.77 18.34 24.29
C ARG A 2 55.59 17.40 24.50
N ASN A 3 54.38 17.95 24.43
CA ASN A 3 53.17 17.16 24.62
C ASN A 3 52.32 17.16 23.36
N THR A 4 52.68 16.30 22.42
CA THR A 4 51.95 16.19 21.15
C THR A 4 50.66 15.39 21.33
N ARG A 5 50.59 14.62 22.41
CA ARG A 5 49.41 13.81 22.69
C ARG A 5 48.25 14.68 23.15
N GLU A 6 48.53 15.93 23.44
CA GLU A 6 47.51 16.86 23.90
C GLU A 6 46.59 17.26 22.74
N VAL A 7 46.97 16.87 21.53
CA VAL A 7 46.18 17.19 20.34
C VAL A 7 44.71 16.80 20.54
N PHE A 8 44.48 15.77 21.35
CA PHE A 8 43.13 15.30 21.61
C PHE A 8 42.23 16.45 22.06
N ALA A 9 42.83 17.43 22.73
CA ALA A 9 42.08 18.59 23.21
C ALA A 9 41.31 19.24 22.08
N GLN A 10 41.80 19.11 20.86
CA GLN A 10 41.14 19.69 19.69
C GLN A 10 39.98 18.81 19.24
N VAL A 11 40.12 17.51 19.43
CA VAL A 11 39.08 16.56 19.03
C VAL A 11 37.77 16.86 19.74
N LYS A 12 37.87 17.44 20.93
CA LYS A 12 36.70 17.79 21.72
C LYS A 12 35.89 18.90 21.05
N GLN A 13 36.57 19.72 20.27
CA GLN A 13 35.92 20.83 19.57
C GLN A 13 34.75 20.32 18.73
N MET A 14 34.86 19.09 18.25
CA MET A 14 33.82 18.50 17.43
C MET A 14 33.24 17.25 18.10
N TYR A 15 31.95 17.27 18.40
CA TYR A 15 31.28 16.15 19.04
C TYR A 15 30.11 15.66 18.21
N LYS A 16 30.39 14.82 17.23
CA LYS A 16 29.36 14.27 16.36
C LYS A 16 28.31 13.51 17.16
N THR A 17 27.31 14.24 17.64
CA THR A 17 26.24 13.63 18.44
C THR A 17 24.91 14.32 18.17
N PRO A 18 24.63 14.62 16.89
CA PRO A 18 23.40 15.28 16.49
C PRO A 18 22.17 14.37 16.63
N THR A 19 21.06 14.96 17.03
CA THR A 19 19.82 14.20 17.21
C THR A 19 18.66 14.84 16.44
N LEU A 20 17.74 14.02 15.97
CA LEU A 20 16.59 14.51 15.24
C LEU A 20 15.42 13.51 15.31
N LYS A 21 15.39 12.74 16.39
CA LYS A 21 14.33 11.75 16.58
C LYS A 21 12.96 12.43 16.62
N TYR A 22 12.92 13.66 17.11
CA TYR A 22 11.67 14.41 17.19
C TYR A 22 11.02 14.53 15.83
N PHE A 23 11.83 14.49 14.78
CA PHE A 23 11.32 14.59 13.41
C PHE A 23 11.14 13.21 12.79
N GLY A 24 10.83 12.23 13.62
CA GLY A 24 10.65 10.88 13.15
C GLY A 24 9.17 10.51 12.99
N GLY A 25 8.91 9.24 12.79
CA GLY A 25 7.53 8.78 12.62
C GLY A 25 7.44 7.34 12.14
N PHE A 26 6.31 6.71 12.38
CA PHE A 26 6.10 5.33 11.97
C PHE A 26 4.86 5.20 11.10
N ASN A 27 4.74 4.06 10.42
CA ASN A 27 3.60 3.82 9.54
C ASN A 27 2.60 2.86 10.19
N PHE A 28 1.63 3.44 10.89
CA PHE A 28 0.60 2.65 11.57
C PHE A 28 -0.46 2.17 10.58
N SER A 29 -0.62 2.92 9.50
CA SER A 29 -1.61 2.58 8.48
C SER A 29 -1.39 1.16 7.97
N GLN A 30 -0.14 0.73 7.95
CA GLN A 30 0.21 -0.61 7.48
C GLN A 30 -0.42 -1.67 8.37
N ILE A 31 -0.64 -1.32 9.64
CA ILE A 31 -1.23 -2.26 10.59
C ILE A 31 -2.63 -2.68 10.15
N LEU A 32 -3.29 -1.81 9.38
CA LEU A 32 -4.63 -2.08 8.90
C LEU A 32 -4.60 -3.00 7.68
N PRO A 33 -5.73 -3.65 7.39
CA PRO A 33 -5.86 -4.56 6.24
C PRO A 33 -5.81 -3.82 4.91
N SER A 34 -6.09 -4.55 3.83
CA SER A 34 -6.08 -3.97 2.49
C SER A 34 -6.70 -4.92 1.48
N PRO A 35 -8.03 -5.08 1.55
CA PRO A 35 -8.78 -5.96 0.65
C PRO A 35 -8.81 -5.43 -0.79
N LEU A 36 -9.60 -6.07 -1.63
CA LEU A 36 -9.73 -5.67 -3.02
C LEU A 36 -10.92 -6.36 -3.69
N LYS A 37 -11.88 -5.56 -4.12
CA LYS A 37 -13.08 -6.09 -4.78
C LYS A 37 -13.90 -4.96 -5.41
N PRO A 38 -13.38 -4.39 -6.50
CA PRO A 38 -14.04 -3.31 -7.22
C PRO A 38 -15.31 -3.78 -7.95
N THR A 39 -16.24 -2.86 -8.14
CA THR A 39 -17.50 -3.18 -8.82
C THR A 39 -17.34 -3.10 -10.34
N LYS A 40 -16.12 -2.80 -10.78
CA LYS A 40 -15.84 -2.69 -12.20
C LYS A 40 -16.06 -4.02 -12.91
N ARG A 41 -15.92 -5.11 -12.16
CA ARG A 41 -16.11 -6.44 -12.71
C ARG A 41 -17.50 -6.60 -13.31
N SER A 42 -18.44 -5.82 -12.80
CA SER A 42 -19.82 -5.88 -13.27
C SER A 42 -20.35 -7.31 -13.25
N PHE A 43 -19.97 -8.06 -12.23
CA PHE A 43 -20.40 -9.44 -12.09
C PHE A 43 -21.92 -9.55 -12.15
N ILE A 44 -22.60 -8.49 -11.74
CA ILE A 44 -24.05 -8.45 -11.75
C ILE A 44 -24.60 -8.46 -13.17
N GLU A 45 -23.82 -7.90 -14.10
CA GLU A 45 -24.23 -7.84 -15.50
C GLU A 45 -23.84 -9.12 -16.23
N ASP A 46 -22.92 -9.88 -15.63
CA ASP A 46 -22.47 -11.13 -16.23
C ASP A 46 -23.64 -12.08 -16.46
N LEU A 47 -24.71 -11.89 -15.71
CA LEU A 47 -25.90 -12.72 -15.83
C LEU A 47 -26.50 -12.63 -17.23
N LEU A 48 -26.13 -11.57 -17.96
CA LEU A 48 -26.62 -11.37 -19.32
C LEU A 48 -26.14 -12.48 -20.24
N PHE A 49 -25.15 -13.23 -19.79
CA PHE A 49 -24.59 -14.32 -20.59
C PHE A 49 -25.67 -15.35 -20.91
N ASN A 50 -26.73 -15.36 -20.10
CA ASN A 50 -27.83 -16.30 -20.30
C ASN A 50 -28.73 -15.85 -21.44
N LYS A 51 -28.55 -14.60 -21.88
CA LYS A 51 -29.34 -14.05 -22.97
C LYS A 51 -28.63 -14.22 -24.30
N VAL A 52 -27.97 -15.36 -24.47
CA VAL A 52 -27.24 -15.64 -25.71
C VAL A 52 -28.13 -15.43 -26.92
N THR A 53 -27.55 -14.93 -28.00
CA THR A 53 -28.28 -14.69 -29.23
C THR A 53 -29.07 -15.92 -29.66
N LEU A 54 -28.55 -17.09 -29.32
CA LEU A 54 -29.21 -18.35 -29.66
C LEU A 54 -30.18 -18.78 -28.57
N ALA A 55 -29.89 -18.37 -27.33
CA ALA A 55 -30.73 -18.71 -26.19
C ALA A 55 -32.14 -18.11 -26.35
N ASP A 56 -32.22 -17.01 -27.09
CA ASP A 56 -33.50 -16.35 -27.32
C ASP A 56 -34.54 -17.34 -27.84
N ALA A 57 -34.08 -18.35 -28.57
CA ALA A 57 -34.96 -19.37 -29.12
C ALA A 57 -35.83 -19.98 -28.03
N GLY A 58 -35.32 -20.00 -26.81
CA GLY A 58 -36.06 -20.57 -25.70
C GLY A 58 -37.06 -19.58 -25.10
N PHE A 59 -36.81 -18.30 -25.31
CA PHE A 59 -37.68 -17.25 -24.78
C PHE A 59 -39.12 -17.45 -25.28
N MET A 60 -39.25 -18.09 -26.44
CA MET A 60 -40.57 -18.34 -27.02
C MET A 60 -41.48 -19.02 -26.01
N LYS A 61 -40.91 -19.86 -25.15
CA LYS A 61 -41.68 -20.57 -24.13
C LYS A 61 -42.49 -19.59 -23.28
N GLN A 62 -41.97 -18.37 -23.13
CA GLN A 62 -42.66 -17.35 -22.34
C GLN A 62 -44.02 -17.04 -22.93
N TYR A 63 -44.09 -16.93 -24.25
CA TYR A 63 -45.35 -16.63 -24.94
C TYR A 63 -46.45 -17.59 -24.49
N GLY A 64 -46.06 -18.81 -24.13
CA GLY A 64 -47.02 -19.80 -23.70
C GLY A 64 -47.19 -19.82 -22.19
N GLU A 65 -47.94 -18.86 -21.66
CA GLU A 65 -48.18 -18.77 -20.23
C GLU A 65 -46.85 -18.76 -19.46
N PRO A 1 37.20 25.90 14.29
CA PRO A 1 37.87 24.73 14.85
C PRO A 1 37.25 23.42 14.37
N ARG A 2 35.93 23.40 14.22
CA ARG A 2 35.23 22.22 13.77
C ARG A 2 34.72 22.40 12.34
N ASN A 3 35.35 21.70 11.40
CA ASN A 3 34.96 21.78 10.00
C ASN A 3 35.24 20.47 9.27
N THR A 4 34.95 20.43 7.98
CA THR A 4 35.17 19.23 7.18
C THR A 4 36.66 18.91 7.06
N ARG A 5 37.49 19.94 7.20
CA ARG A 5 38.94 19.77 7.10
C ARG A 5 39.41 18.65 8.03
N GLU A 6 38.71 18.48 9.15
CA GLU A 6 39.06 17.46 10.13
C GLU A 6 37.91 16.47 10.32
N VAL A 7 37.95 15.36 9.59
CA VAL A 7 36.90 14.34 9.69
C VAL A 7 36.64 13.96 11.15
N PHE A 8 37.69 14.04 11.97
CA PHE A 8 37.57 13.70 13.38
C PHE A 8 36.44 14.49 14.05
N ALA A 9 36.31 15.75 13.64
CA ALA A 9 35.27 16.62 14.19
C ALA A 9 33.90 16.24 13.65
N GLN A 10 33.88 15.63 12.47
CA GLN A 10 32.63 15.22 11.84
C GLN A 10 31.83 14.32 12.77
N VAL A 11 32.52 13.63 13.67
CA VAL A 11 31.87 12.73 14.61
C VAL A 11 30.76 13.44 15.38
N LYS A 12 30.93 14.74 15.59
CA LYS A 12 29.94 15.54 16.30
C LYS A 12 28.63 15.60 15.53
N GLN A 13 28.73 15.57 14.19
CA GLN A 13 27.55 15.61 13.34
C GLN A 13 26.56 14.50 13.71
N MET A 14 27.09 13.36 14.13
CA MET A 14 26.26 12.23 14.52
C MET A 14 25.42 12.57 15.74
N TYR A 15 24.18 12.97 15.50
CA TYR A 15 23.27 13.32 16.58
C TYR A 15 21.95 12.55 16.46
N LYS A 16 21.40 12.52 15.25
CA LYS A 16 20.15 11.83 15.00
C LYS A 16 20.26 10.35 15.35
N THR A 17 20.01 10.02 16.62
CA THR A 17 20.10 8.65 17.08
C THR A 17 18.94 8.31 18.02
N PRO A 18 17.73 8.77 17.65
CA PRO A 18 16.52 8.54 18.44
C PRO A 18 16.08 7.08 18.40
N THR A 19 14.89 6.81 18.95
CA THR A 19 14.36 5.46 18.97
C THR A 19 14.39 4.82 17.59
N LEU A 20 15.21 3.78 17.43
CA LEU A 20 15.33 3.09 16.15
C LEU A 20 15.23 1.58 16.35
N LYS A 21 16.00 1.06 17.30
CA LYS A 21 16.00 -0.38 17.59
C LYS A 21 14.92 -0.72 18.60
N TYR A 22 14.06 0.24 18.91
CA TYR A 22 12.98 0.05 19.87
C TYR A 22 11.83 -0.73 19.24
N PHE A 23 11.96 -1.00 17.94
CA PHE A 23 10.92 -1.73 17.21
C PHE A 23 10.90 -3.20 17.62
N GLY A 24 12.05 -3.71 18.04
CA GLY A 24 12.14 -5.09 18.45
C GLY A 24 11.14 -5.45 19.53
N GLY A 25 10.10 -6.18 19.14
CA GLY A 25 9.07 -6.57 20.09
C GLY A 25 7.80 -5.75 19.94
N PHE A 26 7.93 -4.54 19.42
CA PHE A 26 6.79 -3.65 19.23
C PHE A 26 6.32 -3.70 17.77
N ASN A 27 5.16 -3.07 17.52
CA ASN A 27 4.60 -3.04 16.17
C ASN A 27 4.50 -4.44 15.59
N PHE A 28 4.19 -5.41 16.44
CA PHE A 28 4.06 -6.80 16.01
C PHE A 28 2.72 -7.03 15.33
N SER A 29 1.73 -6.23 15.70
CA SER A 29 0.38 -6.36 15.14
C SER A 29 0.28 -5.61 13.82
N GLN A 30 1.40 -5.03 13.39
CA GLN A 30 1.43 -4.27 12.13
C GLN A 30 1.09 -5.18 10.95
N ILE A 31 1.38 -6.47 11.09
CA ILE A 31 1.10 -7.43 10.04
C ILE A 31 -0.37 -7.83 10.01
N LEU A 32 -1.02 -7.70 11.15
CA LEU A 32 -2.44 -8.04 11.27
C LEU A 32 -3.31 -6.90 10.74
N PRO A 33 -4.58 -7.22 10.42
CA PRO A 33 -5.54 -6.24 9.90
C PRO A 33 -5.96 -5.23 10.96
N SER A 34 -6.94 -4.41 10.63
CA SER A 34 -7.45 -3.39 11.55
C SER A 34 -8.55 -2.57 10.91
N PRO A 35 -8.22 -1.88 9.80
CA PRO A 35 -9.17 -1.04 9.07
C PRO A 35 -10.23 -1.86 8.35
N LEU A 36 -11.19 -1.18 7.74
CA LEU A 36 -12.26 -1.85 7.00
C LEU A 36 -12.20 -1.51 5.52
N LYS A 37 -13.12 -2.09 4.76
CA LYS A 37 -13.17 -1.85 3.32
C LYS A 37 -14.45 -2.44 2.72
N PRO A 38 -15.59 -1.78 2.98
CA PRO A 38 -16.89 -2.22 2.47
C PRO A 38 -17.01 -2.03 0.96
N THR A 39 -17.23 -3.14 0.25
CA THR A 39 -17.37 -3.10 -1.20
C THR A 39 -18.80 -2.72 -1.60
N LYS A 40 -19.76 -3.07 -0.76
CA LYS A 40 -21.16 -2.76 -1.02
C LYS A 40 -21.35 -1.28 -1.32
N ARG A 41 -20.54 -0.45 -0.68
CA ARG A 41 -20.62 1.00 -0.88
C ARG A 41 -20.19 1.38 -2.29
N SER A 42 -19.24 0.63 -2.84
CA SER A 42 -18.73 0.89 -4.18
C SER A 42 -19.85 0.79 -5.21
N PHE A 43 -20.17 1.90 -5.84
CA PHE A 43 -21.22 1.95 -6.85
C PHE A 43 -20.78 1.24 -8.13
N ILE A 44 -19.47 1.25 -8.37
CA ILE A 44 -18.90 0.62 -9.56
C ILE A 44 -19.36 -0.83 -9.68
N GLU A 45 -19.57 -1.47 -8.54
CA GLU A 45 -20.01 -2.86 -8.51
C GLU A 45 -21.27 -3.05 -9.34
N ASP A 46 -22.15 -2.05 -9.32
CA ASP A 46 -23.39 -2.10 -10.08
C ASP A 46 -23.15 -1.77 -11.54
N LEU A 47 -22.10 -0.98 -11.81
CA LEU A 47 -21.77 -0.59 -13.18
C LEU A 47 -21.22 -1.77 -13.96
N LEU A 48 -20.64 -2.74 -13.26
CA LEU A 48 -20.07 -3.92 -13.89
C LEU A 48 -21.13 -4.63 -14.74
N PHE A 49 -22.39 -4.44 -14.38
CA PHE A 49 -23.49 -5.07 -15.11
C PHE A 49 -23.42 -4.72 -16.60
N ASN A 50 -22.82 -3.57 -16.90
CA ASN A 50 -22.70 -3.11 -18.28
C ASN A 50 -22.08 -4.20 -19.16
N LYS A 51 -21.24 -5.03 -18.55
CA LYS A 51 -20.59 -6.12 -19.28
C LYS A 51 -21.37 -7.43 -19.13
N VAL A 52 -22.69 -7.32 -19.05
CA VAL A 52 -23.55 -8.49 -18.90
C VAL A 52 -23.88 -9.10 -20.26
N THR A 53 -23.88 -8.27 -21.30
CA THR A 53 -24.18 -8.72 -22.64
C THR A 53 -23.26 -9.86 -23.07
N LEU A 54 -22.08 -9.90 -22.47
CA LEU A 54 -21.10 -10.93 -22.77
C LEU A 54 -21.71 -12.32 -22.66
N ALA A 55 -22.70 -12.46 -21.78
CA ALA A 55 -23.38 -13.73 -21.58
C ALA A 55 -24.39 -13.99 -22.69
N ASP A 56 -25.05 -12.94 -23.14
CA ASP A 56 -26.05 -13.06 -24.20
C ASP A 56 -25.39 -13.44 -25.53
N ALA A 57 -24.16 -12.97 -25.73
CA ALA A 57 -23.42 -13.26 -26.95
C ALA A 57 -23.32 -14.77 -27.18
N GLY A 58 -23.39 -15.53 -26.10
CA GLY A 58 -23.31 -16.98 -26.21
C GLY A 58 -24.36 -17.55 -27.14
N PHE A 59 -25.46 -16.84 -27.28
CA PHE A 59 -26.56 -17.29 -28.14
C PHE A 59 -26.14 -17.24 -29.61
N MET A 60 -25.24 -16.31 -29.94
CA MET A 60 -24.77 -16.15 -31.30
C MET A 60 -24.14 -17.45 -31.81
N LYS A 61 -23.57 -18.23 -30.89
CA LYS A 61 -22.94 -19.50 -31.25
C LYS A 61 -23.94 -20.42 -31.95
N GLN A 62 -25.15 -20.48 -31.42
CA GLN A 62 -26.19 -21.34 -31.99
C GLN A 62 -26.45 -20.96 -33.45
N TYR A 63 -26.76 -19.68 -33.67
CA TYR A 63 -27.04 -19.19 -35.01
C TYR A 63 -25.86 -19.45 -35.95
N GLY A 64 -24.67 -19.54 -35.38
CA GLY A 64 -23.48 -19.79 -36.17
C GLY A 64 -23.41 -21.21 -36.68
N GLU A 65 -22.65 -22.05 -35.99
CA GLU A 65 -22.50 -23.45 -36.37
C GLU A 65 -23.35 -24.36 -35.49
N PRO A 1 24.98 30.34 15.39
CA PRO A 1 26.32 30.39 15.99
C PRO A 1 27.16 29.17 15.64
N ARG A 2 26.57 27.99 15.77
CA ARG A 2 27.26 26.75 15.47
C ARG A 2 26.96 26.29 14.05
N ASN A 3 27.83 25.44 13.50
CA ASN A 3 27.66 24.93 12.15
C ASN A 3 27.29 23.45 12.18
N THR A 4 26.00 23.17 12.26
CA THR A 4 25.53 21.79 12.29
C THR A 4 25.50 21.18 10.89
N ARG A 5 25.48 22.04 9.87
CA ARG A 5 25.46 21.58 8.50
C ARG A 5 26.67 20.72 8.19
N GLU A 6 27.74 20.92 8.94
CA GLU A 6 28.97 20.16 8.75
C GLU A 6 28.81 18.74 9.28
N VAL A 7 27.69 18.48 9.95
CA VAL A 7 27.42 17.16 10.51
C VAL A 7 27.61 16.07 9.47
N PHE A 8 27.37 16.41 8.21
CA PHE A 8 27.52 15.46 7.12
C PHE A 8 28.91 14.83 7.11
N ALA A 9 29.89 15.60 7.58
CA ALA A 9 31.27 15.13 7.64
C ALA A 9 31.54 14.39 8.95
N GLN A 10 30.72 14.65 9.95
CA GLN A 10 30.87 14.01 11.25
C GLN A 10 30.32 12.58 11.22
N VAL A 11 29.44 12.31 10.26
CA VAL A 11 28.85 10.99 10.12
C VAL A 11 29.93 9.90 10.09
N LYS A 12 31.11 10.26 9.58
CA LYS A 12 32.21 9.33 9.49
C LYS A 12 32.96 9.23 10.82
N GLN A 13 33.01 10.35 11.54
CA GLN A 13 33.69 10.40 12.83
C GLN A 13 33.15 9.33 13.77
N MET A 14 31.84 9.09 13.69
CA MET A 14 31.20 8.08 14.54
C MET A 14 30.25 7.21 13.72
N TYR A 15 30.63 5.96 13.50
CA TYR A 15 29.82 5.04 12.73
C TYR A 15 29.33 3.89 13.61
N LYS A 16 30.12 3.54 14.61
CA LYS A 16 29.77 2.46 15.53
C LYS A 16 28.45 2.74 16.22
N THR A 17 27.35 2.36 15.59
CA THR A 17 26.02 2.58 16.15
C THR A 17 25.12 1.37 15.92
N PRO A 18 25.68 0.16 16.11
CA PRO A 18 24.94 -1.08 15.93
C PRO A 18 23.90 -1.30 17.01
N THR A 19 22.68 -1.64 16.59
CA THR A 19 21.58 -1.88 17.51
C THR A 19 20.85 -3.17 17.19
N LEU A 20 20.73 -4.05 18.18
CA LEU A 20 20.04 -5.33 18.00
C LEU A 20 18.69 -5.32 18.68
N LYS A 21 18.69 -5.03 19.98
CA LYS A 21 17.46 -4.99 20.75
C LYS A 21 16.77 -3.63 20.62
N TYR A 22 17.58 -2.59 20.39
CA TYR A 22 17.06 -1.24 20.25
C TYR A 22 16.13 -1.13 19.04
N PHE A 23 16.40 -1.95 18.02
CA PHE A 23 15.60 -1.94 16.81
C PHE A 23 14.55 -3.06 16.85
N GLY A 24 14.09 -3.38 18.06
CA GLY A 24 13.10 -4.43 18.22
C GLY A 24 11.72 -3.87 18.50
N GLY A 25 10.69 -4.57 18.03
CA GLY A 25 9.32 -4.12 18.26
C GLY A 25 8.33 -4.85 17.38
N PHE A 26 7.63 -5.82 17.96
CA PHE A 26 6.65 -6.61 17.23
C PHE A 26 5.28 -6.51 17.89
N ASN A 27 4.24 -6.34 17.07
CA ASN A 27 2.88 -6.23 17.58
C ASN A 27 1.97 -7.27 16.92
N PHE A 28 1.17 -7.95 17.74
CA PHE A 28 0.25 -8.96 17.24
C PHE A 28 -0.93 -8.32 16.51
N SER A 29 -1.24 -7.09 16.88
CA SER A 29 -2.35 -6.37 16.27
C SER A 29 -1.93 -5.75 14.95
N GLN A 30 -0.63 -5.74 14.70
CA GLN A 30 -0.09 -5.17 13.47
C GLN A 30 -0.75 -5.79 12.24
N ILE A 31 -1.22 -7.03 12.39
CA ILE A 31 -1.87 -7.74 11.30
C ILE A 31 -3.24 -7.13 11.00
N LEU A 32 -3.88 -6.60 12.02
CA LEU A 32 -5.19 -5.97 11.87
C LEU A 32 -5.31 -4.71 12.70
N PRO A 33 -4.64 -3.64 12.25
CA PRO A 33 -4.65 -2.34 12.94
C PRO A 33 -6.01 -1.66 12.85
N SER A 34 -6.22 -0.92 11.77
CA SER A 34 -7.49 -0.20 11.57
C SER A 34 -7.58 0.35 10.15
N PRO A 35 -7.79 -0.56 9.18
CA PRO A 35 -7.91 -0.19 7.77
C PRO A 35 -9.19 0.58 7.47
N LEU A 36 -9.08 1.59 6.61
CA LEU A 36 -10.23 2.41 6.24
C LEU A 36 -10.03 3.06 4.88
N LYS A 37 -11.10 3.15 4.12
CA LYS A 37 -11.05 3.75 2.78
C LYS A 37 -12.35 4.46 2.45
N PRO A 38 -12.29 5.41 1.51
CA PRO A 38 -13.45 6.18 1.07
C PRO A 38 -14.44 5.33 0.27
N THR A 39 -15.73 5.56 0.50
CA THR A 39 -16.77 4.81 -0.19
C THR A 39 -17.07 5.43 -1.56
N LYS A 40 -16.79 6.72 -1.69
CA LYS A 40 -17.03 7.42 -2.95
C LYS A 40 -16.33 6.72 -4.11
N ARG A 41 -15.20 6.07 -3.82
CA ARG A 41 -14.45 5.36 -4.83
C ARG A 41 -15.14 4.04 -5.20
N SER A 42 -15.84 3.46 -4.24
CA SER A 42 -16.54 2.20 -4.44
C SER A 42 -17.61 2.35 -5.53
N PHE A 43 -18.10 3.57 -5.70
CA PHE A 43 -19.13 3.85 -6.69
C PHE A 43 -18.72 3.32 -8.06
N ILE A 44 -17.41 3.28 -8.31
CA ILE A 44 -16.89 2.79 -9.58
C ILE A 44 -17.47 1.42 -9.93
N GLU A 45 -17.78 0.64 -8.89
CA GLU A 45 -18.35 -0.69 -9.09
C GLU A 45 -19.57 -0.63 -10.00
N ASP A 46 -20.28 0.49 -9.97
CA ASP A 46 -21.47 0.67 -10.80
C ASP A 46 -21.14 0.47 -12.27
N LEU A 47 -19.89 0.71 -12.63
CA LEU A 47 -19.45 0.56 -14.01
C LEU A 47 -19.62 -0.88 -14.48
N LEU A 48 -19.74 -1.80 -13.52
CA LEU A 48 -19.91 -3.22 -13.84
C LEU A 48 -21.22 -3.45 -14.58
N PHE A 49 -22.12 -2.47 -14.51
CA PHE A 49 -23.41 -2.57 -15.18
C PHE A 49 -23.24 -2.82 -16.67
N ASN A 50 -22.08 -2.43 -17.20
CA ASN A 50 -21.80 -2.62 -18.62
C ASN A 50 -21.41 -4.06 -18.92
N LYS A 51 -21.00 -4.78 -17.89
CA LYS A 51 -20.61 -6.19 -18.03
C LYS A 51 -21.78 -7.11 -17.73
N VAL A 52 -22.97 -6.70 -18.13
CA VAL A 52 -24.17 -7.50 -17.89
C VAL A 52 -23.98 -8.94 -18.38
N THR A 53 -24.45 -9.89 -17.58
CA THR A 53 -24.32 -11.30 -17.93
C THR A 53 -25.50 -11.75 -18.80
N LEU A 54 -26.62 -11.07 -18.67
CA LEU A 54 -27.82 -11.40 -19.45
C LEU A 54 -27.54 -11.27 -20.94
N ALA A 55 -26.66 -10.35 -21.30
CA ALA A 55 -26.30 -10.13 -22.70
C ALA A 55 -25.43 -11.25 -23.23
N ASP A 56 -24.70 -11.91 -22.32
CA ASP A 56 -23.83 -13.01 -22.70
C ASP A 56 -24.63 -14.27 -23.01
N ALA A 57 -25.80 -14.38 -22.40
CA ALA A 57 -26.67 -15.52 -22.60
C ALA A 57 -26.96 -15.74 -24.09
N GLY A 58 -27.38 -14.68 -24.76
CA GLY A 58 -27.67 -14.77 -26.19
C GLY A 58 -26.49 -15.27 -26.99
N PHE A 59 -25.29 -15.06 -26.47
CA PHE A 59 -24.07 -15.49 -27.15
C PHE A 59 -24.07 -17.00 -27.35
N MET A 60 -24.76 -17.71 -26.48
CA MET A 60 -24.84 -19.16 -26.55
C MET A 60 -25.26 -19.61 -27.95
N LYS A 61 -26.08 -18.79 -28.61
CA LYS A 61 -26.56 -19.10 -29.94
C LYS A 61 -25.41 -19.45 -30.87
N GLN A 62 -24.27 -18.78 -30.67
CA GLN A 62 -23.08 -19.03 -31.49
C GLN A 62 -22.42 -20.34 -31.10
N TYR A 63 -22.32 -20.59 -29.80
CA TYR A 63 -21.69 -21.81 -29.31
C TYR A 63 -22.48 -23.04 -29.74
N GLY A 64 -23.79 -22.86 -29.94
CA GLY A 64 -24.64 -23.96 -30.35
C GLY A 64 -24.13 -24.64 -31.61
N GLU A 65 -24.14 -23.91 -32.72
CA GLU A 65 -23.69 -24.44 -33.99
C GLU A 65 -24.54 -25.63 -34.42
N PRO A 1 45.86 13.35 4.64
CA PRO A 1 47.24 13.44 5.12
C PRO A 1 47.32 13.83 6.59
N ARG A 2 46.58 14.88 6.96
CA ARG A 2 46.57 15.36 8.34
C ARG A 2 45.33 16.21 8.60
N ASN A 3 45.10 16.51 9.88
CA ASN A 3 43.94 17.32 10.26
C ASN A 3 44.32 18.35 11.32
N THR A 4 45.59 18.75 11.31
CA THR A 4 46.09 19.73 12.27
C THR A 4 45.31 21.03 12.19
N ARG A 5 44.87 21.38 10.98
CA ARG A 5 44.11 22.60 10.76
C ARG A 5 42.62 22.37 11.06
N GLU A 6 42.16 21.14 10.86
CA GLU A 6 40.77 20.79 11.11
C GLU A 6 40.59 20.19 12.49
N VAL A 7 41.03 20.92 13.52
CA VAL A 7 40.92 20.46 14.89
C VAL A 7 39.49 20.00 15.21
N PHE A 8 38.52 20.63 14.56
CA PHE A 8 37.12 20.28 14.77
C PHE A 8 36.90 18.79 14.59
N ALA A 9 37.71 18.17 13.72
CA ALA A 9 37.60 16.74 13.45
C ALA A 9 37.70 15.93 14.75
N GLN A 10 38.35 16.50 15.75
CA GLN A 10 38.52 15.83 17.03
C GLN A 10 37.16 15.39 17.59
N VAL A 11 36.12 16.13 17.23
CA VAL A 11 34.77 15.82 17.71
C VAL A 11 34.41 14.37 17.40
N LYS A 12 35.00 13.82 16.35
CA LYS A 12 34.74 12.44 15.95
C LYS A 12 35.04 11.49 17.11
N GLN A 13 35.94 11.89 17.99
CA GLN A 13 36.32 11.07 19.14
C GLN A 13 35.08 10.68 19.95
N MET A 14 34.05 11.52 19.89
CA MET A 14 32.82 11.25 20.62
C MET A 14 31.91 10.32 19.83
N TYR A 15 31.82 9.07 20.27
CA TYR A 15 30.98 8.08 19.61
C TYR A 15 29.93 7.53 20.55
N LYS A 16 29.32 8.41 21.34
CA LYS A 16 28.29 8.02 22.29
C LYS A 16 27.17 7.25 21.59
N THR A 17 27.00 7.50 20.30
CA THR A 17 25.98 6.83 19.52
C THR A 17 24.58 7.22 20.00
N PRO A 18 24.39 8.52 20.28
CA PRO A 18 23.11 9.06 20.76
C PRO A 18 22.04 9.03 19.67
N THR A 19 21.35 7.90 19.55
CA THR A 19 20.30 7.75 18.55
C THR A 19 19.12 6.95 19.11
N LEU A 20 18.34 7.58 19.97
CA LEU A 20 17.19 6.92 20.58
C LEU A 20 15.95 7.10 19.71
N LYS A 21 15.70 6.13 18.84
CA LYS A 21 14.54 6.16 17.95
C LYS A 21 13.32 5.55 18.62
N TYR A 22 13.45 5.23 19.90
CA TYR A 22 12.35 4.64 20.65
C TYR A 22 11.21 5.64 20.84
N PHE A 23 11.56 6.92 20.85
CA PHE A 23 10.57 7.98 21.02
C PHE A 23 9.72 8.15 19.76
N GLY A 24 10.32 7.84 18.62
CA GLY A 24 9.60 7.95 17.36
C GLY A 24 8.77 6.72 17.05
N GLY A 25 7.47 6.79 17.33
CA GLY A 25 6.59 5.67 17.08
C GLY A 25 5.29 5.76 17.85
N PHE A 26 4.18 5.81 17.13
CA PHE A 26 2.86 5.90 17.75
C PHE A 26 2.08 4.61 17.55
N ASN A 27 0.95 4.50 18.26
CA ASN A 27 0.10 3.32 18.16
C ASN A 27 -1.31 3.70 17.75
N PHE A 28 -1.43 4.70 16.88
CA PHE A 28 -2.73 5.16 16.42
C PHE A 28 -3.40 4.10 15.55
N SER A 29 -2.63 3.51 14.63
CA SER A 29 -3.15 2.49 13.74
C SER A 29 -3.12 1.12 14.41
N GLN A 30 -2.70 1.08 15.67
CA GLN A 30 -2.63 -0.16 16.42
C GLN A 30 -4.02 -0.65 16.80
N ILE A 31 -4.95 0.29 16.92
CA ILE A 31 -6.33 -0.04 17.28
C ILE A 31 -7.31 0.46 16.24
N LEU A 32 -6.83 0.63 15.01
CA LEU A 32 -7.66 1.09 13.91
C LEU A 32 -8.49 -0.05 13.33
N PRO A 33 -9.75 0.24 13.01
CA PRO A 33 -10.68 -0.74 12.45
C PRO A 33 -10.31 -1.12 11.01
N SER A 34 -10.79 -0.33 10.05
CA SER A 34 -10.51 -0.58 8.65
C SER A 34 -10.97 -1.97 8.24
N PRO A 35 -12.30 -2.16 8.14
CA PRO A 35 -12.90 -3.44 7.77
C PRO A 35 -12.66 -3.79 6.31
N LEU A 36 -13.21 -4.90 5.87
CA LEU A 36 -13.06 -5.35 4.49
C LEU A 36 -14.39 -5.33 3.76
N LYS A 37 -14.34 -5.14 2.44
CA LYS A 37 -15.54 -5.11 1.62
C LYS A 37 -15.19 -5.02 0.14
N PRO A 38 -14.71 -6.15 -0.42
CA PRO A 38 -14.33 -6.23 -1.83
C PRO A 38 -15.54 -6.16 -2.76
N THR A 39 -15.33 -5.61 -3.95
CA THR A 39 -16.40 -5.49 -4.94
C THR A 39 -16.55 -6.77 -5.75
N LYS A 40 -15.48 -7.56 -5.79
CA LYS A 40 -15.50 -8.82 -6.54
C LYS A 40 -16.60 -9.75 -6.02
N ARG A 41 -17.02 -9.53 -4.78
CA ARG A 41 -18.06 -10.35 -4.16
C ARG A 41 -19.44 -9.78 -4.48
N SER A 42 -19.49 -8.78 -5.34
CA SER A 42 -20.74 -8.15 -5.72
C SER A 42 -21.66 -9.14 -6.44
N PHE A 43 -22.87 -9.31 -5.91
CA PHE A 43 -23.83 -10.23 -6.50
C PHE A 43 -24.42 -9.66 -7.78
N ILE A 44 -24.46 -8.33 -7.87
CA ILE A 44 -25.00 -7.66 -9.04
C ILE A 44 -24.20 -8.01 -10.29
N GLU A 45 -22.88 -7.93 -10.19
CA GLU A 45 -22.00 -8.23 -11.31
C GLU A 45 -22.10 -9.71 -11.69
N ASP A 46 -22.68 -10.50 -10.79
CA ASP A 46 -22.84 -11.93 -11.03
C ASP A 46 -24.12 -12.21 -11.81
N LEU A 47 -25.15 -11.43 -11.54
CA LEU A 47 -26.44 -11.59 -12.22
C LEU A 47 -26.26 -11.56 -13.73
N LEU A 48 -25.25 -10.84 -14.19
CA LEU A 48 -24.96 -10.74 -15.62
C LEU A 48 -24.30 -12.00 -16.14
N PHE A 49 -23.54 -12.66 -15.28
CA PHE A 49 -22.85 -13.89 -15.64
C PHE A 49 -23.83 -15.04 -15.81
N ASN A 50 -24.81 -15.11 -14.90
CA ASN A 50 -25.82 -16.16 -14.94
C ASN A 50 -26.79 -15.95 -16.10
N LYS A 51 -27.28 -14.72 -16.23
CA LYS A 51 -28.21 -14.38 -17.30
C LYS A 51 -27.53 -14.46 -18.66
N VAL A 52 -26.22 -14.23 -18.69
CA VAL A 52 -25.45 -14.28 -19.92
C VAL A 52 -25.93 -13.23 -20.90
N THR A 53 -25.60 -11.97 -20.64
CA THR A 53 -26.01 -10.86 -21.50
C THR A 53 -25.28 -10.94 -22.85
N LEU A 54 -24.11 -11.56 -22.85
CA LEU A 54 -23.33 -11.69 -24.07
C LEU A 54 -24.15 -12.32 -25.20
N ALA A 55 -25.13 -13.14 -24.81
CA ALA A 55 -25.99 -13.81 -25.78
C ALA A 55 -26.59 -12.79 -26.75
N ASP A 56 -26.79 -11.57 -26.28
CA ASP A 56 -27.35 -10.51 -27.12
C ASP A 56 -26.54 -10.33 -28.39
N ALA A 57 -25.22 -10.42 -28.26
CA ALA A 57 -24.33 -10.26 -29.40
C ALA A 57 -24.45 -11.44 -30.36
N GLY A 58 -24.85 -12.59 -29.82
CA GLY A 58 -25.00 -13.77 -30.65
C GLY A 58 -26.26 -13.74 -31.50
N PHE A 59 -27.35 -13.25 -30.91
CA PHE A 59 -28.62 -13.16 -31.62
C PHE A 59 -28.49 -12.31 -32.88
N MET A 60 -27.60 -11.33 -32.82
CA MET A 60 -27.37 -10.45 -33.96
C MET A 60 -26.95 -11.24 -35.20
N LYS A 61 -26.15 -12.28 -34.98
CA LYS A 61 -25.67 -13.12 -36.07
C LYS A 61 -26.80 -14.00 -36.61
N GLN A 62 -27.70 -14.39 -35.72
CA GLN A 62 -28.83 -15.24 -36.10
C GLN A 62 -29.91 -14.43 -36.81
N TYR A 63 -29.97 -13.13 -36.49
CA TYR A 63 -30.96 -12.25 -37.09
C TYR A 63 -30.94 -12.35 -38.61
N GLY A 64 -29.75 -12.58 -39.16
CA GLY A 64 -29.61 -12.69 -40.60
C GLY A 64 -30.50 -13.78 -41.18
N GLU A 65 -31.19 -13.46 -42.28
CA GLU A 65 -32.08 -14.42 -42.93
C GLU A 65 -31.41 -15.03 -44.15
N PRO A 1 27.23 17.52 4.77
CA PRO A 1 28.56 18.15 4.88
C PRO A 1 29.04 18.24 6.32
N ARG A 2 30.28 18.67 6.49
CA ARG A 2 30.86 18.80 7.83
C ARG A 2 30.59 20.18 8.40
N ASN A 3 29.59 20.26 9.28
CA ASN A 3 29.21 21.52 9.91
C ASN A 3 30.39 22.11 10.68
N THR A 4 30.50 23.43 10.64
CA THR A 4 31.58 24.13 11.34
C THR A 4 31.32 24.19 12.85
N ARG A 5 30.05 24.26 13.22
CA ARG A 5 29.67 24.32 14.62
C ARG A 5 29.60 22.92 15.23
N GLU A 6 28.95 22.01 14.50
CA GLU A 6 28.81 20.64 14.97
C GLU A 6 29.83 19.72 14.29
N VAL A 7 31.10 20.00 14.51
CA VAL A 7 32.18 19.21 13.93
C VAL A 7 31.96 17.72 14.18
N PHE A 8 31.34 17.41 15.31
CA PHE A 8 31.07 16.02 15.67
C PHE A 8 30.33 15.30 14.56
N ALA A 9 29.51 16.04 13.81
CA ALA A 9 28.75 15.48 12.71
C ALA A 9 29.67 14.85 11.67
N GLN A 10 30.93 15.25 11.68
CA GLN A 10 31.90 14.74 10.73
C GLN A 10 31.94 13.21 10.77
N VAL A 11 31.69 12.65 11.95
CA VAL A 11 31.70 11.21 12.12
C VAL A 11 30.51 10.56 11.42
N LYS A 12 29.41 11.31 11.33
CA LYS A 12 28.20 10.82 10.68
C LYS A 12 28.43 10.60 9.19
N GLN A 13 29.36 11.37 8.62
CA GLN A 13 29.67 11.27 7.20
C GLN A 13 30.05 9.84 6.84
N MET A 14 30.58 9.10 7.81
CA MET A 14 30.98 7.72 7.59
C MET A 14 29.87 6.76 8.01
N TYR A 15 29.24 7.06 9.14
CA TYR A 15 28.16 6.21 9.65
C TYR A 15 26.83 6.95 9.61
N LYS A 16 26.18 6.95 8.46
CA LYS A 16 24.90 7.63 8.30
C LYS A 16 23.89 7.12 9.32
N THR A 17 24.09 5.89 9.79
CA THR A 17 23.20 5.29 10.78
C THR A 17 21.81 5.08 10.19
N PRO A 18 21.76 4.59 8.94
CA PRO A 18 20.50 4.33 8.24
C PRO A 18 19.74 3.15 8.84
N THR A 19 18.48 3.38 9.20
CA THR A 19 17.66 2.32 9.78
C THR A 19 16.46 2.01 8.89
N LEU A 20 16.40 0.78 8.39
CA LEU A 20 15.30 0.36 7.53
C LEU A 20 14.60 -0.87 8.10
N LYS A 21 14.39 -0.86 9.42
CA LYS A 21 13.73 -1.97 10.10
C LYS A 21 12.22 -1.76 10.11
N TYR A 22 11.75 -0.75 9.37
CA TYR A 22 10.32 -0.45 9.30
C TYR A 22 9.54 -1.68 8.84
N PHE A 23 10.21 -2.58 8.13
CA PHE A 23 9.56 -3.79 7.63
C PHE A 23 9.28 -4.76 8.77
N GLY A 24 10.08 -4.67 9.83
CA GLY A 24 9.89 -5.55 10.97
C GLY A 24 8.82 -5.05 11.92
N GLY A 25 7.57 -5.15 11.49
CA GLY A 25 6.46 -4.70 12.32
C GLY A 25 5.15 -5.34 11.93
N PHE A 26 4.83 -6.47 12.56
CA PHE A 26 3.59 -7.19 12.28
C PHE A 26 2.40 -6.50 12.95
N ASN A 27 1.25 -6.54 12.28
CA ASN A 27 0.04 -5.92 12.81
C ASN A 27 -1.05 -6.97 13.01
N PHE A 28 -1.77 -6.85 14.12
CA PHE A 28 -2.84 -7.78 14.45
C PHE A 28 -4.11 -7.44 13.68
N SER A 29 -4.26 -6.15 13.35
CA SER A 29 -5.43 -5.69 12.62
C SER A 29 -5.25 -5.88 11.12
N GLN A 30 -4.12 -6.48 10.74
CA GLN A 30 -3.83 -6.72 9.33
C GLN A 30 -4.23 -8.13 8.93
N ILE A 31 -4.14 -9.06 9.88
CA ILE A 31 -4.49 -10.45 9.62
C ILE A 31 -5.96 -10.72 9.93
N LEU A 32 -6.50 -9.97 10.90
CA LEU A 32 -7.90 -10.13 11.29
C LEU A 32 -8.78 -9.10 10.58
N PRO A 33 -10.08 -9.37 10.54
CA PRO A 33 -11.06 -8.49 9.89
C PRO A 33 -11.26 -7.19 10.67
N SER A 34 -11.06 -6.07 9.99
CA SER A 34 -11.22 -4.76 10.62
C SER A 34 -12.66 -4.28 10.52
N PRO A 35 -13.03 -3.32 11.38
CA PRO A 35 -14.38 -2.76 11.41
C PRO A 35 -14.68 -1.90 10.19
N LEU A 36 -13.77 -1.00 9.86
CA LEU A 36 -13.93 -0.13 8.70
C LEU A 36 -13.08 -0.60 7.53
N LYS A 37 -13.71 -0.73 6.37
CA LYS A 37 -13.02 -1.18 5.16
C LYS A 37 -13.25 -0.19 4.01
N PRO A 38 -12.29 -0.15 3.06
CA PRO A 38 -12.37 0.72 1.90
C PRO A 38 -13.45 0.29 0.92
N THR A 39 -13.84 -0.97 0.99
CA THR A 39 -14.87 -1.52 0.11
C THR A 39 -16.27 -1.25 0.66
N LYS A 40 -16.32 -0.56 1.80
CA LYS A 40 -17.60 -0.23 2.43
C LYS A 40 -18.27 0.94 1.73
N ARG A 41 -17.55 2.06 1.64
CA ARG A 41 -18.08 3.26 1.00
C ARG A 41 -17.71 3.29 -0.48
N SER A 42 -17.12 2.19 -0.96
CA SER A 42 -16.71 2.09 -2.36
C SER A 42 -17.91 1.83 -3.26
N PHE A 43 -18.61 2.90 -3.62
CA PHE A 43 -19.78 2.79 -4.49
C PHE A 43 -19.38 2.44 -5.91
N ILE A 44 -18.16 2.81 -6.28
CA ILE A 44 -17.65 2.54 -7.62
C ILE A 44 -17.78 1.06 -7.96
N GLU A 45 -17.68 0.20 -6.96
CA GLU A 45 -17.79 -1.24 -7.15
C GLU A 45 -19.10 -1.59 -7.84
N ASP A 46 -20.11 -0.74 -7.67
CA ASP A 46 -21.41 -0.96 -8.28
C ASP A 46 -21.29 -1.02 -9.81
N LEU A 47 -20.21 -0.46 -10.33
CA LEU A 47 -19.98 -0.46 -11.78
C LEU A 47 -19.88 -1.88 -12.32
N LEU A 48 -19.63 -2.83 -11.43
CA LEU A 48 -19.51 -4.23 -11.81
C LEU A 48 -20.84 -4.76 -12.34
N PHE A 49 -21.91 -4.04 -12.07
CA PHE A 49 -23.24 -4.43 -12.53
C PHE A 49 -23.28 -4.53 -14.05
N ASN A 50 -22.33 -3.88 -14.71
CA ASN A 50 -22.27 -3.89 -16.16
C ASN A 50 -21.50 -5.12 -16.66
N LYS A 51 -21.08 -5.97 -15.72
CA LYS A 51 -20.34 -7.17 -16.06
C LYS A 51 -21.14 -8.06 -17.01
N VAL A 52 -22.46 -8.10 -16.81
CA VAL A 52 -23.33 -8.91 -17.66
C VAL A 52 -24.74 -8.31 -17.71
N THR A 53 -24.89 -7.24 -18.49
CA THR A 53 -26.17 -6.58 -18.63
C THR A 53 -26.98 -7.19 -19.77
N LEU A 54 -26.66 -6.81 -20.99
CA LEU A 54 -27.35 -7.32 -22.17
C LEU A 54 -26.46 -8.27 -22.97
N ALA A 55 -25.50 -7.70 -23.69
CA ALA A 55 -24.58 -8.49 -24.49
C ALA A 55 -23.32 -8.83 -23.71
N ASP A 56 -23.04 -8.04 -22.68
CA ASP A 56 -21.86 -8.25 -21.84
C ASP A 56 -21.78 -9.71 -21.39
N ALA A 57 -22.93 -10.36 -21.30
CA ALA A 57 -22.99 -11.76 -20.88
C ALA A 57 -22.03 -12.62 -21.71
N GLY A 58 -21.86 -12.24 -22.96
CA GLY A 58 -20.97 -12.99 -23.85
C GLY A 58 -19.51 -12.68 -23.59
N PHE A 59 -19.24 -11.47 -23.13
CA PHE A 59 -17.86 -11.04 -22.85
C PHE A 59 -17.28 -11.83 -21.68
N MET A 60 -18.14 -12.31 -20.80
CA MET A 60 -17.72 -13.08 -19.65
C MET A 60 -16.89 -14.29 -20.07
N LYS A 61 -17.14 -14.76 -21.28
CA LYS A 61 -16.42 -15.92 -21.82
C LYS A 61 -14.94 -15.60 -22.01
N GLN A 62 -14.63 -14.31 -22.05
CA GLN A 62 -13.24 -13.87 -22.23
C GLN A 62 -12.46 -14.00 -20.93
N TYR A 63 -13.16 -14.35 -19.85
CA TYR A 63 -12.53 -14.51 -18.55
C TYR A 63 -11.32 -15.43 -18.63
N GLY A 64 -11.37 -16.38 -19.56
CA GLY A 64 -10.27 -17.31 -19.74
C GLY A 64 -9.97 -17.59 -21.20
N GLU A 65 -10.49 -18.70 -21.70
CA GLU A 65 -10.28 -19.08 -23.09
C GLU A 65 -11.60 -19.10 -23.86
N PRO A 1 50.86 19.00 13.28
CA PRO A 1 50.16 20.26 13.60
C PRO A 1 49.51 20.89 12.38
N ARG A 2 49.26 20.06 11.36
CA ARG A 2 48.64 20.55 10.14
C ARG A 2 47.27 19.90 9.92
N ASN A 3 47.24 18.58 9.93
CA ASN A 3 46.00 17.85 9.74
C ASN A 3 45.66 17.02 10.98
N THR A 4 46.13 17.47 12.14
CA THR A 4 45.88 16.78 13.40
C THR A 4 44.45 17.01 13.88
N ARG A 5 43.98 18.25 13.72
CA ARG A 5 42.62 18.60 14.14
C ARG A 5 41.61 17.66 13.53
N GLU A 6 41.80 17.33 12.25
CA GLU A 6 40.88 16.44 11.55
C GLU A 6 39.44 16.93 11.66
N VAL A 7 39.25 18.22 11.42
CA VAL A 7 37.92 18.83 11.49
C VAL A 7 36.91 18.03 10.66
N PHE A 8 37.40 17.42 9.58
CA PHE A 8 36.54 16.63 8.71
C PHE A 8 35.85 15.51 9.49
N ALA A 9 36.61 14.85 10.36
CA ALA A 9 36.07 13.77 11.16
C ALA A 9 35.16 14.30 12.28
N GLN A 10 35.45 15.52 12.72
CA GLN A 10 34.66 16.14 13.79
C GLN A 10 33.22 16.33 13.34
N VAL A 11 33.01 16.48 12.05
CA VAL A 11 31.68 16.67 11.49
C VAL A 11 30.82 15.42 11.70
N LYS A 12 31.44 14.25 11.58
CA LYS A 12 30.74 12.99 11.76
C LYS A 12 30.47 12.72 13.23
N GLN A 13 31.38 13.16 14.09
CA GLN A 13 31.24 12.96 15.53
C GLN A 13 29.91 13.51 16.03
N MET A 14 29.46 14.60 15.42
CA MET A 14 28.20 15.23 15.80
C MET A 14 27.05 14.66 14.97
N TYR A 15 26.78 13.38 15.16
CA TYR A 15 25.69 12.71 14.43
C TYR A 15 24.76 11.98 15.39
N LYS A 16 24.66 12.50 16.61
CA LYS A 16 23.80 11.91 17.62
C LYS A 16 22.34 11.85 17.15
N THR A 17 22.00 10.79 16.44
CA THR A 17 20.64 10.62 15.93
C THR A 17 20.18 9.17 16.06
N PRO A 18 20.48 8.56 17.21
CA PRO A 18 20.10 7.18 17.49
C PRO A 18 18.60 7.01 17.69
N THR A 19 17.88 6.81 16.59
CA THR A 19 16.44 6.65 16.65
C THR A 19 15.94 5.78 15.49
N LEU A 20 15.41 4.61 15.82
CA LEU A 20 14.91 3.68 14.81
C LEU A 20 13.39 3.53 14.93
N LYS A 21 12.68 3.87 13.86
CA LYS A 21 11.23 3.76 13.85
C LYS A 21 10.79 2.30 13.96
N TYR A 22 11.64 1.39 13.51
CA TYR A 22 11.34 -0.04 13.56
C TYR A 22 10.95 -0.45 14.98
N PHE A 23 11.54 0.21 15.97
CA PHE A 23 11.25 -0.09 17.37
C PHE A 23 9.87 0.43 17.76
N GLY A 24 9.52 1.60 17.27
CA GLY A 24 8.24 2.20 17.57
C GLY A 24 7.14 1.71 16.65
N GLY A 25 6.06 2.50 16.54
CA GLY A 25 4.96 2.13 15.68
C GLY A 25 3.62 2.29 16.36
N PHE A 26 2.56 2.37 15.57
CA PHE A 26 1.21 2.54 16.10
C PHE A 26 0.40 1.26 15.94
N ASN A 27 -0.69 1.15 16.69
CA ASN A 27 -1.55 -0.02 16.63
C ASN A 27 -2.90 0.31 16.01
N PHE A 28 -3.45 -0.62 15.24
CA PHE A 28 -4.73 -0.43 14.58
C PHE A 28 -5.87 -0.47 15.59
N SER A 29 -5.66 -1.18 16.69
CA SER A 29 -6.67 -1.32 17.73
C SER A 29 -7.15 0.06 18.20
N GLN A 30 -6.24 1.02 18.19
CA GLN A 30 -6.56 2.38 18.62
C GLN A 30 -7.61 3.00 17.70
N ILE A 31 -7.54 2.66 16.41
CA ILE A 31 -8.50 3.18 15.44
C ILE A 31 -9.84 2.47 15.55
N LEU A 32 -9.80 1.16 15.72
CA LEU A 32 -11.02 0.37 15.84
C LEU A 32 -10.71 -1.03 16.38
N PRO A 33 -11.73 -1.70 16.94
CA PRO A 33 -11.60 -3.05 17.49
C PRO A 33 -11.36 -4.10 16.41
N SER A 34 -12.45 -4.60 15.83
CA SER A 34 -12.37 -5.62 14.79
C SER A 34 -13.76 -5.98 14.27
N PRO A 35 -14.39 -5.03 13.56
CA PRO A 35 -15.72 -5.22 13.00
C PRO A 35 -15.72 -6.23 11.85
N LEU A 36 -16.58 -7.23 11.94
CA LEU A 36 -16.68 -8.26 10.91
C LEU A 36 -17.82 -7.94 9.94
N LYS A 37 -17.47 -7.74 8.68
CA LYS A 37 -18.46 -7.44 7.65
C LYS A 37 -18.54 -8.56 6.62
N PRO A 38 -19.77 -8.94 6.24
CA PRO A 38 -20.01 -10.00 5.25
C PRO A 38 -19.60 -9.58 3.85
N THR A 39 -18.58 -10.25 3.31
CA THR A 39 -18.09 -9.94 1.98
C THR A 39 -19.03 -10.48 0.91
N LYS A 40 -19.79 -11.51 1.27
CA LYS A 40 -20.74 -12.11 0.34
C LYS A 40 -21.82 -11.12 -0.07
N ARG A 41 -22.10 -10.16 0.82
CA ARG A 41 -23.10 -9.15 0.55
C ARG A 41 -22.49 -7.94 -0.16
N SER A 42 -21.23 -8.07 -0.56
CA SER A 42 -20.52 -7.00 -1.25
C SER A 42 -21.31 -6.52 -2.47
N PHE A 43 -21.50 -5.22 -2.57
CA PHE A 43 -22.24 -4.63 -3.68
C PHE A 43 -21.39 -4.59 -4.94
N ILE A 44 -20.08 -4.46 -4.76
CA ILE A 44 -19.15 -4.40 -5.88
C ILE A 44 -19.29 -5.63 -6.77
N GLU A 45 -19.77 -6.72 -6.18
CA GLU A 45 -19.94 -7.96 -6.93
C GLU A 45 -20.86 -7.76 -8.13
N ASP A 46 -21.79 -6.82 -8.00
CA ASP A 46 -22.73 -6.52 -9.07
C ASP A 46 -21.99 -6.12 -10.34
N LEU A 47 -20.87 -5.44 -10.18
CA LEU A 47 -20.06 -5.00 -11.31
C LEU A 47 -19.55 -6.19 -12.11
N LEU A 48 -19.10 -7.23 -11.41
CA LEU A 48 -18.59 -8.43 -12.05
C LEU A 48 -19.63 -9.02 -13.02
N PHE A 49 -20.88 -9.02 -12.58
CA PHE A 49 -21.97 -9.55 -13.40
C PHE A 49 -22.41 -8.54 -14.44
N ASN A 50 -22.29 -7.26 -14.10
CA ASN A 50 -22.68 -6.18 -15.00
C ASN A 50 -21.78 -6.16 -16.24
N LYS A 51 -20.56 -6.66 -16.08
CA LYS A 51 -19.60 -6.69 -17.19
C LYS A 51 -19.62 -8.05 -17.88
N VAL A 52 -20.80 -8.65 -17.97
CA VAL A 52 -20.95 -9.95 -18.60
C VAL A 52 -20.52 -9.90 -20.06
N THR A 53 -19.73 -10.89 -20.48
CA THR A 53 -19.25 -10.95 -21.85
C THR A 53 -20.27 -11.63 -22.76
N LEU A 54 -21.11 -12.47 -22.18
CA LEU A 54 -22.14 -13.17 -22.95
C LEU A 54 -22.99 -12.19 -23.74
N ALA A 55 -23.13 -10.97 -23.23
CA ALA A 55 -23.91 -9.94 -23.90
C ALA A 55 -23.40 -9.70 -25.31
N ASP A 56 -22.11 -9.96 -25.52
CA ASP A 56 -21.50 -9.77 -26.84
C ASP A 56 -21.86 -10.91 -27.78
N ALA A 57 -22.15 -12.08 -27.20
CA ALA A 57 -22.51 -13.25 -27.99
C ALA A 57 -23.69 -12.95 -28.91
N GLY A 58 -24.61 -12.12 -28.43
CA GLY A 58 -25.78 -11.77 -29.22
C GLY A 58 -25.41 -11.20 -30.57
N PHE A 59 -24.27 -10.50 -30.63
CA PHE A 59 -23.81 -9.90 -31.88
C PHE A 59 -23.41 -10.97 -32.89
N MET A 60 -23.02 -12.14 -32.38
CA MET A 60 -22.61 -13.25 -33.23
C MET A 60 -23.67 -13.54 -34.29
N LYS A 61 -24.93 -13.29 -33.94
CA LYS A 61 -26.04 -13.53 -34.85
C LYS A 61 -25.91 -12.67 -36.10
N GLN A 62 -25.42 -11.46 -35.92
CA GLN A 62 -25.24 -10.54 -37.04
C GLN A 62 -23.97 -10.87 -37.82
N TYR A 63 -23.00 -11.47 -37.14
CA TYR A 63 -21.74 -11.85 -37.77
C TYR A 63 -21.98 -12.69 -39.01
N GLY A 64 -23.02 -13.51 -38.98
CA GLY A 64 -23.34 -14.36 -40.10
C GLY A 64 -24.30 -13.71 -41.07
N GLU A 65 -23.84 -13.45 -42.29
CA GLU A 65 -24.68 -12.82 -43.30
C GLU A 65 -25.90 -13.68 -43.61
N PRO A 1 19.02 18.63 -4.23
CA PRO A 1 20.39 18.71 -3.73
C PRO A 1 20.53 18.11 -2.33
N ARG A 2 21.51 17.23 -2.16
CA ARG A 2 21.75 16.59 -0.87
C ARG A 2 22.45 17.54 0.09
N ASN A 3 22.33 17.27 1.38
CA ASN A 3 22.95 18.10 2.41
C ASN A 3 24.28 17.51 2.86
N THR A 4 24.94 16.78 1.96
CA THR A 4 26.23 16.17 2.27
C THR A 4 27.30 17.22 2.50
N ARG A 5 27.11 18.39 1.91
CA ARG A 5 28.06 19.49 2.04
C ARG A 5 28.37 19.76 3.51
N GLU A 6 27.38 19.53 4.37
CA GLU A 6 27.53 19.75 5.80
C GLU A 6 28.25 18.57 6.46
N VAL A 7 29.49 18.34 6.06
CA VAL A 7 30.29 17.25 6.61
C VAL A 7 30.27 17.27 8.13
N PHE A 8 30.29 18.47 8.69
CA PHE A 8 30.28 18.64 10.15
C PHE A 8 29.13 17.85 10.77
N ALA A 9 28.03 17.75 10.04
CA ALA A 9 26.86 17.03 10.52
C ALA A 9 27.22 15.60 10.94
N GLN A 10 28.27 15.06 10.33
CA GLN A 10 28.72 13.71 10.64
C GLN A 10 28.93 13.54 12.14
N VAL A 11 29.29 14.63 12.81
CA VAL A 11 29.53 14.60 14.25
C VAL A 11 28.28 14.12 14.99
N LYS A 12 27.19 14.87 14.86
CA LYS A 12 25.93 14.52 15.51
C LYS A 12 25.30 13.29 14.86
N GLN A 13 25.52 13.15 13.56
CA GLN A 13 24.97 12.01 12.83
C GLN A 13 25.37 10.70 13.46
N MET A 14 26.53 10.69 14.12
CA MET A 14 27.04 9.49 14.76
C MET A 14 26.02 8.96 15.78
N TYR A 15 26.15 7.68 16.11
CA TYR A 15 25.25 7.04 17.06
C TYR A 15 23.82 7.06 16.54
N LYS A 16 23.64 6.64 15.29
CA LYS A 16 22.32 6.61 14.68
C LYS A 16 21.36 5.77 15.50
N THR A 17 21.91 4.87 16.32
CA THR A 17 21.09 4.00 17.16
C THR A 17 19.86 3.51 16.42
N PRO A 18 20.08 2.97 15.21
CA PRO A 18 19.00 2.44 14.37
C PRO A 18 18.39 1.16 14.93
N THR A 19 17.42 0.61 14.22
CA THR A 19 16.76 -0.61 14.65
C THR A 19 16.64 -1.60 13.50
N LEU A 20 16.82 -2.88 13.80
CA LEU A 20 16.74 -3.93 12.80
C LEU A 20 15.28 -4.23 12.45
N LYS A 21 14.87 -3.86 11.25
CA LYS A 21 13.51 -4.09 10.79
C LYS A 21 13.17 -5.57 10.81
N TYR A 22 14.13 -6.40 10.39
CA TYR A 22 13.94 -7.84 10.36
C TYR A 22 13.70 -8.39 11.76
N PHE A 23 14.23 -7.69 12.76
CA PHE A 23 14.08 -8.11 14.14
C PHE A 23 12.67 -7.82 14.66
N GLY A 24 12.07 -6.75 14.15
CA GLY A 24 10.73 -6.38 14.55
C GLY A 24 9.74 -7.53 14.41
N GLY A 25 8.57 -7.37 15.01
CA GLY A 25 7.55 -8.41 14.93
C GLY A 25 6.58 -8.19 13.80
N PHE A 26 5.57 -9.04 13.71
CA PHE A 26 4.56 -8.94 12.65
C PHE A 26 3.20 -8.58 13.23
N ASN A 27 2.24 -8.31 12.35
CA ASN A 27 0.89 -7.95 12.77
C ASN A 27 -0.15 -8.71 11.96
N PHE A 28 -0.78 -9.70 12.59
CA PHE A 28 -1.80 -10.50 11.93
C PHE A 28 -3.12 -9.74 11.83
N SER A 29 -3.35 -8.86 12.78
CA SER A 29 -4.57 -8.06 12.80
C SER A 29 -4.71 -7.22 11.54
N GLN A 30 -3.58 -6.99 10.87
CA GLN A 30 -3.56 -6.20 9.65
C GLN A 30 -4.51 -6.79 8.61
N ILE A 31 -4.76 -8.09 8.72
CA ILE A 31 -5.65 -8.78 7.80
C ILE A 31 -7.07 -8.85 8.35
N LEU A 32 -7.39 -7.94 9.25
CA LEU A 32 -8.73 -7.89 9.85
C LEU A 32 -9.46 -6.61 9.47
N PRO A 33 -9.91 -6.54 8.21
CA PRO A 33 -10.64 -5.38 7.69
C PRO A 33 -12.03 -5.24 8.29
N SER A 34 -12.80 -4.30 7.77
CA SER A 34 -14.16 -4.07 8.27
C SER A 34 -14.99 -3.33 7.23
N PRO A 35 -16.33 -3.41 7.37
CA PRO A 35 -17.27 -2.76 6.46
C PRO A 35 -17.25 -1.25 6.59
N LEU A 36 -18.03 -0.57 5.75
CA LEU A 36 -18.10 0.89 5.77
C LEU A 36 -16.75 1.50 5.45
N LYS A 37 -16.50 1.73 4.16
CA LYS A 37 -15.24 2.32 3.72
C LYS A 37 -15.48 3.33 2.60
N PRO A 38 -16.15 4.44 2.94
CA PRO A 38 -16.46 5.50 1.98
C PRO A 38 -15.21 6.27 1.55
N THR A 39 -14.54 5.77 0.52
CA THR A 39 -13.33 6.40 0.00
C THR A 39 -13.67 7.46 -1.04
N LYS A 40 -14.14 7.01 -2.20
CA LYS A 40 -14.50 7.93 -3.28
C LYS A 40 -15.95 8.37 -3.16
N ARG A 41 -16.87 7.41 -3.24
CA ARG A 41 -18.29 7.70 -3.14
C ARG A 41 -18.84 7.26 -1.79
N SER A 42 -18.70 5.98 -1.48
CA SER A 42 -19.19 5.42 -0.22
C SER A 42 -18.87 3.93 -0.11
N PHE A 43 -19.46 3.29 0.88
CA PHE A 43 -19.24 1.86 1.10
C PHE A 43 -20.02 1.03 0.07
N ILE A 44 -21.15 1.57 -0.37
CA ILE A 44 -21.99 0.88 -1.34
C ILE A 44 -21.22 0.60 -2.62
N GLU A 45 -20.18 1.39 -2.87
CA GLU A 45 -19.36 1.23 -4.06
C GLU A 45 -18.74 -0.16 -4.11
N ASP A 46 -18.63 -0.79 -2.95
CA ASP A 46 -18.06 -2.13 -2.85
C ASP A 46 -18.88 -3.14 -3.65
N LEU A 47 -20.11 -2.76 -3.98
CA LEU A 47 -20.99 -3.64 -4.73
C LEU A 47 -20.39 -3.97 -6.10
N LEU A 48 -19.43 -3.17 -6.53
CA LEU A 48 -18.77 -3.38 -7.81
C LEU A 48 -18.07 -4.74 -7.84
N PHE A 49 -17.84 -5.30 -6.66
CA PHE A 49 -17.17 -6.60 -6.54
C PHE A 49 -17.99 -7.69 -7.24
N ASN A 50 -19.26 -7.40 -7.48
CA ASN A 50 -20.15 -8.37 -8.12
C ASN A 50 -20.37 -8.00 -9.59
N LYS A 51 -20.10 -6.74 -9.93
CA LYS A 51 -20.27 -6.27 -11.29
C LYS A 51 -18.94 -6.30 -12.05
N VAL A 52 -18.08 -7.24 -11.66
CA VAL A 52 -16.78 -7.39 -12.30
C VAL A 52 -16.39 -8.85 -12.44
N THR A 53 -17.41 -9.72 -12.49
CA THR A 53 -17.18 -11.15 -12.62
C THR A 53 -17.05 -11.55 -14.08
N LEU A 54 -18.10 -11.31 -14.86
CA LEU A 54 -18.10 -11.64 -16.28
C LEU A 54 -16.95 -10.96 -17.00
N ALA A 55 -16.51 -9.82 -16.45
CA ALA A 55 -15.41 -9.06 -17.04
C ALA A 55 -14.20 -9.96 -17.29
N ASP A 56 -13.84 -10.76 -16.28
CA ASP A 56 -12.70 -11.66 -16.39
C ASP A 56 -12.91 -12.67 -17.51
N ALA A 57 -14.17 -12.97 -17.80
CA ALA A 57 -14.51 -13.93 -18.84
C ALA A 57 -14.45 -13.28 -20.21
N GLY A 58 -14.79 -11.99 -20.28
CA GLY A 58 -14.77 -11.29 -21.54
C GLY A 58 -13.36 -10.91 -21.97
N PHE A 59 -12.44 -10.86 -21.02
CA PHE A 59 -11.06 -10.52 -21.30
C PHE A 59 -10.47 -11.48 -22.33
N MET A 60 -11.00 -12.69 -22.38
CA MET A 60 -10.52 -13.71 -23.32
C MET A 60 -11.08 -13.45 -24.72
N LYS A 61 -12.31 -12.96 -24.79
CA LYS A 61 -12.96 -12.67 -26.06
C LYS A 61 -12.41 -11.38 -26.66
N GLN A 62 -11.93 -10.49 -25.80
CA GLN A 62 -11.38 -9.21 -26.24
C GLN A 62 -10.32 -9.42 -27.32
N TYR A 63 -9.32 -10.24 -27.01
CA TYR A 63 -8.24 -10.52 -27.96
C TYR A 63 -8.76 -11.29 -29.16
N GLY A 64 -9.69 -12.21 -28.92
CA GLY A 64 -10.26 -13.00 -29.99
C GLY A 64 -9.27 -14.01 -30.56
N GLU A 65 -9.32 -14.21 -31.87
CA GLU A 65 -8.42 -15.15 -32.53
C GLU A 65 -7.29 -14.41 -33.23
N PRO A 1 35.31 18.63 8.86
CA PRO A 1 35.76 17.26 8.64
C PRO A 1 37.22 17.19 8.21
N ARG A 2 38.03 16.46 8.97
CA ARG A 2 39.44 16.32 8.67
C ARG A 2 39.66 15.26 7.59
N ASN A 3 39.27 14.03 7.88
CA ASN A 3 39.42 12.93 6.94
C ASN A 3 38.21 12.00 6.98
N THR A 4 38.02 11.25 5.90
CA THR A 4 36.89 10.33 5.81
C THR A 4 37.13 9.09 6.66
N ARG A 5 38.40 8.74 6.86
CA ARG A 5 38.76 7.57 7.65
C ARG A 5 38.10 7.63 9.03
N GLU A 6 37.89 8.84 9.53
CA GLU A 6 37.25 9.02 10.84
C GLU A 6 35.83 8.49 10.83
N VAL A 7 35.65 7.31 11.42
CA VAL A 7 34.34 6.67 11.50
C VAL A 7 33.29 7.65 12.02
N PHE A 8 33.72 8.55 12.90
CA PHE A 8 32.82 9.54 13.48
C PHE A 8 32.07 10.31 12.39
N ALA A 9 32.74 10.53 11.27
CA ALA A 9 32.14 11.25 10.15
C ALA A 9 31.05 10.42 9.49
N GLN A 10 31.29 9.12 9.36
CA GLN A 10 30.32 8.22 8.74
C GLN A 10 28.97 8.31 9.46
N VAL A 11 29.00 8.59 10.75
CA VAL A 11 27.78 8.71 11.54
C VAL A 11 26.96 9.91 11.09
N LYS A 12 27.64 10.98 10.70
CA LYS A 12 26.96 12.19 10.24
C LYS A 12 26.11 11.91 9.01
N GLN A 13 26.54 10.95 8.21
CA GLN A 13 25.81 10.58 7.00
C GLN A 13 24.36 10.24 7.32
N MET A 14 24.12 9.78 8.53
CA MET A 14 22.77 9.42 8.96
C MET A 14 22.22 10.45 9.94
N TYR A 15 21.94 11.65 9.43
CA TYR A 15 21.41 12.73 10.26
C TYR A 15 20.16 12.27 11.00
N LYS A 16 19.44 11.33 10.41
CA LYS A 16 18.22 10.81 11.03
C LYS A 16 18.51 10.21 12.40
N THR A 17 18.49 11.05 13.42
CA THR A 17 18.75 10.61 14.78
C THR A 17 17.78 11.26 15.77
N PRO A 18 16.50 11.35 15.38
CA PRO A 18 15.47 11.96 16.22
C PRO A 18 15.13 11.12 17.44
N THR A 19 15.14 9.80 17.26
CA THR A 19 14.85 8.88 18.35
C THR A 19 13.56 9.27 19.06
N LEU A 20 12.60 9.79 18.31
CA LEU A 20 11.32 10.21 18.87
C LEU A 20 10.16 9.52 18.15
N LYS A 21 10.42 8.33 17.62
CA LYS A 21 9.40 7.56 16.90
C LYS A 21 8.34 7.04 17.87
N TYR A 22 8.74 6.82 19.12
CA TYR A 22 7.83 6.32 20.13
C TYR A 22 6.60 7.21 20.26
N PHE A 23 6.81 8.52 20.07
CA PHE A 23 5.73 9.48 20.17
C PHE A 23 5.43 10.10 18.80
N GLY A 24 5.73 9.35 17.75
CA GLY A 24 5.49 9.83 16.40
C GLY A 24 4.00 9.94 16.08
N GLY A 25 3.47 11.16 16.17
CA GLY A 25 2.07 11.38 15.88
C GLY A 25 1.16 10.73 16.91
N PHE A 26 -0.05 10.38 16.50
CA PHE A 26 -1.02 9.76 17.39
C PHE A 26 -0.48 8.43 17.90
N ASN A 27 -0.93 8.03 19.09
CA ASN A 27 -0.50 6.78 19.69
C ASN A 27 -1.68 6.03 20.30
N PHE A 28 -2.44 6.72 21.14
CA PHE A 28 -3.61 6.11 21.79
C PHE A 28 -4.60 5.60 20.75
N SER A 29 -4.57 6.20 19.56
CA SER A 29 -5.47 5.79 18.49
C SER A 29 -5.33 4.31 18.20
N GLN A 30 -4.17 3.75 18.48
CA GLN A 30 -3.90 2.34 18.24
C GLN A 30 -4.95 1.48 18.95
N ILE A 31 -5.44 1.95 20.08
CA ILE A 31 -6.44 1.22 20.84
C ILE A 31 -7.82 1.32 20.19
N LEU A 32 -8.02 2.41 19.44
CA LEU A 32 -9.30 2.62 18.76
C LEU A 32 -9.11 2.58 17.23
N PRO A 33 -8.90 1.37 16.70
CA PRO A 33 -8.71 1.17 15.26
C PRO A 33 -9.99 1.40 14.46
N SER A 34 -9.84 1.54 13.16
CA SER A 34 -10.99 1.77 12.29
C SER A 34 -10.57 1.72 10.81
N PRO A 35 -10.22 0.51 10.35
CA PRO A 35 -9.80 0.29 8.97
C PRO A 35 -10.95 0.43 7.98
N LEU A 36 -10.62 0.47 6.69
CA LEU A 36 -11.63 0.60 5.64
C LEU A 36 -11.11 0.06 4.32
N LYS A 37 -10.26 -0.95 4.40
CA LYS A 37 -9.69 -1.57 3.20
C LYS A 37 -10.79 -2.02 2.24
N PRO A 38 -10.42 -2.22 0.96
CA PRO A 38 -11.37 -2.64 -0.07
C PRO A 38 -11.82 -4.09 0.13
N THR A 39 -13.08 -4.35 -0.20
CA THR A 39 -13.65 -5.69 -0.06
C THR A 39 -13.34 -6.55 -1.28
N LYS A 40 -12.60 -5.98 -2.23
CA LYS A 40 -12.24 -6.70 -3.44
C LYS A 40 -11.50 -7.99 -3.11
N ARG A 41 -10.80 -8.00 -1.98
CA ARG A 41 -10.06 -9.18 -1.56
C ARG A 41 -10.99 -10.36 -1.35
N SER A 42 -12.26 -10.08 -1.04
CA SER A 42 -13.24 -11.12 -0.81
C SER A 42 -13.44 -11.97 -2.07
N PHE A 43 -14.16 -13.08 -1.92
CA PHE A 43 -14.41 -13.97 -3.04
C PHE A 43 -15.46 -13.38 -3.99
N ILE A 44 -16.33 -12.54 -3.44
CA ILE A 44 -17.38 -11.90 -4.22
C ILE A 44 -16.80 -11.24 -5.47
N GLU A 45 -15.56 -10.78 -5.37
CA GLU A 45 -14.90 -10.12 -6.48
C GLU A 45 -14.96 -10.98 -7.75
N ASP A 46 -14.84 -12.30 -7.57
CA ASP A 46 -14.89 -13.23 -8.68
C ASP A 46 -16.33 -13.48 -9.12
N LEU A 47 -17.26 -13.32 -8.19
CA LEU A 47 -18.68 -13.53 -8.48
C LEU A 47 -19.15 -12.61 -9.60
N LEU A 48 -18.68 -11.37 -9.57
CA LEU A 48 -19.04 -10.38 -10.58
C LEU A 48 -18.50 -10.78 -11.95
N PHE A 49 -17.38 -11.50 -11.95
CA PHE A 49 -16.76 -11.96 -13.19
C PHE A 49 -17.46 -13.19 -13.73
N ASN A 50 -18.00 -14.01 -12.83
CA ASN A 50 -18.69 -15.23 -13.22
C ASN A 50 -19.85 -14.92 -14.17
N LYS A 51 -20.40 -13.71 -14.04
CA LYS A 51 -21.51 -13.30 -14.89
C LYS A 51 -21.10 -13.28 -16.36
N VAL A 52 -19.81 -13.06 -16.61
CA VAL A 52 -19.29 -13.03 -17.97
C VAL A 52 -20.26 -12.33 -18.92
N THR A 53 -20.89 -11.27 -18.43
CA THR A 53 -21.85 -10.52 -19.23
C THR A 53 -21.17 -9.91 -20.46
N LEU A 54 -19.87 -9.67 -20.36
CA LEU A 54 -19.11 -9.10 -21.46
C LEU A 54 -19.28 -9.93 -22.73
N ALA A 55 -19.55 -11.22 -22.55
CA ALA A 55 -19.74 -12.12 -23.69
C ALA A 55 -20.80 -11.58 -24.65
N ASP A 56 -21.78 -10.87 -24.11
CA ASP A 56 -22.85 -10.30 -24.92
C ASP A 56 -22.29 -9.30 -25.92
N ALA A 57 -21.24 -8.59 -25.53
CA ALA A 57 -20.61 -7.61 -26.41
C ALA A 57 -20.07 -8.26 -27.67
N GLY A 58 -19.72 -9.54 -27.56
CA GLY A 58 -19.19 -10.26 -28.71
C GLY A 58 -20.27 -10.78 -29.63
N PHE A 59 -21.49 -10.90 -29.09
CA PHE A 59 -22.61 -11.39 -29.88
C PHE A 59 -22.95 -10.43 -31.01
N MET A 60 -22.67 -9.15 -30.80
CA MET A 60 -22.93 -8.14 -31.81
C MET A 60 -22.27 -8.49 -33.14
N LYS A 61 -21.18 -9.24 -33.06
CA LYS A 61 -20.46 -9.65 -34.25
C LYS A 61 -21.38 -10.32 -35.25
N GLN A 62 -22.41 -11.01 -34.75
CA GLN A 62 -23.37 -11.69 -35.59
C GLN A 62 -23.99 -10.73 -36.61
N TYR A 63 -24.35 -9.54 -36.14
CA TYR A 63 -24.95 -8.53 -36.99
C TYR A 63 -23.96 -8.05 -38.06
N GLY A 64 -22.68 -8.09 -37.72
CA GLY A 64 -21.66 -7.66 -38.65
C GLY A 64 -21.76 -8.35 -39.99
N GLU A 65 -21.07 -7.82 -40.99
CA GLU A 65 -21.10 -8.39 -42.33
C GLU A 65 -19.90 -9.30 -42.56
N PRO A 1 35.68 4.39 -1.41
CA PRO A 1 36.62 4.28 -0.28
C PRO A 1 36.17 3.26 0.76
N ARG A 2 36.89 3.20 1.87
CA ARG A 2 36.56 2.26 2.94
C ARG A 2 35.49 2.85 3.86
N ASN A 3 35.46 4.18 3.95
CA ASN A 3 34.50 4.85 4.80
C ASN A 3 33.46 5.59 3.97
N THR A 4 32.33 4.93 3.69
CA THR A 4 31.27 5.52 2.91
C THR A 4 30.63 6.70 3.63
N ARG A 5 30.60 6.63 4.95
CA ARG A 5 30.02 7.69 5.76
C ARG A 5 30.93 8.91 5.78
N GLU A 6 32.24 8.67 5.83
CA GLU A 6 33.22 9.75 5.85
C GLU A 6 33.06 10.60 7.12
N VAL A 7 34.11 11.35 7.45
CA VAL A 7 34.09 12.19 8.64
C VAL A 7 32.84 13.07 8.68
N PHE A 8 32.35 13.43 7.50
CA PHE A 8 31.16 14.26 7.40
C PHE A 8 30.01 13.68 8.22
N ALA A 9 30.00 12.36 8.35
CA ALA A 9 28.96 11.68 9.12
C ALA A 9 29.32 11.62 10.60
N GLN A 10 30.62 11.56 10.88
CA GLN A 10 31.09 11.49 12.26
C GLN A 10 30.65 12.72 13.05
N VAL A 11 30.75 13.89 12.42
CA VAL A 11 30.37 15.14 13.06
C VAL A 11 28.90 15.12 13.46
N LYS A 12 28.12 14.30 12.77
CA LYS A 12 26.69 14.18 13.07
C LYS A 12 26.46 13.82 14.53
N GLN A 13 27.45 13.16 15.14
CA GLN A 13 27.36 12.76 16.53
C GLN A 13 27.03 13.96 17.42
N MET A 14 27.43 15.14 16.98
CA MET A 14 27.19 16.37 17.74
C MET A 14 26.89 17.53 16.80
N TYR A 15 26.39 17.22 15.61
CA TYR A 15 26.07 18.24 14.63
C TYR A 15 24.58 18.24 14.31
N LYS A 16 23.94 17.08 14.48
CA LYS A 16 22.51 16.95 14.22
C LYS A 16 21.70 17.90 15.09
N THR A 17 21.52 19.13 14.60
CA THR A 17 20.77 20.14 15.33
C THR A 17 19.30 19.75 15.45
N PRO A 18 18.65 19.57 14.29
CA PRO A 18 17.23 19.19 14.23
C PRO A 18 16.99 17.76 14.71
N THR A 19 15.76 17.28 14.53
CA THR A 19 15.40 15.93 14.96
C THR A 19 14.68 15.19 13.84
N LEU A 20 15.06 13.93 13.62
CA LEU A 20 14.45 13.12 12.58
C LEU A 20 13.03 12.73 12.97
N LYS A 21 12.06 13.43 12.42
CA LYS A 21 10.65 13.14 12.71
C LYS A 21 10.14 11.97 11.88
N TYR A 22 10.77 11.76 10.72
CA TYR A 22 10.40 10.67 9.83
C TYR A 22 10.68 9.33 10.47
N PHE A 23 11.65 9.30 11.37
CA PHE A 23 12.02 8.06 12.06
C PHE A 23 10.95 7.66 13.07
N GLY A 24 10.40 8.65 13.76
CA GLY A 24 9.37 8.37 14.75
C GLY A 24 8.21 7.58 14.17
N GLY A 25 7.58 6.77 15.02
CA GLY A 25 6.45 5.96 14.57
C GLY A 25 5.68 5.35 15.72
N PHE A 26 4.43 5.75 15.86
CA PHE A 26 3.58 5.24 16.93
C PHE A 26 2.31 4.61 16.38
N ASN A 27 1.98 3.42 16.86
CA ASN A 27 0.79 2.71 16.40
C ASN A 27 -0.14 2.41 17.57
N PHE A 28 -0.75 3.46 18.12
CA PHE A 28 -1.67 3.32 19.24
C PHE A 28 -3.04 2.84 18.77
N SER A 29 -3.35 3.11 17.51
CA SER A 29 -4.62 2.72 16.93
C SER A 29 -4.86 1.22 17.10
N GLN A 30 -3.77 0.46 17.17
CA GLN A 30 -3.85 -0.98 17.33
C GLN A 30 -4.74 -1.35 18.52
N ILE A 31 -4.64 -0.57 19.58
CA ILE A 31 -5.45 -0.82 20.78
C ILE A 31 -6.93 -0.64 20.49
N LEU A 32 -7.25 0.24 19.55
CA LEU A 32 -8.63 0.51 19.18
C LEU A 32 -8.91 0.05 17.75
N PRO A 33 -8.98 -1.27 17.55
CA PRO A 33 -9.25 -1.87 16.24
C PRO A 33 -10.67 -1.61 15.76
N SER A 34 -11.03 -2.22 14.63
CA SER A 34 -12.37 -2.05 14.06
C SER A 34 -12.78 -3.31 13.31
N PRO A 35 -14.10 -3.45 13.10
CA PRO A 35 -14.67 -4.61 12.38
C PRO A 35 -14.34 -4.59 10.90
N LEU A 36 -14.89 -5.55 10.16
CA LEU A 36 -14.65 -5.64 8.73
C LEU A 36 -15.95 -5.52 7.94
N LYS A 37 -15.84 -5.22 6.66
CA LYS A 37 -17.01 -5.08 5.80
C LYS A 37 -17.39 -6.42 5.18
N PRO A 38 -18.66 -6.54 4.75
CA PRO A 38 -19.18 -7.76 4.13
C PRO A 38 -18.59 -8.00 2.74
N THR A 39 -17.98 -9.16 2.55
CA THR A 39 -17.37 -9.51 1.27
C THR A 39 -18.44 -9.97 0.27
N LYS A 40 -19.57 -10.44 0.79
CA LYS A 40 -20.65 -10.92 -0.06
C LYS A 40 -21.21 -9.78 -0.91
N ARG A 41 -21.03 -8.55 -0.44
CA ARG A 41 -21.51 -7.38 -1.16
C ARG A 41 -20.89 -7.30 -2.55
N SER A 42 -19.70 -7.89 -2.69
CA SER A 42 -19.00 -7.89 -3.97
C SER A 42 -19.90 -8.41 -5.09
N PHE A 43 -20.13 -7.58 -6.09
CA PHE A 43 -20.98 -7.96 -7.21
C PHE A 43 -20.28 -9.01 -8.08
N ILE A 44 -18.95 -9.02 -8.03
CA ILE A 44 -18.18 -9.98 -8.81
C ILE A 44 -18.61 -11.41 -8.53
N GLU A 45 -19.15 -11.63 -7.34
CA GLU A 45 -19.62 -12.96 -6.95
C GLU A 45 -20.67 -13.48 -7.92
N ASP A 46 -21.37 -12.55 -8.57
CA ASP A 46 -22.41 -12.91 -9.53
C ASP A 46 -21.81 -13.64 -10.72
N LEU A 47 -20.85 -13.01 -11.39
CA LEU A 47 -20.20 -13.60 -12.55
C LEU A 47 -19.18 -14.65 -12.12
N LEU A 48 -18.77 -14.60 -10.86
CA LEU A 48 -17.80 -15.55 -10.33
C LEU A 48 -18.50 -16.80 -9.82
N PHE A 49 -19.82 -16.75 -9.75
CA PHE A 49 -20.61 -17.90 -9.28
C PHE A 49 -20.20 -19.17 -10.01
N ASN A 50 -20.45 -19.20 -11.32
CA ASN A 50 -20.12 -20.37 -12.14
C ASN A 50 -18.99 -20.03 -13.10
N LYS A 51 -19.30 -19.26 -14.14
CA LYS A 51 -18.32 -18.87 -15.14
C LYS A 51 -18.58 -17.46 -15.64
N VAL A 52 -19.79 -17.22 -16.15
CA VAL A 52 -20.17 -15.91 -16.67
C VAL A 52 -18.99 -15.22 -17.32
N THR A 53 -18.70 -15.60 -18.57
CA THR A 53 -17.59 -15.02 -19.32
C THR A 53 -18.02 -13.74 -20.02
N LEU A 54 -19.32 -13.63 -20.31
CA LEU A 54 -19.86 -12.46 -20.99
C LEU A 54 -19.42 -11.17 -20.29
N ALA A 55 -19.23 -11.26 -18.97
CA ALA A 55 -18.83 -10.11 -18.18
C ALA A 55 -17.55 -9.48 -18.76
N ASP A 56 -16.66 -10.33 -19.25
CA ASP A 56 -15.41 -9.85 -19.83
C ASP A 56 -15.50 -9.74 -21.35
N ALA A 57 -16.38 -10.54 -21.94
CA ALA A 57 -16.59 -10.53 -23.38
C ALA A 57 -17.08 -9.17 -23.85
N GLY A 58 -17.61 -8.37 -22.92
CA GLY A 58 -18.09 -7.05 -23.27
C GLY A 58 -16.99 -6.12 -23.71
N PHE A 59 -15.75 -6.50 -23.43
CA PHE A 59 -14.59 -5.69 -23.80
C PHE A 59 -14.60 -5.37 -25.30
N MET A 60 -15.23 -6.24 -26.07
CA MET A 60 -15.32 -6.06 -27.51
C MET A 60 -15.91 -4.69 -27.85
N LYS A 61 -16.76 -4.18 -26.96
CA LYS A 61 -17.39 -2.87 -27.17
C LYS A 61 -16.35 -1.80 -27.42
N GLN A 62 -15.17 -1.97 -26.82
CA GLN A 62 -14.09 -1.01 -26.97
C GLN A 62 -13.65 -0.91 -28.43
N TYR A 63 -13.85 -1.98 -29.18
CA TYR A 63 -13.48 -2.03 -30.59
C TYR A 63 -14.07 -0.83 -31.34
N GLY A 64 -15.31 -0.48 -31.00
CA GLY A 64 -15.97 0.63 -31.64
C GLY A 64 -16.09 0.43 -33.14
N GLU A 65 -15.45 1.32 -33.91
CA GLU A 65 -15.49 1.24 -35.36
C GLU A 65 -14.23 1.85 -35.97
N PRO A 1 41.56 5.68 12.68
CA PRO A 1 40.34 6.49 12.79
C PRO A 1 40.05 7.27 11.51
N ARG A 2 38.84 7.83 11.42
CA ARG A 2 38.45 8.60 10.25
C ARG A 2 38.62 10.09 10.49
N ASN A 3 39.00 10.81 9.43
CA ASN A 3 39.21 12.25 9.54
C ASN A 3 38.00 12.93 10.15
N THR A 4 38.14 13.38 11.40
CA THR A 4 37.06 14.05 12.10
C THR A 4 36.95 15.51 11.66
N ARG A 5 38.04 16.06 11.15
CA ARG A 5 38.05 17.45 10.69
C ARG A 5 36.90 17.72 9.72
N GLU A 6 36.69 16.79 8.78
CA GLU A 6 35.62 16.93 7.80
C GLU A 6 34.28 17.11 8.49
N VAL A 7 33.54 18.14 8.08
CA VAL A 7 32.23 18.42 8.65
C VAL A 7 31.36 17.18 8.66
N PHE A 8 31.53 16.32 7.67
CA PHE A 8 30.76 15.09 7.57
C PHE A 8 30.83 14.30 8.88
N ALA A 9 31.93 14.44 9.59
CA ALA A 9 32.11 13.74 10.87
C ALA A 9 31.32 14.41 11.98
N GLN A 10 31.27 15.74 11.94
CA GLN A 10 30.53 16.51 12.95
C GLN A 10 29.04 16.21 12.88
N VAL A 11 28.47 16.36 11.69
CA VAL A 11 27.04 16.10 11.49
C VAL A 11 26.70 14.65 11.76
N LYS A 12 27.68 13.77 11.56
CA LYS A 12 27.48 12.34 11.78
C LYS A 12 27.09 12.07 13.23
N GLN A 13 27.82 12.68 14.16
CA GLN A 13 27.54 12.51 15.58
C GLN A 13 26.10 12.84 15.90
N MET A 14 25.54 13.80 15.17
CA MET A 14 24.15 14.21 15.38
C MET A 14 23.19 13.26 14.68
N TYR A 15 21.90 13.55 14.79
CA TYR A 15 20.88 12.71 14.17
C TYR A 15 21.07 12.66 12.65
N LYS A 16 21.93 11.74 12.21
CA LYS A 16 22.20 11.58 10.79
C LYS A 16 20.91 11.28 10.02
N THR A 17 20.27 10.17 10.38
CA THR A 17 19.03 9.77 9.72
C THR A 17 18.27 8.76 10.57
N PRO A 18 18.13 9.05 11.87
CA PRO A 18 17.42 8.19 12.81
C PRO A 18 15.92 8.18 12.57
N THR A 19 15.33 6.99 12.59
CA THR A 19 13.90 6.83 12.37
C THR A 19 13.47 7.47 11.05
N LEU A 20 14.20 7.16 9.99
CA LEU A 20 13.90 7.70 8.66
C LEU A 20 12.72 6.97 8.03
N LYS A 21 12.41 7.32 6.79
CA LYS A 21 11.31 6.70 6.07
C LYS A 21 11.78 5.45 5.34
N TYR A 22 13.01 5.04 5.60
CA TYR A 22 13.58 3.86 4.96
C TYR A 22 13.00 2.58 5.57
N PHE A 23 12.20 2.74 6.62
CA PHE A 23 11.58 1.61 7.29
C PHE A 23 10.49 0.99 6.43
N GLY A 24 9.92 1.81 5.54
CA GLY A 24 8.86 1.32 4.67
C GLY A 24 7.49 1.79 5.12
N GLY A 25 6.84 2.59 4.27
CA GLY A 25 5.51 3.09 4.61
C GLY A 25 4.41 2.22 4.05
N PHE A 26 4.28 1.00 4.58
CA PHE A 26 3.26 0.07 4.13
C PHE A 26 2.37 -0.35 5.29
N ASN A 27 1.05 -0.37 5.05
CA ASN A 27 0.09 -0.76 6.07
C ASN A 27 -1.24 -1.14 5.44
N PHE A 28 -2.19 -1.55 6.28
CA PHE A 28 -3.51 -1.95 5.80
C PHE A 28 -4.14 -0.84 4.97
N SER A 29 -3.76 0.40 5.25
CA SER A 29 -4.29 1.55 4.54
C SER A 29 -4.07 1.40 3.03
N GLN A 30 -3.04 0.63 2.66
CA GLN A 30 -2.73 0.41 1.25
C GLN A 30 -3.94 -0.14 0.51
N ILE A 31 -4.80 -0.83 1.23
CA ILE A 31 -6.00 -1.42 0.64
C ILE A 31 -7.27 -0.81 1.23
N LEU A 32 -7.24 -0.55 2.53
CA LEU A 32 -8.39 0.03 3.22
C LEU A 32 -8.00 0.51 4.62
N PRO A 33 -8.79 1.44 5.17
CA PRO A 33 -8.55 2.00 6.51
C PRO A 33 -8.80 0.97 7.61
N SER A 34 -9.95 0.32 7.56
CA SER A 34 -10.32 -0.67 8.55
C SER A 34 -11.70 -1.25 8.27
N PRO A 35 -12.72 -0.37 8.30
CA PRO A 35 -14.11 -0.77 8.04
C PRO A 35 -14.35 -1.16 6.59
N LEU A 36 -15.24 -2.12 6.37
CA LEU A 36 -15.56 -2.57 5.03
C LEU A 36 -16.70 -3.59 5.04
N LYS A 37 -17.74 -3.32 4.26
CA LYS A 37 -18.89 -4.22 4.19
C LYS A 37 -19.30 -4.46 2.74
N PRO A 38 -18.48 -5.25 2.03
CA PRO A 38 -18.74 -5.59 0.63
C PRO A 38 -19.94 -6.51 0.47
N THR A 39 -20.59 -6.43 -0.70
CA THR A 39 -21.76 -7.26 -0.98
C THR A 39 -21.35 -8.63 -1.51
N LYS A 40 -20.16 -8.69 -2.12
CA LYS A 40 -19.65 -9.94 -2.66
C LYS A 40 -19.68 -11.05 -1.62
N ARG A 41 -19.51 -10.67 -0.36
CA ARG A 41 -19.52 -11.62 0.74
C ARG A 41 -20.87 -12.34 0.83
N SER A 42 -21.94 -11.61 0.54
CA SER A 42 -23.28 -12.17 0.60
C SER A 42 -23.46 -13.27 -0.46
N PHE A 43 -24.07 -14.37 -0.06
CA PHE A 43 -24.30 -15.49 -0.97
C PHE A 43 -25.47 -15.21 -1.90
N ILE A 44 -26.45 -14.46 -1.39
CA ILE A 44 -27.64 -14.12 -2.18
C ILE A 44 -27.26 -13.31 -3.41
N GLU A 45 -26.15 -12.59 -3.32
CA GLU A 45 -25.69 -11.76 -4.43
C GLU A 45 -24.99 -12.62 -5.49
N ASP A 46 -24.45 -13.76 -5.06
CA ASP A 46 -23.76 -14.66 -5.98
C ASP A 46 -24.65 -15.02 -7.16
N LEU A 47 -25.96 -15.00 -6.93
CA LEU A 47 -26.92 -15.32 -7.99
C LEU A 47 -26.81 -14.33 -9.14
N LEU A 48 -26.63 -13.06 -8.80
CA LEU A 48 -26.51 -12.01 -9.81
C LEU A 48 -25.09 -11.96 -10.38
N PHE A 49 -24.13 -12.41 -9.59
CA PHE A 49 -22.73 -12.42 -10.01
C PHE A 49 -22.54 -13.26 -11.27
N ASN A 50 -23.43 -14.24 -11.45
CA ASN A 50 -23.37 -15.11 -12.61
C ASN A 50 -24.21 -14.56 -13.76
N LYS A 51 -24.78 -13.39 -13.54
CA LYS A 51 -25.61 -12.74 -14.56
C LYS A 51 -25.16 -11.30 -14.81
N VAL A 52 -23.84 -11.09 -14.77
CA VAL A 52 -23.29 -9.77 -14.98
C VAL A 52 -22.93 -9.55 -16.44
N THR A 53 -23.70 -8.70 -17.12
CA THR A 53 -23.46 -8.42 -18.53
C THR A 53 -22.31 -7.43 -18.71
N LEU A 54 -22.07 -6.62 -17.68
CA LEU A 54 -20.99 -5.64 -17.72
C LEU A 54 -19.70 -6.24 -17.21
N ALA A 55 -19.72 -7.52 -16.91
CA ALA A 55 -18.54 -8.22 -16.41
C ALA A 55 -17.35 -8.00 -17.34
N ASP A 56 -17.63 -7.81 -18.62
CA ASP A 56 -16.58 -7.59 -19.61
C ASP A 56 -15.70 -6.41 -19.22
N ALA A 57 -16.33 -5.36 -18.70
CA ALA A 57 -15.60 -4.17 -18.27
C ALA A 57 -14.55 -4.50 -17.22
N GLY A 58 -14.80 -5.56 -16.46
CA GLY A 58 -13.88 -5.97 -15.43
C GLY A 58 -12.46 -6.14 -15.96
N PHE A 59 -12.34 -6.51 -17.23
CA PHE A 59 -11.04 -6.71 -17.85
C PHE A 59 -10.18 -5.46 -17.71
N MET A 60 -10.82 -4.30 -17.69
CA MET A 60 -10.12 -3.03 -17.57
C MET A 60 -9.65 -2.81 -16.14
N LYS A 61 -10.45 -3.27 -15.18
CA LYS A 61 -10.12 -3.12 -13.76
C LYS A 61 -8.82 -3.85 -13.43
N GLN A 62 -8.57 -4.94 -14.14
CA GLN A 62 -7.35 -5.73 -13.91
C GLN A 62 -6.12 -4.86 -14.02
N TYR A 63 -6.10 -3.98 -15.02
CA TYR A 63 -4.97 -3.08 -15.23
C TYR A 63 -4.63 -2.31 -13.96
N GLY A 64 -5.67 -1.90 -13.24
CA GLY A 64 -5.48 -1.15 -12.01
C GLY A 64 -5.12 0.30 -12.27
N GLU A 65 -5.95 0.99 -13.03
CA GLU A 65 -5.72 2.39 -13.35
C GLU A 65 -7.04 3.15 -13.47
N PRO A 1 20.92 26.00 10.59
CA PRO A 1 21.05 24.62 11.08
C PRO A 1 20.49 23.60 10.09
N ARG A 2 20.59 22.32 10.44
CA ARG A 2 20.11 21.26 9.58
C ARG A 2 20.87 21.22 8.26
N ASN A 3 21.80 20.28 8.15
CA ASN A 3 22.61 20.14 6.94
C ASN A 3 21.83 19.42 5.85
N THR A 4 22.20 19.69 4.60
CA THR A 4 21.54 19.07 3.45
C THR A 4 21.89 17.59 3.35
N ARG A 5 23.06 17.23 3.89
CA ARG A 5 23.52 15.85 3.85
C ARG A 5 22.46 14.91 4.41
N GLU A 6 21.77 15.36 5.45
CA GLU A 6 20.73 14.56 6.08
C GLU A 6 21.26 13.17 6.46
N VAL A 7 22.30 13.15 7.28
CA VAL A 7 22.90 11.89 7.72
C VAL A 7 21.85 10.93 8.24
N PHE A 8 20.81 11.48 8.87
CA PHE A 8 19.73 10.66 9.41
C PHE A 8 19.14 9.74 8.35
N ALA A 9 19.11 10.23 7.11
CA ALA A 9 18.58 9.44 6.00
C ALA A 9 19.32 8.12 5.86
N GLN A 10 20.55 8.08 6.35
CA GLN A 10 21.37 6.88 6.28
C GLN A 10 20.67 5.70 6.95
N VAL A 11 19.77 6.00 7.87
CA VAL A 11 19.02 4.98 8.59
C VAL A 11 18.34 4.02 7.61
N LYS A 12 17.91 4.55 6.47
CA LYS A 12 17.24 3.74 5.45
C LYS A 12 18.26 2.99 4.60
N GLN A 13 19.49 3.50 4.56
CA GLN A 13 20.55 2.88 3.78
C GLN A 13 20.71 1.41 4.17
N MET A 14 20.63 1.12 5.47
CA MET A 14 20.76 -0.24 5.95
C MET A 14 20.47 -0.31 7.45
N TYR A 15 20.01 -1.46 7.91
CA TYR A 15 19.69 -1.66 9.32
C TYR A 15 20.33 -2.94 9.85
N LYS A 16 21.64 -3.02 9.77
CA LYS A 16 22.37 -4.19 10.24
C LYS A 16 22.31 -4.29 11.76
N THR A 17 21.11 -4.48 12.29
CA THR A 17 20.92 -4.60 13.73
C THR A 17 21.68 -3.51 14.47
N PRO A 18 21.54 -2.26 14.01
CA PRO A 18 22.21 -1.11 14.63
C PRO A 18 21.65 -0.78 16.01
N THR A 19 22.54 -0.47 16.94
CA THR A 19 22.14 -0.12 18.30
C THR A 19 21.38 1.20 18.34
N LEU A 20 21.56 2.00 17.30
CA LEU A 20 20.89 3.29 17.20
C LEU A 20 19.42 3.13 16.84
N LYS A 21 18.64 2.58 17.77
CA LYS A 21 17.21 2.36 17.54
C LYS A 21 16.41 3.60 17.93
N TYR A 22 16.97 4.40 18.82
CA TYR A 22 16.30 5.62 19.28
C TYR A 22 15.86 6.48 18.11
N PHE A 23 16.62 6.41 17.02
CA PHE A 23 16.30 7.18 15.81
C PHE A 23 15.08 6.60 15.10
N GLY A 24 14.97 5.27 15.11
CA GLY A 24 13.85 4.62 14.46
C GLY A 24 12.55 4.81 15.22
N GLY A 25 11.49 5.13 14.49
CA GLY A 25 10.19 5.33 15.12
C GLY A 25 9.03 5.09 14.17
N PHE A 26 8.07 4.30 14.60
CA PHE A 26 6.91 3.98 13.78
C PHE A 26 5.62 4.40 14.47
N ASN A 27 4.54 4.51 13.70
CA ASN A 27 3.24 4.90 14.25
C ASN A 27 2.48 3.68 14.76
N PHE A 28 1.84 3.82 15.91
CA PHE A 28 1.08 2.74 16.50
C PHE A 28 -0.11 2.36 15.62
N SER A 29 -0.57 3.32 14.83
CA SER A 29 -1.71 3.09 13.94
C SER A 29 -1.25 2.46 12.62
N GLN A 30 0.07 2.45 12.41
CA GLN A 30 0.64 1.87 11.20
C GLN A 30 1.13 0.45 11.45
N ILE A 31 1.04 0.01 12.70
CA ILE A 31 1.47 -1.33 13.06
C ILE A 31 0.30 -2.17 13.56
N LEU A 32 -0.90 -1.81 13.13
CA LEU A 32 -2.11 -2.53 13.52
C LEU A 32 -2.67 -3.34 12.35
N PRO A 33 -3.47 -4.36 12.67
CA PRO A 33 -4.09 -5.22 11.66
C PRO A 33 -5.18 -4.50 10.87
N SER A 34 -5.71 -3.44 11.44
CA SER A 34 -6.75 -2.65 10.79
C SER A 34 -7.85 -3.57 10.24
N PRO A 35 -8.60 -4.19 11.15
CA PRO A 35 -9.70 -5.10 10.79
C PRO A 35 -10.88 -4.36 10.18
N LEU A 36 -10.89 -3.05 10.32
CA LEU A 36 -11.97 -2.23 9.78
C LEU A 36 -12.07 -2.41 8.26
N LYS A 37 -13.03 -3.22 7.83
CA LYS A 37 -13.24 -3.48 6.42
C LYS A 37 -14.73 -3.69 6.12
N PRO A 38 -15.50 -2.60 6.16
CA PRO A 38 -16.95 -2.65 5.90
C PRO A 38 -17.25 -2.94 4.43
N THR A 39 -17.72 -4.15 4.15
CA THR A 39 -18.05 -4.56 2.79
C THR A 39 -19.46 -4.12 2.43
N LYS A 40 -20.13 -3.43 3.34
CA LYS A 40 -21.49 -2.95 3.12
C LYS A 40 -21.58 -2.18 1.81
N ARG A 41 -20.48 -1.51 1.44
CA ARG A 41 -20.44 -0.73 0.21
C ARG A 41 -19.72 -1.51 -0.89
N SER A 42 -18.74 -2.31 -0.51
CA SER A 42 -17.98 -3.10 -1.47
C SER A 42 -17.40 -2.22 -2.56
N PHE A 43 -16.46 -1.36 -2.19
CA PHE A 43 -15.83 -0.45 -3.15
C PHE A 43 -14.79 -1.19 -3.99
N ILE A 44 -14.23 -2.25 -3.43
CA ILE A 44 -13.22 -3.05 -4.14
C ILE A 44 -13.74 -3.52 -5.49
N GLU A 45 -15.07 -3.67 -5.59
CA GLU A 45 -15.69 -4.11 -6.82
C GLU A 45 -15.34 -3.18 -7.98
N ASP A 46 -15.13 -1.92 -7.67
CA ASP A 46 -14.78 -0.92 -8.68
C ASP A 46 -13.48 -1.28 -9.37
N LEU A 47 -12.42 -1.44 -8.58
CA LEU A 47 -11.10 -1.78 -9.12
C LEU A 47 -11.07 -3.23 -9.59
N LEU A 48 -11.93 -4.06 -9.00
CA LEU A 48 -12.00 -5.47 -9.37
C LEU A 48 -12.32 -5.63 -10.85
N PHE A 49 -13.29 -4.85 -11.32
CA PHE A 49 -13.70 -4.91 -12.72
C PHE A 49 -12.62 -4.32 -13.63
N ASN A 50 -11.96 -3.27 -13.16
CA ASN A 50 -10.90 -2.62 -13.92
C ASN A 50 -9.73 -3.57 -14.13
N LYS A 51 -9.56 -4.51 -13.21
CA LYS A 51 -8.47 -5.47 -13.30
C LYS A 51 -9.01 -6.91 -13.23
N VAL A 52 -10.18 -7.12 -13.81
CA VAL A 52 -10.80 -8.44 -13.82
C VAL A 52 -10.25 -9.30 -14.94
N THR A 53 -10.44 -10.61 -14.82
CA THR A 53 -9.96 -11.55 -15.83
C THR A 53 -10.85 -11.54 -17.06
N LEU A 54 -12.14 -11.31 -16.85
CA LEU A 54 -13.11 -11.27 -17.94
C LEU A 54 -13.10 -9.91 -18.63
N ALA A 55 -12.19 -9.04 -18.20
CA ALA A 55 -12.07 -7.71 -18.77
C ALA A 55 -11.99 -7.77 -20.29
N ASP A 56 -11.27 -8.76 -20.81
CA ASP A 56 -11.11 -8.93 -22.25
C ASP A 56 -12.22 -9.80 -22.81
N ALA A 57 -12.77 -10.68 -21.96
CA ALA A 57 -13.84 -11.58 -22.38
C ALA A 57 -15.06 -10.79 -22.83
N GLY A 58 -15.13 -9.53 -22.44
CA GLY A 58 -16.26 -8.70 -22.82
C GLY A 58 -16.31 -8.43 -24.31
N PHE A 59 -15.21 -8.70 -25.00
CA PHE A 59 -15.13 -8.50 -26.44
C PHE A 59 -16.25 -9.23 -27.16
N MET A 60 -16.74 -10.31 -26.54
CA MET A 60 -17.82 -11.09 -27.12
C MET A 60 -19.01 -10.21 -27.50
N LYS A 61 -19.18 -9.12 -26.77
CA LYS A 61 -20.28 -8.19 -27.02
C LYS A 61 -20.27 -7.73 -28.48
N GLN A 62 -19.08 -7.69 -29.08
CA GLN A 62 -18.94 -7.27 -30.47
C GLN A 62 -19.63 -8.26 -31.41
N TYR A 63 -19.31 -9.54 -31.23
CA TYR A 63 -19.89 -10.59 -32.05
C TYR A 63 -21.41 -10.50 -32.05
N GLY A 64 -21.99 -10.27 -30.88
CA GLY A 64 -23.44 -10.17 -30.77
C GLY A 64 -23.90 -10.13 -29.33
N GLU A 65 -25.21 -10.02 -29.13
CA GLU A 65 -25.78 -9.95 -27.79
C GLU A 65 -26.49 -11.26 -27.44
#